data_1IJ9
# 
_entry.id   1IJ9 
# 
_audit_conform.dict_name       mmcif_pdbx.dic 
_audit_conform.dict_version    5.398 
_audit_conform.dict_location   http://mmcif.pdb.org/dictionaries/ascii/mmcif_pdbx.dic 
# 
loop_
_database_2.database_id 
_database_2.database_code 
_database_2.pdbx_database_accession 
_database_2.pdbx_DOI 
PDB   1IJ9         pdb_00001ij9 10.2210/pdb1ij9/pdb 
RCSB  RCSB013325   ?            ?                   
WWPDB D_1000013325 ?            ?                   
# 
loop_
_pdbx_audit_revision_history.ordinal 
_pdbx_audit_revision_history.data_content_type 
_pdbx_audit_revision_history.major_revision 
_pdbx_audit_revision_history.minor_revision 
_pdbx_audit_revision_history.revision_date 
1 'Structure model' 1 0 2001-05-02 
2 'Structure model' 1 1 2008-04-27 
3 'Structure model' 1 2 2011-07-13 
4 'Structure model' 1 3 2023-08-16 
5 'Structure model' 1 4 2024-10-30 
# 
_pdbx_audit_revision_details.ordinal             1 
_pdbx_audit_revision_details.revision_ordinal    1 
_pdbx_audit_revision_details.data_content_type   'Structure model' 
_pdbx_audit_revision_details.provider            repository 
_pdbx_audit_revision_details.type                'Initial release' 
_pdbx_audit_revision_details.description         ? 
_pdbx_audit_revision_details.details             ? 
# 
loop_
_pdbx_audit_revision_group.ordinal 
_pdbx_audit_revision_group.revision_ordinal 
_pdbx_audit_revision_group.data_content_type 
_pdbx_audit_revision_group.group 
1 2 'Structure model' 'Version format compliance' 
2 3 'Structure model' 'Version format compliance' 
3 4 'Structure model' 'Data collection'           
4 4 'Structure model' 'Database references'       
5 4 'Structure model' 'Refinement description'    
6 5 'Structure model' 'Structure summary'         
# 
loop_
_pdbx_audit_revision_category.ordinal 
_pdbx_audit_revision_category.revision_ordinal 
_pdbx_audit_revision_category.data_content_type 
_pdbx_audit_revision_category.category 
1 4 'Structure model' chem_comp_atom                
2 4 'Structure model' chem_comp_bond                
3 4 'Structure model' database_2                    
4 4 'Structure model' pdbx_initial_refinement_model 
5 5 'Structure model' pdbx_entry_details            
6 5 'Structure model' pdbx_modification_feature     
# 
loop_
_pdbx_audit_revision_item.ordinal 
_pdbx_audit_revision_item.revision_ordinal 
_pdbx_audit_revision_item.data_content_type 
_pdbx_audit_revision_item.item 
1 4 'Structure model' '_database_2.pdbx_DOI'                
2 4 'Structure model' '_database_2.pdbx_database_accession' 
# 
_pdbx_database_status.status_code                     REL 
_pdbx_database_status.entry_id                        1IJ9 
_pdbx_database_status.recvd_initial_deposition_date   2001-04-25 
_pdbx_database_status.deposit_site                    RCSB 
_pdbx_database_status.process_site                    RCSB 
_pdbx_database_status.SG_entry                        . 
_pdbx_database_status.pdb_format_compatible           Y 
_pdbx_database_status.status_code_mr                  ? 
_pdbx_database_status.status_code_sf                  ? 
_pdbx_database_status.status_code_cs                  ? 
_pdbx_database_status.status_code_nmr_data            ? 
_pdbx_database_status.methods_development_category    ? 
# 
loop_
_audit_author.name 
_audit_author.pdbx_ordinal 
'Taylor, P.'       1 
'Bilsland, M.'     2 
'Walkinshaw, M.D.' 3 
# 
_citation.id                        primary 
_citation.title                     
'A new conformation of the integrin-binding fragment of human VCAM-1 crystallizes in a highly hydrated packing arrangement.' 
_citation.journal_abbrev            'Acta Crystallogr.,Sect.D' 
_citation.journal_volume            57 
_citation.page_first                1579 
_citation.page_last                 1583 
_citation.year                      2001 
_citation.journal_id_ASTM           ABCRE6 
_citation.country                   DK 
_citation.journal_id_ISSN           0907-4449 
_citation.journal_id_CSD            0766 
_citation.book_publisher            ? 
_citation.pdbx_database_id_PubMed   11679722 
_citation.pdbx_database_id_DOI      10.1107/S0907444901011209 
# 
loop_
_citation_author.citation_id 
_citation_author.name 
_citation_author.ordinal 
_citation_author.identifier_ORCID 
primary 'Taylor, P.'       1 ? 
primary 'Bilsland, M.'     2 ? 
primary 'Walkinshaw, M.D.' 3 ? 
# 
loop_
_entity.id 
_entity.type 
_entity.src_method 
_entity.pdbx_description 
_entity.formula_weight 
_entity.pdbx_number_of_molecules 
_entity.pdbx_ec 
_entity.pdbx_mutation 
_entity.pdbx_fragment 
_entity.details 
1 polymer man 'VASCULAR CELL ADHESION PROTEIN 1' 21893.834 1  ? ? 'VCAM-D1,D2 (INTEGRIN BINDING FRAGMENT)' ? 
2 water   nat water                              18.015    50 ? ? ?                                        ? 
# 
_entity_name_com.entity_id   1 
_entity_name_com.name        VCAM-1 
# 
_entity_poly.entity_id                      1 
_entity_poly.type                           'polypeptide(L)' 
_entity_poly.nstd_linkage                   no 
_entity_poly.nstd_monomer                   no 
_entity_poly.pdbx_seq_one_letter_code       
;FKIETTPESRYLAQIGDSVSLTCSTTGCESPFFSWRTQIDSPLNGKVTNEGTTSTLTMNPVSFGNEHSYLCTATCESRKL
EKGIQVEIYSFPKDPEIHLSGPLEAGKPITVKCSVADVYPFDRLEIDLLKGDHLMKSQEFLEDADRKSLETKSLEVTFTP
VIEDIGKVLVCRAKLHIDEMDSVPTVRQAVKELQVY
;
_entity_poly.pdbx_seq_one_letter_code_can   
;FKIETTPESRYLAQIGDSVSLTCSTTGCESPFFSWRTQIDSPLNGKVTNEGTTSTLTMNPVSFGNEHSYLCTATCESRKL
EKGIQVEIYSFPKDPEIHLSGPLEAGKPITVKCSVADVYPFDRLEIDLLKGDHLMKSQEFLEDADRKSLETKSLEVTFTP
VIEDIGKVLVCRAKLHIDEMDSVPTVRQAVKELQVY
;
_entity_poly.pdbx_strand_id                 A 
_entity_poly.pdbx_target_identifier         ? 
# 
_pdbx_entity_nonpoly.entity_id   2 
_pdbx_entity_nonpoly.name        water 
_pdbx_entity_nonpoly.comp_id     HOH 
# 
loop_
_entity_poly_seq.entity_id 
_entity_poly_seq.num 
_entity_poly_seq.mon_id 
_entity_poly_seq.hetero 
1 1   PHE n 
1 2   LYS n 
1 3   ILE n 
1 4   GLU n 
1 5   THR n 
1 6   THR n 
1 7   PRO n 
1 8   GLU n 
1 9   SER n 
1 10  ARG n 
1 11  TYR n 
1 12  LEU n 
1 13  ALA n 
1 14  GLN n 
1 15  ILE n 
1 16  GLY n 
1 17  ASP n 
1 18  SER n 
1 19  VAL n 
1 20  SER n 
1 21  LEU n 
1 22  THR n 
1 23  CYS n 
1 24  SER n 
1 25  THR n 
1 26  THR n 
1 27  GLY n 
1 28  CYS n 
1 29  GLU n 
1 30  SER n 
1 31  PRO n 
1 32  PHE n 
1 33  PHE n 
1 34  SER n 
1 35  TRP n 
1 36  ARG n 
1 37  THR n 
1 38  GLN n 
1 39  ILE n 
1 40  ASP n 
1 41  SER n 
1 42  PRO n 
1 43  LEU n 
1 44  ASN n 
1 45  GLY n 
1 46  LYS n 
1 47  VAL n 
1 48  THR n 
1 49  ASN n 
1 50  GLU n 
1 51  GLY n 
1 52  THR n 
1 53  THR n 
1 54  SER n 
1 55  THR n 
1 56  LEU n 
1 57  THR n 
1 58  MET n 
1 59  ASN n 
1 60  PRO n 
1 61  VAL n 
1 62  SER n 
1 63  PHE n 
1 64  GLY n 
1 65  ASN n 
1 66  GLU n 
1 67  HIS n 
1 68  SER n 
1 69  TYR n 
1 70  LEU n 
1 71  CYS n 
1 72  THR n 
1 73  ALA n 
1 74  THR n 
1 75  CYS n 
1 76  GLU n 
1 77  SER n 
1 78  ARG n 
1 79  LYS n 
1 80  LEU n 
1 81  GLU n 
1 82  LYS n 
1 83  GLY n 
1 84  ILE n 
1 85  GLN n 
1 86  VAL n 
1 87  GLU n 
1 88  ILE n 
1 89  TYR n 
1 90  SER n 
1 91  PHE n 
1 92  PRO n 
1 93  LYS n 
1 94  ASP n 
1 95  PRO n 
1 96  GLU n 
1 97  ILE n 
1 98  HIS n 
1 99  LEU n 
1 100 SER n 
1 101 GLY n 
1 102 PRO n 
1 103 LEU n 
1 104 GLU n 
1 105 ALA n 
1 106 GLY n 
1 107 LYS n 
1 108 PRO n 
1 109 ILE n 
1 110 THR n 
1 111 VAL n 
1 112 LYS n 
1 113 CYS n 
1 114 SER n 
1 115 VAL n 
1 116 ALA n 
1 117 ASP n 
1 118 VAL n 
1 119 TYR n 
1 120 PRO n 
1 121 PHE n 
1 122 ASP n 
1 123 ARG n 
1 124 LEU n 
1 125 GLU n 
1 126 ILE n 
1 127 ASP n 
1 128 LEU n 
1 129 LEU n 
1 130 LYS n 
1 131 GLY n 
1 132 ASP n 
1 133 HIS n 
1 134 LEU n 
1 135 MET n 
1 136 LYS n 
1 137 SER n 
1 138 GLN n 
1 139 GLU n 
1 140 PHE n 
1 141 LEU n 
1 142 GLU n 
1 143 ASP n 
1 144 ALA n 
1 145 ASP n 
1 146 ARG n 
1 147 LYS n 
1 148 SER n 
1 149 LEU n 
1 150 GLU n 
1 151 THR n 
1 152 LYS n 
1 153 SER n 
1 154 LEU n 
1 155 GLU n 
1 156 VAL n 
1 157 THR n 
1 158 PHE n 
1 159 THR n 
1 160 PRO n 
1 161 VAL n 
1 162 ILE n 
1 163 GLU n 
1 164 ASP n 
1 165 ILE n 
1 166 GLY n 
1 167 LYS n 
1 168 VAL n 
1 169 LEU n 
1 170 VAL n 
1 171 CYS n 
1 172 ARG n 
1 173 ALA n 
1 174 LYS n 
1 175 LEU n 
1 176 HIS n 
1 177 ILE n 
1 178 ASP n 
1 179 GLU n 
1 180 MET n 
1 181 ASP n 
1 182 SER n 
1 183 VAL n 
1 184 PRO n 
1 185 THR n 
1 186 VAL n 
1 187 ARG n 
1 188 GLN n 
1 189 ALA n 
1 190 VAL n 
1 191 LYS n 
1 192 GLU n 
1 193 LEU n 
1 194 GLN n 
1 195 VAL n 
1 196 TYR n 
# 
_entity_src_gen.entity_id                          1 
_entity_src_gen.pdbx_src_id                        1 
_entity_src_gen.pdbx_alt_source_flag               sample 
_entity_src_gen.pdbx_seq_type                      ? 
_entity_src_gen.pdbx_beg_seq_num                   ? 
_entity_src_gen.pdbx_end_seq_num                   ? 
_entity_src_gen.gene_src_common_name               human 
_entity_src_gen.gene_src_genus                     Homo 
_entity_src_gen.pdbx_gene_src_gene                 ? 
_entity_src_gen.gene_src_species                   ? 
_entity_src_gen.gene_src_strain                    ? 
_entity_src_gen.gene_src_tissue                    ? 
_entity_src_gen.gene_src_tissue_fraction           ? 
_entity_src_gen.gene_src_details                   ? 
_entity_src_gen.pdbx_gene_src_fragment             ? 
_entity_src_gen.pdbx_gene_src_scientific_name      'Homo sapiens' 
_entity_src_gen.pdbx_gene_src_ncbi_taxonomy_id     9606 
_entity_src_gen.pdbx_gene_src_variant              ? 
_entity_src_gen.pdbx_gene_src_cell_line            ? 
_entity_src_gen.pdbx_gene_src_atcc                 ? 
_entity_src_gen.pdbx_gene_src_organ                ? 
_entity_src_gen.pdbx_gene_src_organelle            ? 
_entity_src_gen.pdbx_gene_src_cell                 ? 
_entity_src_gen.pdbx_gene_src_cellular_location    ? 
_entity_src_gen.host_org_common_name               ? 
_entity_src_gen.pdbx_host_org_scientific_name      'Escherichia coli' 
_entity_src_gen.pdbx_host_org_ncbi_taxonomy_id     562 
_entity_src_gen.host_org_genus                     Escherichia 
_entity_src_gen.pdbx_host_org_gene                 ? 
_entity_src_gen.pdbx_host_org_organ                ? 
_entity_src_gen.host_org_species                   ? 
_entity_src_gen.pdbx_host_org_tissue               ? 
_entity_src_gen.pdbx_host_org_tissue_fraction      ? 
_entity_src_gen.pdbx_host_org_strain               ? 
_entity_src_gen.pdbx_host_org_variant              ? 
_entity_src_gen.pdbx_host_org_cell_line            ? 
_entity_src_gen.pdbx_host_org_atcc                 ? 
_entity_src_gen.pdbx_host_org_culture_collection   ? 
_entity_src_gen.pdbx_host_org_cell                 ? 
_entity_src_gen.pdbx_host_org_organelle            ? 
_entity_src_gen.pdbx_host_org_cellular_location    ? 
_entity_src_gen.pdbx_host_org_vector_type          ? 
_entity_src_gen.pdbx_host_org_vector               ? 
_entity_src_gen.host_org_details                   ? 
_entity_src_gen.expression_system_id               ? 
_entity_src_gen.plasmid_name                       ? 
_entity_src_gen.plasmid_details                    ? 
_entity_src_gen.pdbx_description                   ? 
# 
loop_
_chem_comp.id 
_chem_comp.type 
_chem_comp.mon_nstd_flag 
_chem_comp.name 
_chem_comp.pdbx_synonyms 
_chem_comp.formula 
_chem_comp.formula_weight 
ALA 'L-peptide linking' y ALANINE         ? 'C3 H7 N O2'     89.093  
ARG 'L-peptide linking' y ARGININE        ? 'C6 H15 N4 O2 1' 175.209 
ASN 'L-peptide linking' y ASPARAGINE      ? 'C4 H8 N2 O3'    132.118 
ASP 'L-peptide linking' y 'ASPARTIC ACID' ? 'C4 H7 N O4'     133.103 
CYS 'L-peptide linking' y CYSTEINE        ? 'C3 H7 N O2 S'   121.158 
GLN 'L-peptide linking' y GLUTAMINE       ? 'C5 H10 N2 O3'   146.144 
GLU 'L-peptide linking' y 'GLUTAMIC ACID' ? 'C5 H9 N O4'     147.129 
GLY 'peptide linking'   y GLYCINE         ? 'C2 H5 N O2'     75.067  
HIS 'L-peptide linking' y HISTIDINE       ? 'C6 H10 N3 O2 1' 156.162 
HOH non-polymer         . WATER           ? 'H2 O'           18.015  
ILE 'L-peptide linking' y ISOLEUCINE      ? 'C6 H13 N O2'    131.173 
LEU 'L-peptide linking' y LEUCINE         ? 'C6 H13 N O2'    131.173 
LYS 'L-peptide linking' y LYSINE          ? 'C6 H15 N2 O2 1' 147.195 
MET 'L-peptide linking' y METHIONINE      ? 'C5 H11 N O2 S'  149.211 
PHE 'L-peptide linking' y PHENYLALANINE   ? 'C9 H11 N O2'    165.189 
PRO 'L-peptide linking' y PROLINE         ? 'C5 H9 N O2'     115.130 
SER 'L-peptide linking' y SERINE          ? 'C3 H7 N O3'     105.093 
THR 'L-peptide linking' y THREONINE       ? 'C4 H9 N O3'     119.119 
TRP 'L-peptide linking' y TRYPTOPHAN      ? 'C11 H12 N2 O2'  204.225 
TYR 'L-peptide linking' y TYROSINE        ? 'C9 H11 N O3'    181.189 
VAL 'L-peptide linking' y VALINE          ? 'C5 H11 N O2'    117.146 
# 
loop_
_pdbx_poly_seq_scheme.asym_id 
_pdbx_poly_seq_scheme.entity_id 
_pdbx_poly_seq_scheme.seq_id 
_pdbx_poly_seq_scheme.mon_id 
_pdbx_poly_seq_scheme.ndb_seq_num 
_pdbx_poly_seq_scheme.pdb_seq_num 
_pdbx_poly_seq_scheme.auth_seq_num 
_pdbx_poly_seq_scheme.pdb_mon_id 
_pdbx_poly_seq_scheme.auth_mon_id 
_pdbx_poly_seq_scheme.pdb_strand_id 
_pdbx_poly_seq_scheme.pdb_ins_code 
_pdbx_poly_seq_scheme.hetero 
A 1 1   PHE 1   1   1   PHE PHE A . n 
A 1 2   LYS 2   2   2   LYS LYS A . n 
A 1 3   ILE 3   3   3   ILE ILE A . n 
A 1 4   GLU 4   4   4   GLU GLU A . n 
A 1 5   THR 5   5   5   THR THR A . n 
A 1 6   THR 6   6   6   THR THR A . n 
A 1 7   PRO 7   7   7   PRO PRO A . n 
A 1 8   GLU 8   8   8   GLU GLU A . n 
A 1 9   SER 9   9   9   SER SER A . n 
A 1 10  ARG 10  10  10  ARG ARG A . n 
A 1 11  TYR 11  11  11  TYR TYR A . n 
A 1 12  LEU 12  12  12  LEU LEU A . n 
A 1 13  ALA 13  13  13  ALA ALA A . n 
A 1 14  GLN 14  14  14  GLN GLN A . n 
A 1 15  ILE 15  15  15  ILE ILE A . n 
A 1 16  GLY 16  16  16  GLY GLY A . n 
A 1 17  ASP 17  17  17  ASP ASP A . n 
A 1 18  SER 18  18  18  SER SER A . n 
A 1 19  VAL 19  19  19  VAL VAL A . n 
A 1 20  SER 20  20  20  SER SER A . n 
A 1 21  LEU 21  21  21  LEU LEU A . n 
A 1 22  THR 22  22  22  THR THR A . n 
A 1 23  CYS 23  23  23  CYS CYS A . n 
A 1 24  SER 24  24  24  SER SER A . n 
A 1 25  THR 25  25  25  THR THR A . n 
A 1 26  THR 26  26  26  THR THR A . n 
A 1 27  GLY 27  27  27  GLY GLY A . n 
A 1 28  CYS 28  28  28  CYS CYS A . n 
A 1 29  GLU 29  29  29  GLU GLU A . n 
A 1 30  SER 30  30  30  SER SER A . n 
A 1 31  PRO 31  31  31  PRO PRO A . n 
A 1 32  PHE 32  32  32  PHE PHE A . n 
A 1 33  PHE 33  33  33  PHE PHE A . n 
A 1 34  SER 34  34  34  SER SER A . n 
A 1 35  TRP 35  35  35  TRP TRP A . n 
A 1 36  ARG 36  36  36  ARG ARG A . n 
A 1 37  THR 37  37  37  THR THR A . n 
A 1 38  GLN 38  38  38  GLN GLN A . n 
A 1 39  ILE 39  39  39  ILE ILE A . n 
A 1 40  ASP 40  40  40  ASP ASP A . n 
A 1 41  SER 41  41  41  SER SER A . n 
A 1 42  PRO 42  42  42  PRO PRO A . n 
A 1 43  LEU 43  43  43  LEU LEU A . n 
A 1 44  ASN 44  44  44  ASN ASN A . n 
A 1 45  GLY 45  45  45  GLY GLY A . n 
A 1 46  LYS 46  46  46  LYS LYS A . n 
A 1 47  VAL 47  47  47  VAL VAL A . n 
A 1 48  THR 48  48  48  THR THR A . n 
A 1 49  ASN 49  49  49  ASN ASN A . n 
A 1 50  GLU 50  50  50  GLU GLU A . n 
A 1 51  GLY 51  51  51  GLY GLY A . n 
A 1 52  THR 52  52  52  THR THR A . n 
A 1 53  THR 53  53  53  THR THR A . n 
A 1 54  SER 54  54  54  SER SER A . n 
A 1 55  THR 55  55  55  THR THR A . n 
A 1 56  LEU 56  56  56  LEU LEU A . n 
A 1 57  THR 57  57  57  THR THR A . n 
A 1 58  MET 58  58  58  MET MET A . n 
A 1 59  ASN 59  59  59  ASN ASN A . n 
A 1 60  PRO 60  60  60  PRO PRO A . n 
A 1 61  VAL 61  61  61  VAL VAL A . n 
A 1 62  SER 62  62  62  SER SER A . n 
A 1 63  PHE 63  63  63  PHE PHE A . n 
A 1 64  GLY 64  64  64  GLY GLY A . n 
A 1 65  ASN 65  65  65  ASN ASN A . n 
A 1 66  GLU 66  66  66  GLU GLU A . n 
A 1 67  HIS 67  67  67  HIS HIS A . n 
A 1 68  SER 68  68  68  SER SER A . n 
A 1 69  TYR 69  69  69  TYR TYR A . n 
A 1 70  LEU 70  70  70  LEU LEU A . n 
A 1 71  CYS 71  71  71  CYS CYS A . n 
A 1 72  THR 72  72  72  THR THR A . n 
A 1 73  ALA 73  73  73  ALA ALA A . n 
A 1 74  THR 74  74  74  THR THR A . n 
A 1 75  CYS 75  75  75  CYS CYS A . n 
A 1 76  GLU 76  76  76  GLU GLU A . n 
A 1 77  SER 77  77  77  SER SER A . n 
A 1 78  ARG 78  78  78  ARG ARG A . n 
A 1 79  LYS 79  79  79  LYS LYS A . n 
A 1 80  LEU 80  80  80  LEU LEU A . n 
A 1 81  GLU 81  81  81  GLU GLU A . n 
A 1 82  LYS 82  82  82  LYS LYS A . n 
A 1 83  GLY 83  83  83  GLY GLY A . n 
A 1 84  ILE 84  84  84  ILE ILE A . n 
A 1 85  GLN 85  85  85  GLN GLN A . n 
A 1 86  VAL 86  86  86  VAL VAL A . n 
A 1 87  GLU 87  87  87  GLU GLU A . n 
A 1 88  ILE 88  88  88  ILE ILE A . n 
A 1 89  TYR 89  89  89  TYR TYR A . n 
A 1 90  SER 90  90  90  SER SER A . n 
A 1 91  PHE 91  91  91  PHE PHE A . n 
A 1 92  PRO 92  92  92  PRO PRO A . n 
A 1 93  LYS 93  93  93  LYS LYS A . n 
A 1 94  ASP 94  94  94  ASP ASP A . n 
A 1 95  PRO 95  95  95  PRO PRO A . n 
A 1 96  GLU 96  96  96  GLU GLU A . n 
A 1 97  ILE 97  97  97  ILE ILE A . n 
A 1 98  HIS 98  98  98  HIS HIS A . n 
A 1 99  LEU 99  99  99  LEU LEU A . n 
A 1 100 SER 100 100 100 SER SER A . n 
A 1 101 GLY 101 101 101 GLY GLY A . n 
A 1 102 PRO 102 102 102 PRO PRO A . n 
A 1 103 LEU 103 103 103 LEU LEU A . n 
A 1 104 GLU 104 104 104 GLU GLU A . n 
A 1 105 ALA 105 105 105 ALA ALA A . n 
A 1 106 GLY 106 106 106 GLY GLY A . n 
A 1 107 LYS 107 107 107 LYS LYS A . n 
A 1 108 PRO 108 108 108 PRO PRO A . n 
A 1 109 ILE 109 109 109 ILE ILE A . n 
A 1 110 THR 110 110 110 THR THR A . n 
A 1 111 VAL 111 111 111 VAL VAL A . n 
A 1 112 LYS 112 112 112 LYS LYS A . n 
A 1 113 CYS 113 113 113 CYS CYS A . n 
A 1 114 SER 114 114 114 SER SER A . n 
A 1 115 VAL 115 115 115 VAL VAL A . n 
A 1 116 ALA 116 116 116 ALA ALA A . n 
A 1 117 ASP 117 117 117 ASP ASP A . n 
A 1 118 VAL 118 118 118 VAL VAL A . n 
A 1 119 TYR 119 119 119 TYR TYR A . n 
A 1 120 PRO 120 120 120 PRO PRO A . n 
A 1 121 PHE 121 121 121 PHE PHE A . n 
A 1 122 ASP 122 122 122 ASP ASP A . n 
A 1 123 ARG 123 123 123 ARG ARG A . n 
A 1 124 LEU 124 124 124 LEU LEU A . n 
A 1 125 GLU 125 125 125 GLU GLU A . n 
A 1 126 ILE 126 126 126 ILE ILE A . n 
A 1 127 ASP 127 127 127 ASP ASP A . n 
A 1 128 LEU 128 128 128 LEU LEU A . n 
A 1 129 LEU 129 129 129 LEU LEU A . n 
A 1 130 LYS 130 130 130 LYS LYS A . n 
A 1 131 GLY 131 131 131 GLY GLY A . n 
A 1 132 ASP 132 132 132 ASP ASP A . n 
A 1 133 HIS 133 133 133 HIS HIS A . n 
A 1 134 LEU 134 134 134 LEU LEU A . n 
A 1 135 MET 135 135 135 MET MET A . n 
A 1 136 LYS 136 136 136 LYS LYS A . n 
A 1 137 SER 137 137 137 SER SER A . n 
A 1 138 GLN 138 138 138 GLN GLN A . n 
A 1 139 GLU 139 139 139 GLU GLU A . n 
A 1 140 PHE 140 140 140 PHE PHE A . n 
A 1 141 LEU 141 141 141 LEU LEU A . n 
A 1 142 GLU 142 142 142 GLU GLU A . n 
A 1 143 ASP 143 143 143 ASP ASP A . n 
A 1 144 ALA 144 144 144 ALA ALA A . n 
A 1 145 ASP 145 145 145 ASP ASP A . n 
A 1 146 ARG 146 146 146 ARG ARG A . n 
A 1 147 LYS 147 147 147 LYS LYS A . n 
A 1 148 SER 148 148 148 SER SER A . n 
A 1 149 LEU 149 149 149 LEU LEU A . n 
A 1 150 GLU 150 150 150 GLU GLU A . n 
A 1 151 THR 151 151 151 THR THR A . n 
A 1 152 LYS 152 152 152 LYS LYS A . n 
A 1 153 SER 153 153 153 SER SER A . n 
A 1 154 LEU 154 154 154 LEU LEU A . n 
A 1 155 GLU 155 155 155 GLU GLU A . n 
A 1 156 VAL 156 156 156 VAL VAL A . n 
A 1 157 THR 157 157 157 THR THR A . n 
A 1 158 PHE 158 158 158 PHE PHE A . n 
A 1 159 THR 159 159 159 THR THR A . n 
A 1 160 PRO 160 160 160 PRO PRO A . n 
A 1 161 VAL 161 161 161 VAL VAL A . n 
A 1 162 ILE 162 162 162 ILE ILE A . n 
A 1 163 GLU 163 163 163 GLU GLU A . n 
A 1 164 ASP 164 164 164 ASP ASP A . n 
A 1 165 ILE 165 165 165 ILE ILE A . n 
A 1 166 GLY 166 166 166 GLY GLY A . n 
A 1 167 LYS 167 167 167 LYS LYS A . n 
A 1 168 VAL 168 168 168 VAL VAL A . n 
A 1 169 LEU 169 169 169 LEU LEU A . n 
A 1 170 VAL 170 170 170 VAL VAL A . n 
A 1 171 CYS 171 171 171 CYS CYS A . n 
A 1 172 ARG 172 172 172 ARG ARG A . n 
A 1 173 ALA 173 173 173 ALA ALA A . n 
A 1 174 LYS 174 174 174 LYS LYS A . n 
A 1 175 LEU 175 175 175 LEU LEU A . n 
A 1 176 HIS 176 176 176 HIS HIS A . n 
A 1 177 ILE 177 177 177 ILE ILE A . n 
A 1 178 ASP 178 178 178 ASP ASP A . n 
A 1 179 GLU 179 179 179 GLU GLU A . n 
A 1 180 MET 180 180 180 MET MET A . n 
A 1 181 ASP 181 181 181 ASP ASP A . n 
A 1 182 SER 182 182 182 SER SER A . n 
A 1 183 VAL 183 183 183 VAL VAL A . n 
A 1 184 PRO 184 184 184 PRO PRO A . n 
A 1 185 THR 185 185 185 THR THR A . n 
A 1 186 VAL 186 186 186 VAL VAL A . n 
A 1 187 ARG 187 187 187 ARG ARG A . n 
A 1 188 GLN 188 188 188 GLN GLN A . n 
A 1 189 ALA 189 189 189 ALA ALA A . n 
A 1 190 VAL 190 190 190 VAL VAL A . n 
A 1 191 LYS 191 191 191 LYS LYS A . n 
A 1 192 GLU 192 192 192 GLU GLU A . n 
A 1 193 LEU 193 193 193 LEU LEU A . n 
A 1 194 GLN 194 194 194 GLN GLN A . n 
A 1 195 VAL 195 195 195 VAL VAL A . n 
A 1 196 TYR 196 196 196 TYR TYR A . n 
# 
loop_
_pdbx_nonpoly_scheme.asym_id 
_pdbx_nonpoly_scheme.entity_id 
_pdbx_nonpoly_scheme.mon_id 
_pdbx_nonpoly_scheme.ndb_seq_num 
_pdbx_nonpoly_scheme.pdb_seq_num 
_pdbx_nonpoly_scheme.auth_seq_num 
_pdbx_nonpoly_scheme.pdb_mon_id 
_pdbx_nonpoly_scheme.auth_mon_id 
_pdbx_nonpoly_scheme.pdb_strand_id 
_pdbx_nonpoly_scheme.pdb_ins_code 
B 2 HOH 1  197 1  HOH HOH A . 
B 2 HOH 2  198 2  HOH HOH A . 
B 2 HOH 3  199 3  HOH HOH A . 
B 2 HOH 4  200 4  HOH HOH A . 
B 2 HOH 5  201 5  HOH HOH A . 
B 2 HOH 6  202 6  HOH HOH A . 
B 2 HOH 7  203 7  HOH HOH A . 
B 2 HOH 8  204 8  HOH HOH A . 
B 2 HOH 9  205 9  HOH HOH A . 
B 2 HOH 10 206 10 HOH HOH A . 
B 2 HOH 11 207 11 HOH HOH A . 
B 2 HOH 12 208 12 HOH HOH A . 
B 2 HOH 13 209 13 HOH HOH A . 
B 2 HOH 14 210 14 HOH HOH A . 
B 2 HOH 15 211 15 HOH HOH A . 
B 2 HOH 16 212 16 HOH HOH A . 
B 2 HOH 17 213 17 HOH HOH A . 
B 2 HOH 18 214 18 HOH HOH A . 
B 2 HOH 19 215 19 HOH HOH A . 
B 2 HOH 20 216 20 HOH HOH A . 
B 2 HOH 21 217 21 HOH HOH A . 
B 2 HOH 22 218 22 HOH HOH A . 
B 2 HOH 23 219 23 HOH HOH A . 
B 2 HOH 24 220 24 HOH HOH A . 
B 2 HOH 25 221 25 HOH HOH A . 
B 2 HOH 26 222 26 HOH HOH A . 
B 2 HOH 27 223 27 HOH HOH A . 
B 2 HOH 28 224 28 HOH HOH A . 
B 2 HOH 29 225 29 HOH HOH A . 
B 2 HOH 30 226 30 HOH HOH A . 
B 2 HOH 31 227 31 HOH HOH A . 
B 2 HOH 32 228 32 HOH HOH A . 
B 2 HOH 33 229 33 HOH HOH A . 
B 2 HOH 34 230 34 HOH HOH A . 
B 2 HOH 35 231 35 HOH HOH A . 
B 2 HOH 36 232 36 HOH HOH A . 
B 2 HOH 37 233 37 HOH HOH A . 
B 2 HOH 38 234 38 HOH HOH A . 
B 2 HOH 39 235 39 HOH HOH A . 
B 2 HOH 40 236 40 HOH HOH A . 
B 2 HOH 41 237 41 HOH HOH A . 
B 2 HOH 42 238 42 HOH HOH A . 
B 2 HOH 43 239 43 HOH HOH A . 
B 2 HOH 44 240 44 HOH HOH A . 
B 2 HOH 45 241 45 HOH HOH A . 
B 2 HOH 46 242 46 HOH HOH A . 
B 2 HOH 47 243 47 HOH HOH A . 
B 2 HOH 48 244 48 HOH HOH A . 
B 2 HOH 49 245 49 HOH HOH A . 
B 2 HOH 50 246 50 HOH HOH A . 
# 
loop_
_software.name 
_software.classification 
_software.version 
_software.citation_id 
_software.pdbx_ordinal 
DENZO     'data reduction' . ? 1 
SCALEPACK 'data scaling'   . ? 2 
AMoRE     phasing          . ? 3 
X-PLOR    refinement       . ? 4 
# 
_cell.entry_id           1IJ9 
_cell.length_a           152.939 
_cell.length_b           152.939 
_cell.length_c           45.976 
_cell.angle_alpha        90.00 
_cell.angle_beta         90.00 
_cell.angle_gamma        120.00 
_cell.Z_PDB              6 
_cell.pdbx_unique_axis   ? 
# 
_symmetry.entry_id                         1IJ9 
_symmetry.space_group_name_H-M             'P 31 2 1' 
_symmetry.pdbx_full_space_group_name_H-M   ? 
_symmetry.cell_setting                     ? 
_symmetry.Int_Tables_number                152 
# 
_exptl.entry_id          1IJ9 
_exptl.method            'X-RAY DIFFRACTION' 
_exptl.crystals_number   1 
# 
_exptl_crystal.id                    1 
_exptl_crystal.density_meas          ? 
_exptl_crystal.density_Matthews      7.09 
_exptl_crystal.density_percent_sol   82.65 
_exptl_crystal.description           ? 
# 
_exptl_crystal_grow.crystal_id      1 
_exptl_crystal_grow.method          'VAPOR DIFFUSION, HANGING DROP' 
_exptl_crystal_grow.temp            293 
_exptl_crystal_grow.temp_details    ? 
_exptl_crystal_grow.pH              7.5 
_exptl_crystal_grow.pdbx_details    'Hepes, Tris, Ammonium Sulphate, pH 7.5, VAPOR DIFFUSION, HANGING DROP, temperature 293K' 
_exptl_crystal_grow.pdbx_pH_range   ? 
# 
_diffrn.id                     1 
_diffrn.ambient_temp           293 
_diffrn.ambient_temp_details   ? 
_diffrn.crystal_id             1 
# 
_diffrn_detector.diffrn_id              1 
_diffrn_detector.detector               'IMAGE PLATE' 
_diffrn_detector.type                   MARRESEARCH 
_diffrn_detector.pdbx_collection_date   1995-12-11 
_diffrn_detector.details                ? 
# 
_diffrn_radiation.diffrn_id                        1 
_diffrn_radiation.wavelength_id                    1 
_diffrn_radiation.pdbx_monochromatic_or_laue_m_l   M 
_diffrn_radiation.monochromator                    GRAPHITE 
_diffrn_radiation.pdbx_diffrn_protocol             'SINGLE WAVELENGTH' 
_diffrn_radiation.pdbx_scattering_type             x-ray 
# 
loop_
_diffrn_radiation_wavelength.id 
_diffrn_radiation_wavelength.wavelength 
_diffrn_radiation_wavelength.wt 
1 1.54   1.0 
2 1.5418 1.0 
# 
_diffrn_source.diffrn_id                   1 
_diffrn_source.source                      'ROTATING ANODE' 
_diffrn_source.type                        'ENRAF-NONIUS FR571' 
_diffrn_source.pdbx_synchrotron_site       ? 
_diffrn_source.pdbx_synchrotron_beamline   ? 
_diffrn_source.pdbx_wavelength             1.54 
_diffrn_source.pdbx_wavelength_list        1.5418 
# 
_reflns.entry_id                     1IJ9 
_reflns.observed_criterion_sigma_I   ? 
_reflns.observed_criterion_sigma_F   ? 
_reflns.d_resolution_low             24.0 
_reflns.d_resolution_high            3.0 
_reflns.number_obs                   183518 
_reflns.number_all                   183518 
_reflns.percent_possible_obs         99.9 
_reflns.pdbx_Rmerge_I_obs            0.115 
_reflns.pdbx_Rsym_value              ? 
_reflns.pdbx_netI_over_sigmaI        19.59 
_reflns.B_iso_Wilson_estimate        63.0 
_reflns.pdbx_redundancy              9.44 
_reflns.R_free_details               ? 
_reflns.limit_h_max                  ? 
_reflns.limit_h_min                  ? 
_reflns.limit_k_max                  ? 
_reflns.limit_k_min                  ? 
_reflns.limit_l_max                  ? 
_reflns.limit_l_min                  ? 
_reflns.observed_criterion_F_max     ? 
_reflns.observed_criterion_F_min     ? 
_reflns.pdbx_diffrn_id               1 
_reflns.pdbx_ordinal                 1 
# 
_reflns_shell.d_res_high             3.00 
_reflns_shell.d_res_low              3.05 
_reflns_shell.percent_possible_all   100.0 
_reflns_shell.Rmerge_I_obs           0.596 
_reflns_shell.pdbx_Rsym_value        ? 
_reflns_shell.meanI_over_sigI_obs    5.14 
_reflns_shell.pdbx_redundancy        9.26 
_reflns_shell.percent_possible_obs   ? 
_reflns_shell.number_unique_all      ? 
_reflns_shell.pdbx_diffrn_id         ? 
_reflns_shell.pdbx_ordinal           1 
# 
_refine.entry_id                                 1IJ9 
_refine.ls_number_reflns_obs                     12530 
_refine.ls_number_reflns_all                     12530 
_refine.pdbx_ls_sigma_I                          ? 
_refine.pdbx_ls_sigma_F                          ? 
_refine.pdbx_data_cutoff_high_absF               ? 
_refine.pdbx_data_cutoff_low_absF                ? 
_refine.ls_d_res_low                             24.00 
_refine.ls_d_res_high                            3.00 
_refine.ls_percent_reflns_obs                    ? 
_refine.ls_R_factor_obs                          0.208 
_refine.ls_R_factor_all                          0.208 
_refine.ls_R_factor_R_work                       0.208 
_refine.ls_R_factor_R_free                       0.238 
_refine.ls_R_factor_R_free_error                 ? 
_refine.ls_R_factor_R_free_error_details         ? 
_refine.ls_percent_reflns_R_free                 ? 
_refine.ls_number_reflns_R_free                  1293 
_refine.ls_number_parameters                     ? 
_refine.ls_number_restraints                     ? 
_refine.occupancy_min                            ? 
_refine.occupancy_max                            ? 
_refine.B_iso_mean                               ? 
_refine.aniso_B[1][1]                            ? 
_refine.aniso_B[2][2]                            ? 
_refine.aniso_B[3][3]                            ? 
_refine.aniso_B[1][2]                            ? 
_refine.aniso_B[1][3]                            ? 
_refine.aniso_B[2][3]                            ? 
_refine.solvent_model_details                    ? 
_refine.solvent_model_param_ksol                 ? 
_refine.solvent_model_param_bsol                 ? 
_refine.pdbx_ls_cross_valid_method               'FREE R' 
_refine.details                                  ? 
_refine.pdbx_starting_model                      1vca 
_refine.pdbx_method_to_determine_struct          'MOLECULAR REPLACEMENT' 
_refine.pdbx_isotropic_thermal_model             ? 
_refine.pdbx_stereochemistry_target_values       'Engh & Huber' 
_refine.pdbx_stereochem_target_val_spec_case     ? 
_refine.pdbx_R_Free_selection_details            RANDOM 
_refine.pdbx_overall_ESU_R_Free                  ? 
_refine.overall_SU_B                             ? 
_refine.ls_redundancy_reflns_obs                 ? 
_refine.B_iso_min                                ? 
_refine.B_iso_max                                ? 
_refine.correlation_coeff_Fo_to_Fc               ? 
_refine.correlation_coeff_Fo_to_Fc_free          ? 
_refine.overall_SU_R_Cruickshank_DPI             ? 
_refine.overall_SU_R_free                        ? 
_refine.overall_SU_ML                            ? 
_refine.pdbx_overall_ESU_R                       ? 
_refine.pdbx_data_cutoff_high_rms_absF           ? 
_refine.pdbx_refine_id                           'X-RAY DIFFRACTION' 
_refine.pdbx_diffrn_id                           1 
_refine.pdbx_TLS_residual_ADP_flag               ? 
_refine.pdbx_solvent_vdw_probe_radii             ? 
_refine.pdbx_solvent_ion_probe_radii             ? 
_refine.pdbx_solvent_shrinkage_radii             ? 
_refine.pdbx_overall_phase_error                 ? 
_refine.pdbx_overall_SU_R_free_Cruickshank_DPI   ? 
_refine.pdbx_overall_SU_R_Blow_DPI               ? 
_refine.pdbx_overall_SU_R_free_Blow_DPI          ? 
# 
_refine_hist.pdbx_refine_id                   'X-RAY DIFFRACTION' 
_refine_hist.cycle_id                         LAST 
_refine_hist.pdbx_number_atoms_protein        1533 
_refine_hist.pdbx_number_atoms_nucleic_acid   0 
_refine_hist.pdbx_number_atoms_ligand         0 
_refine_hist.number_atoms_solvent             50 
_refine_hist.number_atoms_total               1583 
_refine_hist.d_res_high                       3.00 
_refine_hist.d_res_low                        24.00 
# 
loop_
_refine_ls_restr.type 
_refine_ls_restr.dev_ideal 
_refine_ls_restr.dev_ideal_target 
_refine_ls_restr.weight 
_refine_ls_restr.number 
_refine_ls_restr.pdbx_refine_id 
_refine_ls_restr.pdbx_restraint_function 
x_bond_d           0.006  ? ? ? 'X-RAY DIFFRACTION' ? 
x_angle_deg        1.311  ? ? ? 'X-RAY DIFFRACTION' ? 
x_dihedral_angle_d 28.713 ? ? ? 'X-RAY DIFFRACTION' ? 
x_improper_angle_d 1.058  ? ? ? 'X-RAY DIFFRACTION' ? 
# 
_struct.entry_id                  1IJ9 
_struct.title                     'Highly Hydrated Human VCAM-1 Fragment' 
_struct.pdbx_model_details        ? 
_struct.pdbx_CASP_flag            ? 
_struct.pdbx_model_type_details   ? 
# 
_struct_keywords.entry_id        1IJ9 
_struct_keywords.pdbx_keywords   'CELL ADHESION' 
_struct_keywords.text            'integrin solvation, CELL ADHESION' 
# 
loop_
_struct_asym.id 
_struct_asym.pdbx_blank_PDB_chainid_flag 
_struct_asym.pdbx_modified 
_struct_asym.entity_id 
_struct_asym.details 
A N N 1 ? 
B N N 2 ? 
# 
_struct_ref.id                         1 
_struct_ref.db_name                    UNP 
_struct_ref.db_code                    VCAM1_HUMAN 
_struct_ref.entity_id                  1 
_struct_ref.pdbx_seq_one_letter_code   
;FKIETTPESRYLAQIGDSVSLTCSTTGCESPFFSWRTQIDSPLNGKVTNEGTTSTLTMNPVSFGNEHSYLCTATCESRKL
EKGIQVEIYSFPKDPEIHLSGPLEAGKPITVKCSVADVYPFDRLEIDLLKGDHLMKSQEFLEDADRKSLETKSLEVTFTP
VIEDIGKVLVCRAKLHIDEMDSVPTVRQAVKELQVY
;
_struct_ref.pdbx_align_begin           25 
_struct_ref.pdbx_db_accession          P19320 
_struct_ref.pdbx_db_isoform            ? 
# 
_struct_ref_seq.align_id                      1 
_struct_ref_seq.ref_id                        1 
_struct_ref_seq.pdbx_PDB_id_code              1IJ9 
_struct_ref_seq.pdbx_strand_id                A 
_struct_ref_seq.seq_align_beg                 1 
_struct_ref_seq.pdbx_seq_align_beg_ins_code   ? 
_struct_ref_seq.seq_align_end                 196 
_struct_ref_seq.pdbx_seq_align_end_ins_code   ? 
_struct_ref_seq.pdbx_db_accession             P19320 
_struct_ref_seq.db_align_beg                  25 
_struct_ref_seq.pdbx_db_align_beg_ins_code    ? 
_struct_ref_seq.db_align_end                  220 
_struct_ref_seq.pdbx_db_align_end_ins_code    ? 
_struct_ref_seq.pdbx_auth_seq_align_beg       1 
_struct_ref_seq.pdbx_auth_seq_align_end       196 
# 
_pdbx_struct_assembly.id                   1 
_pdbx_struct_assembly.details              author_defined_assembly 
_pdbx_struct_assembly.method_details       ? 
_pdbx_struct_assembly.oligomeric_details   monomeric 
_pdbx_struct_assembly.oligomeric_count     1 
# 
_pdbx_struct_assembly_gen.assembly_id       1 
_pdbx_struct_assembly_gen.oper_expression   1 
_pdbx_struct_assembly_gen.asym_id_list      A,B 
# 
_pdbx_struct_oper_list.id                   1 
_pdbx_struct_oper_list.type                 'identity operation' 
_pdbx_struct_oper_list.name                 1_555 
_pdbx_struct_oper_list.symmetry_operation   x,y,z 
_pdbx_struct_oper_list.matrix[1][1]         1.0000000000 
_pdbx_struct_oper_list.matrix[1][2]         0.0000000000 
_pdbx_struct_oper_list.matrix[1][3]         0.0000000000 
_pdbx_struct_oper_list.vector[1]            0.0000000000 
_pdbx_struct_oper_list.matrix[2][1]         0.0000000000 
_pdbx_struct_oper_list.matrix[2][2]         1.0000000000 
_pdbx_struct_oper_list.matrix[2][3]         0.0000000000 
_pdbx_struct_oper_list.vector[2]            0.0000000000 
_pdbx_struct_oper_list.matrix[3][1]         0.0000000000 
_pdbx_struct_oper_list.matrix[3][2]         0.0000000000 
_pdbx_struct_oper_list.matrix[3][3]         1.0000000000 
_pdbx_struct_oper_list.vector[3]            0.0000000000 
# 
_struct_biol.id                    1 
_struct_biol.pdbx_parent_biol_id   ? 
_struct_biol.details               ? 
# 
loop_
_struct_conf.conf_type_id 
_struct_conf.id 
_struct_conf.pdbx_PDB_helix_id 
_struct_conf.beg_label_comp_id 
_struct_conf.beg_label_asym_id 
_struct_conf.beg_label_seq_id 
_struct_conf.pdbx_beg_PDB_ins_code 
_struct_conf.end_label_comp_id 
_struct_conf.end_label_asym_id 
_struct_conf.end_label_seq_id 
_struct_conf.pdbx_end_PDB_ins_code 
_struct_conf.beg_auth_comp_id 
_struct_conf.beg_auth_asym_id 
_struct_conf.beg_auth_seq_id 
_struct_conf.end_auth_comp_id 
_struct_conf.end_auth_asym_id 
_struct_conf.end_auth_seq_id 
_struct_conf.pdbx_PDB_helix_class 
_struct_conf.details 
_struct_conf.pdbx_PDB_helix_length 
HELX_P HELX_P1 1 SER A 62  ? GLU A 66  ? SER A 62  GLU A 66  5 ? 5 
HELX_P HELX_P2 2 PRO A 120 ? ASP A 122 ? PRO A 120 ASP A 122 5 ? 3 
HELX_P HELX_P3 3 VAL A 161 ? ILE A 165 ? VAL A 161 ILE A 165 5 ? 5 
# 
_struct_conf_type.id          HELX_P 
_struct_conf_type.criteria    ? 
_struct_conf_type.reference   ? 
# 
loop_
_struct_conn.id 
_struct_conn.conn_type_id 
_struct_conn.pdbx_leaving_atom_flag 
_struct_conn.pdbx_PDB_id 
_struct_conn.ptnr1_label_asym_id 
_struct_conn.ptnr1_label_comp_id 
_struct_conn.ptnr1_label_seq_id 
_struct_conn.ptnr1_label_atom_id 
_struct_conn.pdbx_ptnr1_label_alt_id 
_struct_conn.pdbx_ptnr1_PDB_ins_code 
_struct_conn.pdbx_ptnr1_standard_comp_id 
_struct_conn.ptnr1_symmetry 
_struct_conn.ptnr2_label_asym_id 
_struct_conn.ptnr2_label_comp_id 
_struct_conn.ptnr2_label_seq_id 
_struct_conn.ptnr2_label_atom_id 
_struct_conn.pdbx_ptnr2_label_alt_id 
_struct_conn.pdbx_ptnr2_PDB_ins_code 
_struct_conn.ptnr1_auth_asym_id 
_struct_conn.ptnr1_auth_comp_id 
_struct_conn.ptnr1_auth_seq_id 
_struct_conn.ptnr2_auth_asym_id 
_struct_conn.ptnr2_auth_comp_id 
_struct_conn.ptnr2_auth_seq_id 
_struct_conn.ptnr2_symmetry 
_struct_conn.pdbx_ptnr3_label_atom_id 
_struct_conn.pdbx_ptnr3_label_seq_id 
_struct_conn.pdbx_ptnr3_label_comp_id 
_struct_conn.pdbx_ptnr3_label_asym_id 
_struct_conn.pdbx_ptnr3_label_alt_id 
_struct_conn.pdbx_ptnr3_PDB_ins_code 
_struct_conn.details 
_struct_conn.pdbx_dist_value 
_struct_conn.pdbx_value_order 
_struct_conn.pdbx_role 
disulf1 disulf ? ? A CYS 23  SG ? ? ? 1_555 A CYS 71  SG ? ? A CYS 23  A CYS 71  1_555 ? ? ? ? ? ? ? 2.030 ? ? 
disulf2 disulf ? ? A CYS 28  SG ? ? ? 1_555 A CYS 75  SG ? ? A CYS 28  A CYS 75  1_555 ? ? ? ? ? ? ? 2.029 ? ? 
disulf3 disulf ? ? A CYS 113 SG ? ? ? 1_555 A CYS 171 SG ? ? A CYS 113 A CYS 171 1_555 ? ? ? ? ? ? ? 2.019 ? ? 
# 
_struct_conn_type.id          disulf 
_struct_conn_type.criteria    ? 
_struct_conn_type.reference   ? 
# 
loop_
_pdbx_modification_feature.ordinal 
_pdbx_modification_feature.label_comp_id 
_pdbx_modification_feature.label_asym_id 
_pdbx_modification_feature.label_seq_id 
_pdbx_modification_feature.label_alt_id 
_pdbx_modification_feature.modified_residue_label_comp_id 
_pdbx_modification_feature.modified_residue_label_asym_id 
_pdbx_modification_feature.modified_residue_label_seq_id 
_pdbx_modification_feature.modified_residue_label_alt_id 
_pdbx_modification_feature.auth_comp_id 
_pdbx_modification_feature.auth_asym_id 
_pdbx_modification_feature.auth_seq_id 
_pdbx_modification_feature.PDB_ins_code 
_pdbx_modification_feature.symmetry 
_pdbx_modification_feature.modified_residue_auth_comp_id 
_pdbx_modification_feature.modified_residue_auth_asym_id 
_pdbx_modification_feature.modified_residue_auth_seq_id 
_pdbx_modification_feature.modified_residue_PDB_ins_code 
_pdbx_modification_feature.modified_residue_symmetry 
_pdbx_modification_feature.comp_id_linking_atom 
_pdbx_modification_feature.modified_residue_id_linking_atom 
_pdbx_modification_feature.modified_residue_id 
_pdbx_modification_feature.ref_pcm_id 
_pdbx_modification_feature.ref_comp_id 
_pdbx_modification_feature.type 
_pdbx_modification_feature.category 
1 CYS A 23  ? CYS A 71  ? CYS A 23  ? 1_555 CYS A 71  ? 1_555 SG SG . . . None 'Disulfide bridge' 
2 CYS A 28  ? CYS A 75  ? CYS A 28  ? 1_555 CYS A 75  ? 1_555 SG SG . . . None 'Disulfide bridge' 
3 CYS A 113 ? CYS A 171 ? CYS A 113 ? 1_555 CYS A 171 ? 1_555 SG SG . . . None 'Disulfide bridge' 
# 
loop_
_struct_mon_prot_cis.pdbx_id 
_struct_mon_prot_cis.label_comp_id 
_struct_mon_prot_cis.label_seq_id 
_struct_mon_prot_cis.label_asym_id 
_struct_mon_prot_cis.label_alt_id 
_struct_mon_prot_cis.pdbx_PDB_ins_code 
_struct_mon_prot_cis.auth_comp_id 
_struct_mon_prot_cis.auth_seq_id 
_struct_mon_prot_cis.auth_asym_id 
_struct_mon_prot_cis.pdbx_label_comp_id_2 
_struct_mon_prot_cis.pdbx_label_seq_id_2 
_struct_mon_prot_cis.pdbx_label_asym_id_2 
_struct_mon_prot_cis.pdbx_PDB_ins_code_2 
_struct_mon_prot_cis.pdbx_auth_comp_id_2 
_struct_mon_prot_cis.pdbx_auth_seq_id_2 
_struct_mon_prot_cis.pdbx_auth_asym_id_2 
_struct_mon_prot_cis.pdbx_PDB_model_num 
_struct_mon_prot_cis.pdbx_omega_angle 
1 THR 6   A . ? THR 6   A PRO 7   A ? PRO 7   A 1 0.18  
2 ASN 59  A . ? ASN 59  A PRO 60  A ? PRO 60  A 1 0.02  
3 TYR 119 A . ? TYR 119 A PRO 120 A ? PRO 120 A 1 -0.11 
# 
loop_
_struct_sheet.id 
_struct_sheet.type 
_struct_sheet.number_strands 
_struct_sheet.details 
A ? 4 ? 
B ? 4 ? 
C ? 3 ? 
D ? 4 ? 
# 
loop_
_struct_sheet_order.sheet_id 
_struct_sheet_order.range_id_1 
_struct_sheet_order.range_id_2 
_struct_sheet_order.offset 
_struct_sheet_order.sense 
A 1 2 ? anti-parallel 
A 2 3 ? anti-parallel 
A 3 4 ? anti-parallel 
B 1 2 ? parallel      
B 2 3 ? anti-parallel 
B 3 4 ? anti-parallel 
C 1 2 ? anti-parallel 
C 2 3 ? anti-parallel 
D 1 2 ? anti-parallel 
D 2 3 ? anti-parallel 
D 3 4 ? anti-parallel 
# 
loop_
_struct_sheet_range.sheet_id 
_struct_sheet_range.id 
_struct_sheet_range.beg_label_comp_id 
_struct_sheet_range.beg_label_asym_id 
_struct_sheet_range.beg_label_seq_id 
_struct_sheet_range.pdbx_beg_PDB_ins_code 
_struct_sheet_range.end_label_comp_id 
_struct_sheet_range.end_label_asym_id 
_struct_sheet_range.end_label_seq_id 
_struct_sheet_range.pdbx_end_PDB_ins_code 
_struct_sheet_range.beg_auth_comp_id 
_struct_sheet_range.beg_auth_asym_id 
_struct_sheet_range.beg_auth_seq_id 
_struct_sheet_range.end_auth_comp_id 
_struct_sheet_range.end_auth_asym_id 
_struct_sheet_range.end_auth_seq_id 
A 1 LYS A 2   ? THR A 6   ? LYS A 2   THR A 6   
A 2 VAL A 19  ? THR A 26  ? VAL A 19  THR A 26  
A 3 THR A 53  ? MET A 58  ? THR A 53  MET A 58  
A 4 LYS A 46  ? GLU A 50  ? LYS A 46  GLU A 50  
B 1 ARG A 10  ? GLN A 14  ? ARG A 10  GLN A 14  
B 2 ARG A 78  ? TYR A 89  ? ARG A 78  TYR A 89  
B 3 SER A 68  ? CYS A 75  ? SER A 68  CYS A 75  
B 4 PHE A 32  ? THR A 37  ? PHE A 32  THR A 37  
C 1 GLU A 96  ? LEU A 99  ? GLU A 96  LEU A 99  
C 2 ILE A 109 ? VAL A 118 ? ILE A 109 VAL A 118 
C 3 GLU A 150 ? PHE A 158 ? GLU A 150 PHE A 158 
D 1 HIS A 133 ? GLU A 139 ? HIS A 133 GLU A 139 
D 2 LEU A 124 ? LYS A 130 ? LEU A 124 LYS A 130 
D 3 VAL A 168 ? LEU A 175 ? VAL A 168 LEU A 175 
D 4 VAL A 186 ? GLU A 192 ? VAL A 186 GLU A 192 
# 
loop_
_pdbx_struct_sheet_hbond.sheet_id 
_pdbx_struct_sheet_hbond.range_id_1 
_pdbx_struct_sheet_hbond.range_id_2 
_pdbx_struct_sheet_hbond.range_1_label_atom_id 
_pdbx_struct_sheet_hbond.range_1_label_comp_id 
_pdbx_struct_sheet_hbond.range_1_label_asym_id 
_pdbx_struct_sheet_hbond.range_1_label_seq_id 
_pdbx_struct_sheet_hbond.range_1_PDB_ins_code 
_pdbx_struct_sheet_hbond.range_1_auth_atom_id 
_pdbx_struct_sheet_hbond.range_1_auth_comp_id 
_pdbx_struct_sheet_hbond.range_1_auth_asym_id 
_pdbx_struct_sheet_hbond.range_1_auth_seq_id 
_pdbx_struct_sheet_hbond.range_2_label_atom_id 
_pdbx_struct_sheet_hbond.range_2_label_comp_id 
_pdbx_struct_sheet_hbond.range_2_label_asym_id 
_pdbx_struct_sheet_hbond.range_2_label_seq_id 
_pdbx_struct_sheet_hbond.range_2_PDB_ins_code 
_pdbx_struct_sheet_hbond.range_2_auth_atom_id 
_pdbx_struct_sheet_hbond.range_2_auth_comp_id 
_pdbx_struct_sheet_hbond.range_2_auth_asym_id 
_pdbx_struct_sheet_hbond.range_2_auth_seq_id 
A 1 2 O THR A 6   ? O THR A 6   N THR A 22  ? N THR A 22  
A 2 3 O CYS A 23  ? O CYS A 23  N SER A 54  ? N SER A 54  
A 3 4 N THR A 57  ? N THR A 57  O LYS A 46  ? O LYS A 46  
B 1 2 N TYR A 11  ? N TYR A 11  O GLN A 85  ? O GLN A 85  
B 2 3 O ILE A 84  ? O ILE A 84  N TYR A 69  ? N TYR A 69  
B 3 4 O THR A 74  ? O THR A 74  N PHE A 32  ? N PHE A 32  
C 1 2 N HIS A 98  ? N HIS A 98  O LYS A 112 ? O LYS A 112 
C 2 3 N VAL A 118 ? N VAL A 118 O GLU A 150 ? O GLU A 150 
D 1 2 N GLN A 138 ? N GLN A 138 O ILE A 126 ? O ILE A 126 
D 2 3 O LEU A 129 ? O LEU A 129 N VAL A 170 ? N VAL A 170 
D 3 4 N ALA A 173 ? N ALA A 173 O ARG A 187 ? O ARG A 187 
# 
_pdbx_entry_details.entry_id                   1IJ9 
_pdbx_entry_details.compound_details           ? 
_pdbx_entry_details.source_details             ? 
_pdbx_entry_details.nonpolymer_details         ? 
_pdbx_entry_details.sequence_details           ? 
_pdbx_entry_details.has_ligand_of_interest     ? 
_pdbx_entry_details.has_protein_modification   Y 
# 
loop_
_pdbx_validate_torsion.id 
_pdbx_validate_torsion.PDB_model_num 
_pdbx_validate_torsion.auth_comp_id 
_pdbx_validate_torsion.auth_asym_id 
_pdbx_validate_torsion.auth_seq_id 
_pdbx_validate_torsion.PDB_ins_code 
_pdbx_validate_torsion.label_alt_id 
_pdbx_validate_torsion.phi 
_pdbx_validate_torsion.psi 
1  1 SER A 9   ? ? -146.93 -8.14   
2  1 ASP A 40  ? ? 63.42   82.17   
3  1 GLU A 76  ? ? 66.22   -97.98  
4  1 PHE A 91  ? ? -154.38 58.71   
5  1 ASP A 117 ? ? 47.42   70.64   
6  1 LEU A 141 ? ? -34.75  135.02  
7  1 GLU A 142 ? ? -46.18  88.05   
8  1 ASP A 143 ? ? 173.51  93.32   
9  1 ALA A 144 ? ? -81.32  -106.20 
10 1 ASP A 145 ? ? 168.79  -43.30  
11 1 GLU A 179 ? ? -24.08  140.04  
12 1 MET A 180 ? ? -101.16 61.73   
13 1 ASP A 181 ? ? 59.46   -89.97  
# 
loop_
_chem_comp_atom.comp_id 
_chem_comp_atom.atom_id 
_chem_comp_atom.type_symbol 
_chem_comp_atom.pdbx_aromatic_flag 
_chem_comp_atom.pdbx_stereo_config 
_chem_comp_atom.pdbx_ordinal 
ALA N    N N N 1   
ALA CA   C N S 2   
ALA C    C N N 3   
ALA O    O N N 4   
ALA CB   C N N 5   
ALA OXT  O N N 6   
ALA H    H N N 7   
ALA H2   H N N 8   
ALA HA   H N N 9   
ALA HB1  H N N 10  
ALA HB2  H N N 11  
ALA HB3  H N N 12  
ALA HXT  H N N 13  
ARG N    N N N 14  
ARG CA   C N S 15  
ARG C    C N N 16  
ARG O    O N N 17  
ARG CB   C N N 18  
ARG CG   C N N 19  
ARG CD   C N N 20  
ARG NE   N N N 21  
ARG CZ   C N N 22  
ARG NH1  N N N 23  
ARG NH2  N N N 24  
ARG OXT  O N N 25  
ARG H    H N N 26  
ARG H2   H N N 27  
ARG HA   H N N 28  
ARG HB2  H N N 29  
ARG HB3  H N N 30  
ARG HG2  H N N 31  
ARG HG3  H N N 32  
ARG HD2  H N N 33  
ARG HD3  H N N 34  
ARG HE   H N N 35  
ARG HH11 H N N 36  
ARG HH12 H N N 37  
ARG HH21 H N N 38  
ARG HH22 H N N 39  
ARG HXT  H N N 40  
ASN N    N N N 41  
ASN CA   C N S 42  
ASN C    C N N 43  
ASN O    O N N 44  
ASN CB   C N N 45  
ASN CG   C N N 46  
ASN OD1  O N N 47  
ASN ND2  N N N 48  
ASN OXT  O N N 49  
ASN H    H N N 50  
ASN H2   H N N 51  
ASN HA   H N N 52  
ASN HB2  H N N 53  
ASN HB3  H N N 54  
ASN HD21 H N N 55  
ASN HD22 H N N 56  
ASN HXT  H N N 57  
ASP N    N N N 58  
ASP CA   C N S 59  
ASP C    C N N 60  
ASP O    O N N 61  
ASP CB   C N N 62  
ASP CG   C N N 63  
ASP OD1  O N N 64  
ASP OD2  O N N 65  
ASP OXT  O N N 66  
ASP H    H N N 67  
ASP H2   H N N 68  
ASP HA   H N N 69  
ASP HB2  H N N 70  
ASP HB3  H N N 71  
ASP HD2  H N N 72  
ASP HXT  H N N 73  
CYS N    N N N 74  
CYS CA   C N R 75  
CYS C    C N N 76  
CYS O    O N N 77  
CYS CB   C N N 78  
CYS SG   S N N 79  
CYS OXT  O N N 80  
CYS H    H N N 81  
CYS H2   H N N 82  
CYS HA   H N N 83  
CYS HB2  H N N 84  
CYS HB3  H N N 85  
CYS HG   H N N 86  
CYS HXT  H N N 87  
GLN N    N N N 88  
GLN CA   C N S 89  
GLN C    C N N 90  
GLN O    O N N 91  
GLN CB   C N N 92  
GLN CG   C N N 93  
GLN CD   C N N 94  
GLN OE1  O N N 95  
GLN NE2  N N N 96  
GLN OXT  O N N 97  
GLN H    H N N 98  
GLN H2   H N N 99  
GLN HA   H N N 100 
GLN HB2  H N N 101 
GLN HB3  H N N 102 
GLN HG2  H N N 103 
GLN HG3  H N N 104 
GLN HE21 H N N 105 
GLN HE22 H N N 106 
GLN HXT  H N N 107 
GLU N    N N N 108 
GLU CA   C N S 109 
GLU C    C N N 110 
GLU O    O N N 111 
GLU CB   C N N 112 
GLU CG   C N N 113 
GLU CD   C N N 114 
GLU OE1  O N N 115 
GLU OE2  O N N 116 
GLU OXT  O N N 117 
GLU H    H N N 118 
GLU H2   H N N 119 
GLU HA   H N N 120 
GLU HB2  H N N 121 
GLU HB3  H N N 122 
GLU HG2  H N N 123 
GLU HG3  H N N 124 
GLU HE2  H N N 125 
GLU HXT  H N N 126 
GLY N    N N N 127 
GLY CA   C N N 128 
GLY C    C N N 129 
GLY O    O N N 130 
GLY OXT  O N N 131 
GLY H    H N N 132 
GLY H2   H N N 133 
GLY HA2  H N N 134 
GLY HA3  H N N 135 
GLY HXT  H N N 136 
HIS N    N N N 137 
HIS CA   C N S 138 
HIS C    C N N 139 
HIS O    O N N 140 
HIS CB   C N N 141 
HIS CG   C Y N 142 
HIS ND1  N Y N 143 
HIS CD2  C Y N 144 
HIS CE1  C Y N 145 
HIS NE2  N Y N 146 
HIS OXT  O N N 147 
HIS H    H N N 148 
HIS H2   H N N 149 
HIS HA   H N N 150 
HIS HB2  H N N 151 
HIS HB3  H N N 152 
HIS HD1  H N N 153 
HIS HD2  H N N 154 
HIS HE1  H N N 155 
HIS HE2  H N N 156 
HIS HXT  H N N 157 
HOH O    O N N 158 
HOH H1   H N N 159 
HOH H2   H N N 160 
ILE N    N N N 161 
ILE CA   C N S 162 
ILE C    C N N 163 
ILE O    O N N 164 
ILE CB   C N S 165 
ILE CG1  C N N 166 
ILE CG2  C N N 167 
ILE CD1  C N N 168 
ILE OXT  O N N 169 
ILE H    H N N 170 
ILE H2   H N N 171 
ILE HA   H N N 172 
ILE HB   H N N 173 
ILE HG12 H N N 174 
ILE HG13 H N N 175 
ILE HG21 H N N 176 
ILE HG22 H N N 177 
ILE HG23 H N N 178 
ILE HD11 H N N 179 
ILE HD12 H N N 180 
ILE HD13 H N N 181 
ILE HXT  H N N 182 
LEU N    N N N 183 
LEU CA   C N S 184 
LEU C    C N N 185 
LEU O    O N N 186 
LEU CB   C N N 187 
LEU CG   C N N 188 
LEU CD1  C N N 189 
LEU CD2  C N N 190 
LEU OXT  O N N 191 
LEU H    H N N 192 
LEU H2   H N N 193 
LEU HA   H N N 194 
LEU HB2  H N N 195 
LEU HB3  H N N 196 
LEU HG   H N N 197 
LEU HD11 H N N 198 
LEU HD12 H N N 199 
LEU HD13 H N N 200 
LEU HD21 H N N 201 
LEU HD22 H N N 202 
LEU HD23 H N N 203 
LEU HXT  H N N 204 
LYS N    N N N 205 
LYS CA   C N S 206 
LYS C    C N N 207 
LYS O    O N N 208 
LYS CB   C N N 209 
LYS CG   C N N 210 
LYS CD   C N N 211 
LYS CE   C N N 212 
LYS NZ   N N N 213 
LYS OXT  O N N 214 
LYS H    H N N 215 
LYS H2   H N N 216 
LYS HA   H N N 217 
LYS HB2  H N N 218 
LYS HB3  H N N 219 
LYS HG2  H N N 220 
LYS HG3  H N N 221 
LYS HD2  H N N 222 
LYS HD3  H N N 223 
LYS HE2  H N N 224 
LYS HE3  H N N 225 
LYS HZ1  H N N 226 
LYS HZ2  H N N 227 
LYS HZ3  H N N 228 
LYS HXT  H N N 229 
MET N    N N N 230 
MET CA   C N S 231 
MET C    C N N 232 
MET O    O N N 233 
MET CB   C N N 234 
MET CG   C N N 235 
MET SD   S N N 236 
MET CE   C N N 237 
MET OXT  O N N 238 
MET H    H N N 239 
MET H2   H N N 240 
MET HA   H N N 241 
MET HB2  H N N 242 
MET HB3  H N N 243 
MET HG2  H N N 244 
MET HG3  H N N 245 
MET HE1  H N N 246 
MET HE2  H N N 247 
MET HE3  H N N 248 
MET HXT  H N N 249 
PHE N    N N N 250 
PHE CA   C N S 251 
PHE C    C N N 252 
PHE O    O N N 253 
PHE CB   C N N 254 
PHE CG   C Y N 255 
PHE CD1  C Y N 256 
PHE CD2  C Y N 257 
PHE CE1  C Y N 258 
PHE CE2  C Y N 259 
PHE CZ   C Y N 260 
PHE OXT  O N N 261 
PHE H    H N N 262 
PHE H2   H N N 263 
PHE HA   H N N 264 
PHE HB2  H N N 265 
PHE HB3  H N N 266 
PHE HD1  H N N 267 
PHE HD2  H N N 268 
PHE HE1  H N N 269 
PHE HE2  H N N 270 
PHE HZ   H N N 271 
PHE HXT  H N N 272 
PRO N    N N N 273 
PRO CA   C N S 274 
PRO C    C N N 275 
PRO O    O N N 276 
PRO CB   C N N 277 
PRO CG   C N N 278 
PRO CD   C N N 279 
PRO OXT  O N N 280 
PRO H    H N N 281 
PRO HA   H N N 282 
PRO HB2  H N N 283 
PRO HB3  H N N 284 
PRO HG2  H N N 285 
PRO HG3  H N N 286 
PRO HD2  H N N 287 
PRO HD3  H N N 288 
PRO HXT  H N N 289 
SER N    N N N 290 
SER CA   C N S 291 
SER C    C N N 292 
SER O    O N N 293 
SER CB   C N N 294 
SER OG   O N N 295 
SER OXT  O N N 296 
SER H    H N N 297 
SER H2   H N N 298 
SER HA   H N N 299 
SER HB2  H N N 300 
SER HB3  H N N 301 
SER HG   H N N 302 
SER HXT  H N N 303 
THR N    N N N 304 
THR CA   C N S 305 
THR C    C N N 306 
THR O    O N N 307 
THR CB   C N R 308 
THR OG1  O N N 309 
THR CG2  C N N 310 
THR OXT  O N N 311 
THR H    H N N 312 
THR H2   H N N 313 
THR HA   H N N 314 
THR HB   H N N 315 
THR HG1  H N N 316 
THR HG21 H N N 317 
THR HG22 H N N 318 
THR HG23 H N N 319 
THR HXT  H N N 320 
TRP N    N N N 321 
TRP CA   C N S 322 
TRP C    C N N 323 
TRP O    O N N 324 
TRP CB   C N N 325 
TRP CG   C Y N 326 
TRP CD1  C Y N 327 
TRP CD2  C Y N 328 
TRP NE1  N Y N 329 
TRP CE2  C Y N 330 
TRP CE3  C Y N 331 
TRP CZ2  C Y N 332 
TRP CZ3  C Y N 333 
TRP CH2  C Y N 334 
TRP OXT  O N N 335 
TRP H    H N N 336 
TRP H2   H N N 337 
TRP HA   H N N 338 
TRP HB2  H N N 339 
TRP HB3  H N N 340 
TRP HD1  H N N 341 
TRP HE1  H N N 342 
TRP HE3  H N N 343 
TRP HZ2  H N N 344 
TRP HZ3  H N N 345 
TRP HH2  H N N 346 
TRP HXT  H N N 347 
TYR N    N N N 348 
TYR CA   C N S 349 
TYR C    C N N 350 
TYR O    O N N 351 
TYR CB   C N N 352 
TYR CG   C Y N 353 
TYR CD1  C Y N 354 
TYR CD2  C Y N 355 
TYR CE1  C Y N 356 
TYR CE2  C Y N 357 
TYR CZ   C Y N 358 
TYR OH   O N N 359 
TYR OXT  O N N 360 
TYR H    H N N 361 
TYR H2   H N N 362 
TYR HA   H N N 363 
TYR HB2  H N N 364 
TYR HB3  H N N 365 
TYR HD1  H N N 366 
TYR HD2  H N N 367 
TYR HE1  H N N 368 
TYR HE2  H N N 369 
TYR HH   H N N 370 
TYR HXT  H N N 371 
VAL N    N N N 372 
VAL CA   C N S 373 
VAL C    C N N 374 
VAL O    O N N 375 
VAL CB   C N N 376 
VAL CG1  C N N 377 
VAL CG2  C N N 378 
VAL OXT  O N N 379 
VAL H    H N N 380 
VAL H2   H N N 381 
VAL HA   H N N 382 
VAL HB   H N N 383 
VAL HG11 H N N 384 
VAL HG12 H N N 385 
VAL HG13 H N N 386 
VAL HG21 H N N 387 
VAL HG22 H N N 388 
VAL HG23 H N N 389 
VAL HXT  H N N 390 
# 
loop_
_chem_comp_bond.comp_id 
_chem_comp_bond.atom_id_1 
_chem_comp_bond.atom_id_2 
_chem_comp_bond.value_order 
_chem_comp_bond.pdbx_aromatic_flag 
_chem_comp_bond.pdbx_stereo_config 
_chem_comp_bond.pdbx_ordinal 
ALA N   CA   sing N N 1   
ALA N   H    sing N N 2   
ALA N   H2   sing N N 3   
ALA CA  C    sing N N 4   
ALA CA  CB   sing N N 5   
ALA CA  HA   sing N N 6   
ALA C   O    doub N N 7   
ALA C   OXT  sing N N 8   
ALA CB  HB1  sing N N 9   
ALA CB  HB2  sing N N 10  
ALA CB  HB3  sing N N 11  
ALA OXT HXT  sing N N 12  
ARG N   CA   sing N N 13  
ARG N   H    sing N N 14  
ARG N   H2   sing N N 15  
ARG CA  C    sing N N 16  
ARG CA  CB   sing N N 17  
ARG CA  HA   sing N N 18  
ARG C   O    doub N N 19  
ARG C   OXT  sing N N 20  
ARG CB  CG   sing N N 21  
ARG CB  HB2  sing N N 22  
ARG CB  HB3  sing N N 23  
ARG CG  CD   sing N N 24  
ARG CG  HG2  sing N N 25  
ARG CG  HG3  sing N N 26  
ARG CD  NE   sing N N 27  
ARG CD  HD2  sing N N 28  
ARG CD  HD3  sing N N 29  
ARG NE  CZ   sing N N 30  
ARG NE  HE   sing N N 31  
ARG CZ  NH1  sing N N 32  
ARG CZ  NH2  doub N N 33  
ARG NH1 HH11 sing N N 34  
ARG NH1 HH12 sing N N 35  
ARG NH2 HH21 sing N N 36  
ARG NH2 HH22 sing N N 37  
ARG OXT HXT  sing N N 38  
ASN N   CA   sing N N 39  
ASN N   H    sing N N 40  
ASN N   H2   sing N N 41  
ASN CA  C    sing N N 42  
ASN CA  CB   sing N N 43  
ASN CA  HA   sing N N 44  
ASN C   O    doub N N 45  
ASN C   OXT  sing N N 46  
ASN CB  CG   sing N N 47  
ASN CB  HB2  sing N N 48  
ASN CB  HB3  sing N N 49  
ASN CG  OD1  doub N N 50  
ASN CG  ND2  sing N N 51  
ASN ND2 HD21 sing N N 52  
ASN ND2 HD22 sing N N 53  
ASN OXT HXT  sing N N 54  
ASP N   CA   sing N N 55  
ASP N   H    sing N N 56  
ASP N   H2   sing N N 57  
ASP CA  C    sing N N 58  
ASP CA  CB   sing N N 59  
ASP CA  HA   sing N N 60  
ASP C   O    doub N N 61  
ASP C   OXT  sing N N 62  
ASP CB  CG   sing N N 63  
ASP CB  HB2  sing N N 64  
ASP CB  HB3  sing N N 65  
ASP CG  OD1  doub N N 66  
ASP CG  OD2  sing N N 67  
ASP OD2 HD2  sing N N 68  
ASP OXT HXT  sing N N 69  
CYS N   CA   sing N N 70  
CYS N   H    sing N N 71  
CYS N   H2   sing N N 72  
CYS CA  C    sing N N 73  
CYS CA  CB   sing N N 74  
CYS CA  HA   sing N N 75  
CYS C   O    doub N N 76  
CYS C   OXT  sing N N 77  
CYS CB  SG   sing N N 78  
CYS CB  HB2  sing N N 79  
CYS CB  HB3  sing N N 80  
CYS SG  HG   sing N N 81  
CYS OXT HXT  sing N N 82  
GLN N   CA   sing N N 83  
GLN N   H    sing N N 84  
GLN N   H2   sing N N 85  
GLN CA  C    sing N N 86  
GLN CA  CB   sing N N 87  
GLN CA  HA   sing N N 88  
GLN C   O    doub N N 89  
GLN C   OXT  sing N N 90  
GLN CB  CG   sing N N 91  
GLN CB  HB2  sing N N 92  
GLN CB  HB3  sing N N 93  
GLN CG  CD   sing N N 94  
GLN CG  HG2  sing N N 95  
GLN CG  HG3  sing N N 96  
GLN CD  OE1  doub N N 97  
GLN CD  NE2  sing N N 98  
GLN NE2 HE21 sing N N 99  
GLN NE2 HE22 sing N N 100 
GLN OXT HXT  sing N N 101 
GLU N   CA   sing N N 102 
GLU N   H    sing N N 103 
GLU N   H2   sing N N 104 
GLU CA  C    sing N N 105 
GLU CA  CB   sing N N 106 
GLU CA  HA   sing N N 107 
GLU C   O    doub N N 108 
GLU C   OXT  sing N N 109 
GLU CB  CG   sing N N 110 
GLU CB  HB2  sing N N 111 
GLU CB  HB3  sing N N 112 
GLU CG  CD   sing N N 113 
GLU CG  HG2  sing N N 114 
GLU CG  HG3  sing N N 115 
GLU CD  OE1  doub N N 116 
GLU CD  OE2  sing N N 117 
GLU OE2 HE2  sing N N 118 
GLU OXT HXT  sing N N 119 
GLY N   CA   sing N N 120 
GLY N   H    sing N N 121 
GLY N   H2   sing N N 122 
GLY CA  C    sing N N 123 
GLY CA  HA2  sing N N 124 
GLY CA  HA3  sing N N 125 
GLY C   O    doub N N 126 
GLY C   OXT  sing N N 127 
GLY OXT HXT  sing N N 128 
HIS N   CA   sing N N 129 
HIS N   H    sing N N 130 
HIS N   H2   sing N N 131 
HIS CA  C    sing N N 132 
HIS CA  CB   sing N N 133 
HIS CA  HA   sing N N 134 
HIS C   O    doub N N 135 
HIS C   OXT  sing N N 136 
HIS CB  CG   sing N N 137 
HIS CB  HB2  sing N N 138 
HIS CB  HB3  sing N N 139 
HIS CG  ND1  sing Y N 140 
HIS CG  CD2  doub Y N 141 
HIS ND1 CE1  doub Y N 142 
HIS ND1 HD1  sing N N 143 
HIS CD2 NE2  sing Y N 144 
HIS CD2 HD2  sing N N 145 
HIS CE1 NE2  sing Y N 146 
HIS CE1 HE1  sing N N 147 
HIS NE2 HE2  sing N N 148 
HIS OXT HXT  sing N N 149 
HOH O   H1   sing N N 150 
HOH O   H2   sing N N 151 
ILE N   CA   sing N N 152 
ILE N   H    sing N N 153 
ILE N   H2   sing N N 154 
ILE CA  C    sing N N 155 
ILE CA  CB   sing N N 156 
ILE CA  HA   sing N N 157 
ILE C   O    doub N N 158 
ILE C   OXT  sing N N 159 
ILE CB  CG1  sing N N 160 
ILE CB  CG2  sing N N 161 
ILE CB  HB   sing N N 162 
ILE CG1 CD1  sing N N 163 
ILE CG1 HG12 sing N N 164 
ILE CG1 HG13 sing N N 165 
ILE CG2 HG21 sing N N 166 
ILE CG2 HG22 sing N N 167 
ILE CG2 HG23 sing N N 168 
ILE CD1 HD11 sing N N 169 
ILE CD1 HD12 sing N N 170 
ILE CD1 HD13 sing N N 171 
ILE OXT HXT  sing N N 172 
LEU N   CA   sing N N 173 
LEU N   H    sing N N 174 
LEU N   H2   sing N N 175 
LEU CA  C    sing N N 176 
LEU CA  CB   sing N N 177 
LEU CA  HA   sing N N 178 
LEU C   O    doub N N 179 
LEU C   OXT  sing N N 180 
LEU CB  CG   sing N N 181 
LEU CB  HB2  sing N N 182 
LEU CB  HB3  sing N N 183 
LEU CG  CD1  sing N N 184 
LEU CG  CD2  sing N N 185 
LEU CG  HG   sing N N 186 
LEU CD1 HD11 sing N N 187 
LEU CD1 HD12 sing N N 188 
LEU CD1 HD13 sing N N 189 
LEU CD2 HD21 sing N N 190 
LEU CD2 HD22 sing N N 191 
LEU CD2 HD23 sing N N 192 
LEU OXT HXT  sing N N 193 
LYS N   CA   sing N N 194 
LYS N   H    sing N N 195 
LYS N   H2   sing N N 196 
LYS CA  C    sing N N 197 
LYS CA  CB   sing N N 198 
LYS CA  HA   sing N N 199 
LYS C   O    doub N N 200 
LYS C   OXT  sing N N 201 
LYS CB  CG   sing N N 202 
LYS CB  HB2  sing N N 203 
LYS CB  HB3  sing N N 204 
LYS CG  CD   sing N N 205 
LYS CG  HG2  sing N N 206 
LYS CG  HG3  sing N N 207 
LYS CD  CE   sing N N 208 
LYS CD  HD2  sing N N 209 
LYS CD  HD3  sing N N 210 
LYS CE  NZ   sing N N 211 
LYS CE  HE2  sing N N 212 
LYS CE  HE3  sing N N 213 
LYS NZ  HZ1  sing N N 214 
LYS NZ  HZ2  sing N N 215 
LYS NZ  HZ3  sing N N 216 
LYS OXT HXT  sing N N 217 
MET N   CA   sing N N 218 
MET N   H    sing N N 219 
MET N   H2   sing N N 220 
MET CA  C    sing N N 221 
MET CA  CB   sing N N 222 
MET CA  HA   sing N N 223 
MET C   O    doub N N 224 
MET C   OXT  sing N N 225 
MET CB  CG   sing N N 226 
MET CB  HB2  sing N N 227 
MET CB  HB3  sing N N 228 
MET CG  SD   sing N N 229 
MET CG  HG2  sing N N 230 
MET CG  HG3  sing N N 231 
MET SD  CE   sing N N 232 
MET CE  HE1  sing N N 233 
MET CE  HE2  sing N N 234 
MET CE  HE3  sing N N 235 
MET OXT HXT  sing N N 236 
PHE N   CA   sing N N 237 
PHE N   H    sing N N 238 
PHE N   H2   sing N N 239 
PHE CA  C    sing N N 240 
PHE CA  CB   sing N N 241 
PHE CA  HA   sing N N 242 
PHE C   O    doub N N 243 
PHE C   OXT  sing N N 244 
PHE CB  CG   sing N N 245 
PHE CB  HB2  sing N N 246 
PHE CB  HB3  sing N N 247 
PHE CG  CD1  doub Y N 248 
PHE CG  CD2  sing Y N 249 
PHE CD1 CE1  sing Y N 250 
PHE CD1 HD1  sing N N 251 
PHE CD2 CE2  doub Y N 252 
PHE CD2 HD2  sing N N 253 
PHE CE1 CZ   doub Y N 254 
PHE CE1 HE1  sing N N 255 
PHE CE2 CZ   sing Y N 256 
PHE CE2 HE2  sing N N 257 
PHE CZ  HZ   sing N N 258 
PHE OXT HXT  sing N N 259 
PRO N   CA   sing N N 260 
PRO N   CD   sing N N 261 
PRO N   H    sing N N 262 
PRO CA  C    sing N N 263 
PRO CA  CB   sing N N 264 
PRO CA  HA   sing N N 265 
PRO C   O    doub N N 266 
PRO C   OXT  sing N N 267 
PRO CB  CG   sing N N 268 
PRO CB  HB2  sing N N 269 
PRO CB  HB3  sing N N 270 
PRO CG  CD   sing N N 271 
PRO CG  HG2  sing N N 272 
PRO CG  HG3  sing N N 273 
PRO CD  HD2  sing N N 274 
PRO CD  HD3  sing N N 275 
PRO OXT HXT  sing N N 276 
SER N   CA   sing N N 277 
SER N   H    sing N N 278 
SER N   H2   sing N N 279 
SER CA  C    sing N N 280 
SER CA  CB   sing N N 281 
SER CA  HA   sing N N 282 
SER C   O    doub N N 283 
SER C   OXT  sing N N 284 
SER CB  OG   sing N N 285 
SER CB  HB2  sing N N 286 
SER CB  HB3  sing N N 287 
SER OG  HG   sing N N 288 
SER OXT HXT  sing N N 289 
THR N   CA   sing N N 290 
THR N   H    sing N N 291 
THR N   H2   sing N N 292 
THR CA  C    sing N N 293 
THR CA  CB   sing N N 294 
THR CA  HA   sing N N 295 
THR C   O    doub N N 296 
THR C   OXT  sing N N 297 
THR CB  OG1  sing N N 298 
THR CB  CG2  sing N N 299 
THR CB  HB   sing N N 300 
THR OG1 HG1  sing N N 301 
THR CG2 HG21 sing N N 302 
THR CG2 HG22 sing N N 303 
THR CG2 HG23 sing N N 304 
THR OXT HXT  sing N N 305 
TRP N   CA   sing N N 306 
TRP N   H    sing N N 307 
TRP N   H2   sing N N 308 
TRP CA  C    sing N N 309 
TRP CA  CB   sing N N 310 
TRP CA  HA   sing N N 311 
TRP C   O    doub N N 312 
TRP C   OXT  sing N N 313 
TRP CB  CG   sing N N 314 
TRP CB  HB2  sing N N 315 
TRP CB  HB3  sing N N 316 
TRP CG  CD1  doub Y N 317 
TRP CG  CD2  sing Y N 318 
TRP CD1 NE1  sing Y N 319 
TRP CD1 HD1  sing N N 320 
TRP CD2 CE2  doub Y N 321 
TRP CD2 CE3  sing Y N 322 
TRP NE1 CE2  sing Y N 323 
TRP NE1 HE1  sing N N 324 
TRP CE2 CZ2  sing Y N 325 
TRP CE3 CZ3  doub Y N 326 
TRP CE3 HE3  sing N N 327 
TRP CZ2 CH2  doub Y N 328 
TRP CZ2 HZ2  sing N N 329 
TRP CZ3 CH2  sing Y N 330 
TRP CZ3 HZ3  sing N N 331 
TRP CH2 HH2  sing N N 332 
TRP OXT HXT  sing N N 333 
TYR N   CA   sing N N 334 
TYR N   H    sing N N 335 
TYR N   H2   sing N N 336 
TYR CA  C    sing N N 337 
TYR CA  CB   sing N N 338 
TYR CA  HA   sing N N 339 
TYR C   O    doub N N 340 
TYR C   OXT  sing N N 341 
TYR CB  CG   sing N N 342 
TYR CB  HB2  sing N N 343 
TYR CB  HB3  sing N N 344 
TYR CG  CD1  doub Y N 345 
TYR CG  CD2  sing Y N 346 
TYR CD1 CE1  sing Y N 347 
TYR CD1 HD1  sing N N 348 
TYR CD2 CE2  doub Y N 349 
TYR CD2 HD2  sing N N 350 
TYR CE1 CZ   doub Y N 351 
TYR CE1 HE1  sing N N 352 
TYR CE2 CZ   sing Y N 353 
TYR CE2 HE2  sing N N 354 
TYR CZ  OH   sing N N 355 
TYR OH  HH   sing N N 356 
TYR OXT HXT  sing N N 357 
VAL N   CA   sing N N 358 
VAL N   H    sing N N 359 
VAL N   H2   sing N N 360 
VAL CA  C    sing N N 361 
VAL CA  CB   sing N N 362 
VAL CA  HA   sing N N 363 
VAL C   O    doub N N 364 
VAL C   OXT  sing N N 365 
VAL CB  CG1  sing N N 366 
VAL CB  CG2  sing N N 367 
VAL CB  HB   sing N N 368 
VAL CG1 HG11 sing N N 369 
VAL CG1 HG12 sing N N 370 
VAL CG1 HG13 sing N N 371 
VAL CG2 HG21 sing N N 372 
VAL CG2 HG22 sing N N 373 
VAL CG2 HG23 sing N N 374 
VAL OXT HXT  sing N N 375 
# 
_pdbx_initial_refinement_model.id               1 
_pdbx_initial_refinement_model.entity_id_list   ? 
_pdbx_initial_refinement_model.type             'experimental model' 
_pdbx_initial_refinement_model.source_name      PDB 
_pdbx_initial_refinement_model.accession_code   1VCA 
_pdbx_initial_refinement_model.details          ? 
# 
_atom_sites.entry_id                    1IJ9 
_atom_sites.fract_transf_matrix[1][1]   -0.00086452 
_atom_sites.fract_transf_matrix[1][2]   0.00249609 
_atom_sites.fract_transf_matrix[1][3]   0.00707328 
_atom_sites.fract_transf_matrix[2][1]   -0.00691499 
_atom_sites.fract_transf_matrix[2][2]   0.00061177 
_atom_sites.fract_transf_matrix[2][3]   0.00296836 
_atom_sites.fract_transf_matrix[3][1]   0.00135782 
_atom_sites.fract_transf_matrix[3][2]   -0.02041775 
_atom_sites.fract_transf_matrix[3][3]   0.00737117 
_atom_sites.fract_transf_vector[1]      0.476789 
_atom_sites.fract_transf_vector[2]      0.670896 
_atom_sites.fract_transf_vector[3]      0.316388 
# 
loop_
_atom_type.symbol 
C 
N 
O 
S 
# 
loop_
_atom_site.group_PDB 
_atom_site.id 
_atom_site.type_symbol 
_atom_site.label_atom_id 
_atom_site.label_alt_id 
_atom_site.label_comp_id 
_atom_site.label_asym_id 
_atom_site.label_entity_id 
_atom_site.label_seq_id 
_atom_site.pdbx_PDB_ins_code 
_atom_site.Cartn_x 
_atom_site.Cartn_y 
_atom_site.Cartn_z 
_atom_site.occupancy 
_atom_site.B_iso_or_equiv 
_atom_site.pdbx_formal_charge 
_atom_site.auth_seq_id 
_atom_site.auth_comp_id 
_atom_site.auth_asym_id 
_atom_site.auth_atom_id 
_atom_site.pdbx_PDB_model_num 
ATOM   1    N N   . PHE A 1 1   ? -34.226 4.176   -13.605 1.00 30.20  ? 1   PHE A N   1 
ATOM   2    C CA  . PHE A 1 1   ? -33.463 3.023   -13.156 1.00 35.99  ? 1   PHE A CA  1 
ATOM   3    C C   . PHE A 1 1   ? -31.972 3.295   -13.271 1.00 39.51  ? 1   PHE A C   1 
ATOM   4    O O   . PHE A 1 1   ? -31.440 3.434   -14.375 1.00 44.47  ? 1   PHE A O   1 
ATOM   5    C CB  . PHE A 1 1   ? -33.828 1.787   -13.985 1.00 32.72  ? 1   PHE A CB  1 
ATOM   6    C CG  . PHE A 1 1   ? -33.092 0.534   -13.577 1.00 25.50  ? 1   PHE A CG  1 
ATOM   7    C CD1 . PHE A 1 1   ? -32.819 0.269   -12.238 1.00 22.38  ? 1   PHE A CD1 1 
ATOM   8    C CD2 . PHE A 1 1   ? -32.673 -0.383  -14.537 1.00 22.55  ? 1   PHE A CD2 1 
ATOM   9    C CE1 . PHE A 1 1   ? -32.138 -0.894  -11.862 1.00 23.07  ? 1   PHE A CE1 1 
ATOM   10   C CE2 . PHE A 1 1   ? -31.992 -1.547  -14.168 1.00 20.40  ? 1   PHE A CE2 1 
ATOM   11   C CZ  . PHE A 1 1   ? -31.724 -1.800  -12.829 1.00 21.22  ? 1   PHE A CZ  1 
ATOM   12   N N   . LYS A 1 2   ? -31.300 3.347   -12.128 1.00 39.53  ? 2   LYS A N   1 
ATOM   13   C CA  . LYS A 1 2   ? -29.869 3.588   -12.112 1.00 40.62  ? 2   LYS A CA  1 
ATOM   14   C C   . LYS A 1 2   ? -29.183 2.772   -11.022 1.00 40.04  ? 2   LYS A C   1 
ATOM   15   O O   . LYS A 1 2   ? -29.826 2.301   -10.082 1.00 36.32  ? 2   LYS A O   1 
ATOM   16   C CB  . LYS A 1 2   ? -29.575 5.078   -11.923 1.00 45.55  ? 2   LYS A CB  1 
ATOM   17   C CG  . LYS A 1 2   ? -29.926 5.611   -10.550 1.00 52.04  ? 2   LYS A CG  1 
ATOM   18   C CD  . LYS A 1 2   ? -29.420 7.029   -10.350 1.00 60.68  ? 2   LYS A CD  1 
ATOM   19   C CE  . LYS A 1 2   ? -29.694 7.510   -8.930  1.00 66.12  ? 2   LYS A CE  1 
ATOM   20   N NZ  . LYS A 1 2   ? -29.207 8.902   -8.712  1.00 72.73  ? 2   LYS A NZ  1 
ATOM   21   N N   . ILE A 1 3   ? -27.865 2.640   -11.147 1.00 40.94  ? 3   ILE A N   1 
ATOM   22   C CA  . ILE A 1 3   ? -27.052 1.880   -10.204 1.00 39.19  ? 3   ILE A CA  1 
ATOM   23   C C   . ILE A 1 3   ? -25.958 2.746   -9.573  1.00 39.62  ? 3   ILE A C   1 
ATOM   24   O O   . ILE A 1 3   ? -25.318 3.546   -10.251 1.00 40.94  ? 3   ILE A O   1 
ATOM   25   C CB  . ILE A 1 3   ? -26.424 0.651   -10.912 1.00 35.23  ? 3   ILE A CB  1 
ATOM   26   C CG1 . ILE A 1 3   ? -25.610 -0.190  -9.934  1.00 30.06  ? 3   ILE A CG1 1 
ATOM   27   C CG2 . ILE A 1 3   ? -25.561 1.096   -12.075 1.00 38.67  ? 3   ILE A CG2 1 
ATOM   28   C CD1 . ILE A 1 3   ? -25.099 -1.477  -10.550 1.00 29.42  ? 3   ILE A CD1 1 
ATOM   29   N N   . GLU A 1 4   ? -25.765 2.593   -8.268  1.00 41.91  ? 4   GLU A N   1 
ATOM   30   C CA  . GLU A 1 4   ? -24.753 3.350   -7.540  1.00 45.77  ? 4   GLU A CA  1 
ATOM   31   C C   . GLU A 1 4   ? -23.840 2.410   -6.772  1.00 45.39  ? 4   GLU A C   1 
ATOM   32   O O   . GLU A 1 4   ? -24.229 1.293   -6.444  1.00 47.63  ? 4   GLU A O   1 
ATOM   33   C CB  . GLU A 1 4   ? -25.408 4.298   -6.543  1.00 52.97  ? 4   GLU A CB  1 
ATOM   34   C CG  . GLU A 1 4   ? -26.245 5.394   -7.154  1.00 66.15  ? 4   GLU A CG  1 
ATOM   35   C CD  . GLU A 1 4   ? -26.925 6.243   -6.095  1.00 73.68  ? 4   GLU A CD  1 
ATOM   36   O OE1 . GLU A 1 4   ? -26.311 7.233   -5.641  1.00 79.10  ? 4   GLU A OE1 1 
ATOM   37   O OE2 . GLU A 1 4   ? -28.066 5.907   -5.704  1.00 77.41  ? 4   GLU A OE2 1 
ATOM   38   N N   . THR A 1 5   ? -22.634 2.877   -6.469  1.00 44.23  ? 5   THR A N   1 
ATOM   39   C CA  . THR A 1 5   ? -21.660 2.090   -5.726  1.00 42.60  ? 5   THR A CA  1 
ATOM   40   C C   . THR A 1 5   ? -20.898 2.994   -4.779  1.00 44.12  ? 5   THR A C   1 
ATOM   41   O O   . THR A 1 5   ? -20.801 4.197   -5.007  1.00 46.66  ? 5   THR A O   1 
ATOM   42   C CB  . THR A 1 5   ? -20.607 1.453   -6.651  1.00 41.29  ? 5   THR A CB  1 
ATOM   43   O OG1 . THR A 1 5   ? -19.916 2.485   -7.363  1.00 41.21  ? 5   THR A OG1 1 
ATOM   44   C CG2 . THR A 1 5   ? -21.245 0.493   -7.632  1.00 40.68  ? 5   THR A CG2 1 
ATOM   45   N N   . THR A 1 6   ? -20.374 2.411   -3.709  1.00 45.75  ? 6   THR A N   1 
ATOM   46   C CA  . THR A 1 6   ? -19.569 3.151   -2.748  1.00 47.72  ? 6   THR A CA  1 
ATOM   47   C C   . THR A 1 6   ? -18.459 2.201   -2.310  1.00 47.14  ? 6   THR A C   1 
ATOM   48   O O   . THR A 1 6   ? -18.729 1.137   -1.748  1.00 47.79  ? 6   THR A O   1 
ATOM   49   C CB  . THR A 1 6   ? -20.364 3.621   -1.513  1.00 49.24  ? 6   THR A CB  1 
ATOM   50   O OG1 . THR A 1 6   ? -20.748 2.491   -0.726  1.00 56.81  ? 6   THR A OG1 1 
ATOM   51   C CG2 . THR A 1 6   ? -21.599 4.394   -1.928  1.00 50.65  ? 6   THR A CG2 1 
ATOM   52   N N   . PRO A 1 7   ? -17.196 2.564   -2.576  1.00 45.76  ? 7   PRO A N   1 
ATOM   53   C CA  . PRO A 1 7   ? -16.735 3.783   -3.244  1.00 45.40  ? 7   PRO A CA  1 
ATOM   54   C C   . PRO A 1 7   ? -17.221 3.948   -4.677  1.00 45.88  ? 7   PRO A C   1 
ATOM   55   O O   . PRO A 1 7   ? -17.718 3.008   -5.297  1.00 45.49  ? 7   PRO A O   1 
ATOM   56   C CB  . PRO A 1 7   ? -15.222 3.635   -3.198  1.00 47.59  ? 7   PRO A CB  1 
ATOM   57   C CG  . PRO A 1 7   ? -15.052 2.162   -3.346  1.00 46.33  ? 7   PRO A CG  1 
ATOM   58   C CD  . PRO A 1 7   ? -16.065 1.646   -2.357  1.00 46.43  ? 7   PRO A CD  1 
ATOM   59   N N   . GLU A 1 8   ? -17.035 5.156   -5.191  1.00 47.33  ? 8   GLU A N   1 
ATOM   60   C CA  . GLU A 1 8   ? -17.453 5.517   -6.532  1.00 49.13  ? 8   GLU A CA  1 
ATOM   61   C C   . GLU A 1 8   ? -16.806 4.712   -7.656  1.00 48.73  ? 8   GLU A C   1 
ATOM   62   O O   . GLU A 1 8   ? -17.514 4.109   -8.464  1.00 49.17  ? 8   GLU A O   1 
ATOM   63   C CB  . GLU A 1 8   ? -17.230 7.020   -6.748  1.00 55.21  ? 8   GLU A CB  1 
ATOM   64   C CG  . GLU A 1 8   ? -17.505 7.531   -8.166  1.00 63.02  ? 8   GLU A CG  1 
ATOM   65   C CD  . GLU A 1 8   ? -18.929 7.274   -8.636  1.00 68.72  ? 8   GLU A CD  1 
ATOM   66   O OE1 . GLU A 1 8   ? -19.879 7.542   -7.865  1.00 72.81  ? 8   GLU A OE1 1 
ATOM   67   O OE2 . GLU A 1 8   ? -19.097 6.805   -9.785  1.00 71.79  ? 8   GLU A OE2 1 
ATOM   68   N N   . SER A 1 9   ? -15.478 4.666   -7.701  1.00 46.08  ? 9   SER A N   1 
ATOM   69   C CA  . SER A 1 9   ? -14.825 3.938   -8.782  1.00 46.92  ? 9   SER A CA  1 
ATOM   70   C C   . SER A 1 9   ? -13.510 3.256   -8.445  1.00 46.94  ? 9   SER A C   1 
ATOM   71   O O   . SER A 1 9   ? -12.971 2.500   -9.260  1.00 46.19  ? 9   SER A O   1 
ATOM   72   C CB  . SER A 1 9   ? -14.621 4.871   -9.972  1.00 50.57  ? 9   SER A CB  1 
ATOM   73   O OG  . SER A 1 9   ? -13.905 6.025   -9.576  1.00 58.94  ? 9   SER A OG  1 
ATOM   74   N N   . ARG A 1 10  ? -12.987 3.516   -7.254  1.00 47.43  ? 10  ARG A N   1 
ATOM   75   C CA  . ARG A 1 10  ? -11.728 2.908   -6.857  1.00 48.68  ? 10  ARG A CA  1 
ATOM   76   C C   . ARG A 1 10  ? -11.584 2.885   -5.350  1.00 47.78  ? 10  ARG A C   1 
ATOM   77   O O   . ARG A 1 10  ? -12.036 3.797   -4.658  1.00 47.93  ? 10  ARG A O   1 
ATOM   78   C CB  . ARG A 1 10  ? -10.553 3.671   -7.471  1.00 55.02  ? 10  ARG A CB  1 
ATOM   79   C CG  . ARG A 1 10  ? -9.205  2.973   -7.316  1.00 64.00  ? 10  ARG A CG  1 
ATOM   80   C CD  . ARG A 1 10  ? -8.050  3.878   -7.736  1.00 70.52  ? 10  ARG A CD  1 
ATOM   81   N NE  . ARG A 1 10  ? -7.913  5.022   -6.839  1.00 76.62  ? 10  ARG A NE  1 
ATOM   82   C CZ  . ARG A 1 10  ? -7.071  5.082   -5.809  1.00 78.54  ? 10  ARG A CZ  1 
ATOM   83   N NH1 . ARG A 1 10  ? -6.265  4.061   -5.536  1.00 78.01  ? 10  ARG A NH1 1 
ATOM   84   N NH2 . ARG A 1 10  ? -7.058  6.153   -5.025  1.00 80.02  ? 10  ARG A NH2 1 
ATOM   85   N N   . TYR A 1 11  ? -10.947 1.832   -4.850  1.00 47.43  ? 11  TYR A N   1 
ATOM   86   C CA  . TYR A 1 11  ? -10.722 1.684   -3.424  1.00 48.60  ? 11  TYR A CA  1 
ATOM   87   C C   . TYR A 1 11  ? -9.307  1.195   -3.162  1.00 50.52  ? 11  TYR A C   1 
ATOM   88   O O   . TYR A 1 11  ? -8.861  0.197   -3.735  1.00 52.35  ? 11  TYR A O   1 
ATOM   89   C CB  . TYR A 1 11  ? -11.722 0.706   -2.818  1.00 47.06  ? 11  TYR A CB  1 
ATOM   90   C CG  . TYR A 1 11  ? -11.791 0.789   -1.316  1.00 50.10  ? 11  TYR A CG  1 
ATOM   91   C CD1 . TYR A 1 11  ? -10.898 0.082   -0.518  1.00 51.64  ? 11  TYR A CD1 1 
ATOM   92   C CD2 . TYR A 1 11  ? -12.746 1.582   -0.689  1.00 54.75  ? 11  TYR A CD2 1 
ATOM   93   C CE1 . TYR A 1 11  ? -10.955 0.163   0.871   1.00 54.66  ? 11  TYR A CE1 1 
ATOM   94   C CE2 . TYR A 1 11  ? -12.814 1.670   0.699   1.00 57.28  ? 11  TYR A CE2 1 
ATOM   95   C CZ  . TYR A 1 11  ? -11.916 0.957   1.473   1.00 56.11  ? 11  TYR A CZ  1 
ATOM   96   O OH  . TYR A 1 11  ? -11.988 1.029   2.845   1.00 60.36  ? 11  TYR A OH  1 
ATOM   97   N N   . LEU A 1 12  ? -8.596  1.931   -2.317  1.00 50.88  ? 12  LEU A N   1 
ATOM   98   C CA  . LEU A 1 12  ? -7.235  1.583   -1.952  1.00 47.91  ? 12  LEU A CA  1 
ATOM   99   C C   . LEU A 1 12  ? -7.326  0.863   -0.614  1.00 46.34  ? 12  LEU A C   1 
ATOM   100  O O   . LEU A 1 12  ? -7.634  1.473   0.414   1.00 44.39  ? 12  LEU A O   1 
ATOM   101  C CB  . LEU A 1 12  ? -6.389  2.844   -1.808  1.00 51.02  ? 12  LEU A CB  1 
ATOM   102  C CG  . LEU A 1 12  ? -4.889  2.597   -1.666  1.00 50.17  ? 12  LEU A CG  1 
ATOM   103  C CD1 . LEU A 1 12  ? -4.301  2.263   -3.027  1.00 49.31  ? 12  LEU A CD1 1 
ATOM   104  C CD2 . LEU A 1 12  ? -4.219  3.827   -1.093  1.00 49.25  ? 12  LEU A CD2 1 
ATOM   105  N N   . ALA A 1 13  ? -7.074  -0.440  -0.637  1.00 44.42  ? 13  ALA A N   1 
ATOM   106  C CA  . ALA A 1 13  ? -7.159  -1.252  0.567   1.00 44.56  ? 13  ALA A CA  1 
ATOM   107  C C   . ALA A 1 13  ? -5.821  -1.792  1.008   1.00 44.35  ? 13  ALA A C   1 
ATOM   108  O O   . ALA A 1 13  ? -5.033  -2.270  0.190   1.00 42.74  ? 13  ALA A O   1 
ATOM   109  C CB  . ALA A 1 13  ? -8.120  -2.399  0.348   1.00 46.04  ? 13  ALA A CB  1 
ATOM   110  N N   . GLN A 1 14  ? -5.572  -1.720  2.309   1.00 46.05  ? 14  GLN A N   1 
ATOM   111  C CA  . GLN A 1 14  ? -4.332  -2.231  2.861   1.00 50.33  ? 14  GLN A CA  1 
ATOM   112  C C   . GLN A 1 14  ? -4.535  -3.702  3.188   1.00 48.43  ? 14  GLN A C   1 
ATOM   113  O O   . GLN A 1 14  ? -5.567  -4.080  3.748   1.00 48.54  ? 14  GLN A O   1 
ATOM   114  C CB  . GLN A 1 14  ? -3.941  -1.458  4.117   1.00 56.17  ? 14  GLN A CB  1 
ATOM   115  C CG  . GLN A 1 14  ? -2.657  -1.945  4.755   1.00 65.24  ? 14  GLN A CG  1 
ATOM   116  C CD  . GLN A 1 14  ? -2.207  -1.073  5.908   1.00 71.49  ? 14  GLN A CD  1 
ATOM   117  O OE1 . GLN A 1 14  ? -1.058  -0.627  5.953   1.00 73.44  ? 14  GLN A OE1 1 
ATOM   118  N NE2 . GLN A 1 14  ? -3.110  -0.826  6.850   1.00 72.28  ? 14  GLN A NE2 1 
ATOM   119  N N   . ILE A 1 15  ? -3.570  -4.532  2.804   1.00 44.46  ? 15  ILE A N   1 
ATOM   120  C CA  . ILE A 1 15  ? -3.652  -5.960  3.069   1.00 40.90  ? 15  ILE A CA  1 
ATOM   121  C C   . ILE A 1 15  ? -3.897  -6.207  4.553   1.00 45.29  ? 15  ILE A C   1 
ATOM   122  O O   . ILE A 1 15  ? -3.308  -5.545  5.408   1.00 47.91  ? 15  ILE A O   1 
ATOM   123  C CB  . ILE A 1 15  ? -2.368  -6.686  2.644   1.00 32.50  ? 15  ILE A CB  1 
ATOM   124  C CG1 . ILE A 1 15  ? -2.219  -6.627  1.126   1.00 31.64  ? 15  ILE A CG1 1 
ATOM   125  C CG2 . ILE A 1 15  ? -2.392  -8.120  3.115   1.00 32.19  ? 15  ILE A CG2 1 
ATOM   126  C CD1 . ILE A 1 15  ? -1.072  -7.456  0.587   1.00 30.69  ? 15  ILE A CD1 1 
ATOM   127  N N   . GLY A 1 16  ? -4.803  -7.134  4.845   1.00 47.82  ? 16  GLY A N   1 
ATOM   128  C CA  . GLY A 1 16  ? -5.113  -7.454  6.223   1.00 52.29  ? 16  GLY A CA  1 
ATOM   129  C C   . GLY A 1 16  ? -6.359  -6.773  6.751   1.00 55.80  ? 16  GLY A C   1 
ATOM   130  O O   . GLY A 1 16  ? -6.819  -7.096  7.849   1.00 57.60  ? 16  GLY A O   1 
ATOM   131  N N   . ASP A 1 17  ? -6.918  -5.848  5.976   1.00 57.10  ? 17  ASP A N   1 
ATOM   132  C CA  . ASP A 1 17  ? -8.120  -5.134  6.396   1.00 60.44  ? 17  ASP A CA  1 
ATOM   133  C C   . ASP A 1 17  ? -9.416  -5.810  5.958   1.00 59.07  ? 17  ASP A C   1 
ATOM   134  O O   . ASP A 1 17  ? -9.410  -6.787  5.206   1.00 56.30  ? 17  ASP A O   1 
ATOM   135  C CB  . ASP A 1 17  ? -8.114  -3.700  5.857   1.00 67.82  ? 17  ASP A CB  1 
ATOM   136  C CG  . ASP A 1 17  ? -6.949  -2.877  6.371   1.00 75.67  ? 17  ASP A CG  1 
ATOM   137  O OD1 . ASP A 1 17  ? -6.378  -3.222  7.430   1.00 80.93  ? 17  ASP A OD1 1 
ATOM   138  O OD2 . ASP A 1 17  ? -6.611  -1.872  5.709   1.00 79.45  ? 17  ASP A OD2 1 
ATOM   139  N N   . SER A 1 18  ? -10.524 -5.285  6.467   1.00 57.54  ? 18  SER A N   1 
ATOM   140  C CA  . SER A 1 18  ? -11.845 -5.778  6.124   1.00 57.43  ? 18  SER A CA  1 
ATOM   141  C C   . SER A 1 18  ? -12.469 -4.666  5.300   1.00 57.97  ? 18  SER A C   1 
ATOM   142  O O   . SER A 1 18  ? -12.659 -3.555  5.794   1.00 59.86  ? 18  SER A O   1 
ATOM   143  C CB  . SER A 1 18  ? -12.675 -6.015  7.379   1.00 59.51  ? 18  SER A CB  1 
ATOM   144  O OG  . SER A 1 18  ? -13.968 -6.480  7.036   1.00 63.53  ? 18  SER A OG  1 
ATOM   145  N N   . VAL A 1 19  ? -12.761 -4.959  4.039   1.00 57.18  ? 19  VAL A N   1 
ATOM   146  C CA  . VAL A 1 19  ? -13.334 -3.965  3.143   1.00 52.76  ? 19  VAL A CA  1 
ATOM   147  C C   . VAL A 1 19  ? -14.685 -4.386  2.580   1.00 50.10  ? 19  VAL A C   1 
ATOM   148  O O   . VAL A 1 19  ? -14.888 -5.549  2.219   1.00 50.63  ? 19  VAL A O   1 
ATOM   149  C CB  . VAL A 1 19  ? -12.368 -3.669  1.972   1.00 51.97  ? 19  VAL A CB  1 
ATOM   150  C CG1 . VAL A 1 19  ? -12.975 -2.659  1.019   1.00 53.44  ? 19  VAL A CG1 1 
ATOM   151  C CG2 . VAL A 1 19  ? -11.052 -3.145  2.511   1.00 50.54  ? 19  VAL A CG2 1 
ATOM   152  N N   . SER A 1 20  ? -15.610 -3.432  2.520   1.00 44.29  ? 20  SER A N   1 
ATOM   153  C CA  . SER A 1 20  ? -16.933 -3.690  1.980   1.00 40.77  ? 20  SER A CA  1 
ATOM   154  C C   . SER A 1 20  ? -17.257 -2.819  0.782   1.00 39.37  ? 20  SER A C   1 
ATOM   155  O O   . SER A 1 20  ? -17.085 -1.602  0.810   1.00 43.30  ? 20  SER A O   1 
ATOM   156  C CB  . SER A 1 20  ? -18.005 -3.503  3.044   1.00 39.16  ? 20  SER A CB  1 
ATOM   157  O OG  . SER A 1 20  ? -18.028 -4.614  3.914   1.00 46.29  ? 20  SER A OG  1 
ATOM   158  N N   . LEU A 1 21  ? -17.694 -3.470  -0.286  1.00 36.13  ? 21  LEU A N   1 
ATOM   159  C CA  . LEU A 1 21  ? -18.081 -2.797  -1.511  1.00 32.41  ? 21  LEU A CA  1 
ATOM   160  C C   . LEU A 1 21  ? -19.595 -2.906  -1.604  1.00 33.58  ? 21  LEU A C   1 
ATOM   161  O O   . LEU A 1 21  ? -20.147 -4.008  -1.553  1.00 34.68  ? 21  LEU A O   1 
ATOM   162  C CB  . LEU A 1 21  ? -17.436 -3.482  -2.713  1.00 28.42  ? 21  LEU A CB  1 
ATOM   163  C CG  . LEU A 1 21  ? -16.069 -2.971  -3.170  1.00 26.44  ? 21  LEU A CG  1 
ATOM   164  C CD1 . LEU A 1 21  ? -15.153 -2.709  -2.000  1.00 26.27  ? 21  LEU A CD1 1 
ATOM   165  C CD2 . LEU A 1 21  ? -15.454 -3.976  -4.114  1.00 23.01  ? 21  LEU A CD2 1 
ATOM   166  N N   . THR A 1 22  ? -20.270 -1.767  -1.693  1.00 33.58  ? 22  THR A N   1 
ATOM   167  C CA  . THR A 1 22  ? -21.723 -1.779  -1.782  1.00 33.29  ? 22  THR A CA  1 
ATOM   168  C C   . THR A 1 22  ? -22.214 -1.365  -3.160  1.00 30.09  ? 22  THR A C   1 
ATOM   169  O O   . THR A 1 22  ? -21.597 -0.542  -3.832  1.00 29.35  ? 22  THR A O   1 
ATOM   170  C CB  . THR A 1 22  ? -22.366 -0.879  -0.730  1.00 33.47  ? 22  THR A CB  1 
ATOM   171  O OG1 . THR A 1 22  ? -22.236 0.486   -1.138  1.00 39.62  ? 22  THR A OG1 1 
ATOM   172  C CG2 . THR A 1 22  ? -21.682 -1.068  0.617   1.00 36.90  ? 22  THR A CG2 1 
ATOM   173  N N   . CYS A 1 23  ? -23.355 -1.921  -3.546  1.00 28.84  ? 23  CYS A N   1 
ATOM   174  C CA  . CYS A 1 23  ? -23.964 -1.656  -4.835  1.00 26.24  ? 23  CYS A CA  1 
ATOM   175  C C   . CYS A 1 23  ? -25.471 -1.475  -4.620  1.00 29.34  ? 23  CYS A C   1 
ATOM   176  O O   . CYS A 1 23  ? -26.138 -2.364  -4.081  1.00 30.92  ? 23  CYS A O   1 
ATOM   177  C CB  . CYS A 1 23  ? -23.695 -2.838  -5.757  1.00 19.63  ? 23  CYS A CB  1 
ATOM   178  S SG  . CYS A 1 23  ? -24.063 -2.510  -7.495  1.00 23.07  ? 23  CYS A SG  1 
ATOM   179  N N   . SER A 1 24  ? -25.999 -0.319  -5.023  1.00 30.22  ? 24  SER A N   1 
ATOM   180  C CA  . SER A 1 24  ? -27.418 -0.018  -4.848  1.00 29.37  ? 24  SER A CA  1 
ATOM   181  C C   . SER A 1 24  ? -28.119 0.397   -6.124  1.00 28.64  ? 24  SER A C   1 
ATOM   182  O O   . SER A 1 24  ? -27.479 0.827   -7.082  1.00 31.58  ? 24  SER A O   1 
ATOM   183  C CB  . SER A 1 24  ? -27.589 1.095   -3.823  1.00 31.03  ? 24  SER A CB  1 
ATOM   184  O OG  . SER A 1 24  ? -27.121 0.678   -2.558  1.00 44.56  ? 24  SER A OG  1 
ATOM   185  N N   . THR A 1 25  ? -29.444 0.282   -6.122  1.00 28.49  ? 25  THR A N   1 
ATOM   186  C CA  . THR A 1 25  ? -30.256 0.668   -7.273  1.00 29.43  ? 25  THR A CA  1 
ATOM   187  C C   . THR A 1 25  ? -31.449 1.491   -6.829  1.00 31.61  ? 25  THR A C   1 
ATOM   188  O O   . THR A 1 25  ? -31.878 1.419   -5.673  1.00 32.99  ? 25  THR A O   1 
ATOM   189  C CB  . THR A 1 25  ? -30.839 -0.546  -8.017  1.00 27.57  ? 25  THR A CB  1 
ATOM   190  O OG1 . THR A 1 25  ? -31.713 -1.265  -7.139  1.00 25.44  ? 25  THR A OG1 1 
ATOM   191  C CG2 . THR A 1 25  ? -29.741 -1.459  -8.516  1.00 27.05  ? 25  THR A CG2 1 
ATOM   192  N N   . THR A 1 26  ? -31.973 2.278   -7.761  1.00 31.75  ? 26  THR A N   1 
ATOM   193  C CA  . THR A 1 26  ? -33.156 3.086   -7.517  1.00 32.61  ? 26  THR A CA  1 
ATOM   194  C C   . THR A 1 26  ? -34.009 2.917   -8.763  1.00 30.00  ? 26  THR A C   1 
ATOM   195  O O   . THR A 1 26  ? -33.490 2.889   -9.883  1.00 27.51  ? 26  THR A O   1 
ATOM   196  C CB  . THR A 1 26  ? -32.843 4.591   -7.300  1.00 35.61  ? 26  THR A CB  1 
ATOM   197  O OG1 . THR A 1 26  ? -32.217 5.129   -8.466  1.00 41.23  ? 26  THR A OG1 1 
ATOM   198  C CG2 . THR A 1 26  ? -31.940 4.798   -6.080  1.00 37.35  ? 26  THR A CG2 1 
ATOM   199  N N   . GLY A 1 27  ? -35.310 2.742   -8.561  1.00 28.83  ? 27  GLY A N   1 
ATOM   200  C CA  . GLY A 1 27  ? -36.213 2.580   -9.687  1.00 24.58  ? 27  GLY A CA  1 
ATOM   201  C C   . GLY A 1 27  ? -36.566 1.135   -9.937  1.00 21.24  ? 27  GLY A C   1 
ATOM   202  O O   . GLY A 1 27  ? -37.188 0.809   -10.956 1.00 14.86  ? 27  GLY A O   1 
ATOM   203  N N   . CYS A 1 28  ? -36.169 0.272   -9.005  1.00 23.28  ? 28  CYS A N   1 
ATOM   204  C CA  . CYS A 1 28  ? -36.441 -1.155  -9.113  1.00 25.13  ? 28  CYS A CA  1 
ATOM   205  C C   . CYS A 1 28  ? -36.922 -1.703  -7.781  1.00 27.22  ? 28  CYS A C   1 
ATOM   206  O O   . CYS A 1 28  ? -36.297 -1.478  -6.745  1.00 25.47  ? 28  CYS A O   1 
ATOM   207  C CB  . CYS A 1 28  ? -35.191 -1.906  -9.543  1.00 23.86  ? 28  CYS A CB  1 
ATOM   208  S SG  . CYS A 1 28  ? -35.532 -3.658  -9.845  1.00 22.60  ? 28  CYS A SG  1 
ATOM   209  N N   . GLU A 1 29  ? -38.046 -2.410  -7.812  1.00 30.57  ? 29  GLU A N   1 
ATOM   210  C CA  . GLU A 1 29  ? -38.625 -2.978  -6.604  1.00 31.93  ? 29  GLU A CA  1 
ATOM   211  C C   . GLU A 1 29  ? -37.821 -4.170  -6.093  1.00 31.43  ? 29  GLU A C   1 
ATOM   212  O O   . GLU A 1 29  ? -37.396 -4.194  -4.935  1.00 26.96  ? 29  GLU A O   1 
ATOM   213  C CB  . GLU A 1 29  ? -40.075 -3.392  -6.861  1.00 36.71  ? 29  GLU A CB  1 
ATOM   214  C CG  . GLU A 1 29  ? -40.792 -3.959  -5.644  1.00 43.72  ? 29  GLU A CG  1 
ATOM   215  C CD  . GLU A 1 29  ? -42.238 -4.346  -5.930  1.00 50.47  ? 29  GLU A CD  1 
ATOM   216  O OE1 . GLU A 1 29  ? -42.520 -4.904  -7.018  1.00 55.75  ? 29  GLU A OE1 1 
ATOM   217  O OE2 . GLU A 1 29  ? -43.093 -4.098  -5.055  1.00 54.72  ? 29  GLU A OE2 1 
ATOM   218  N N   . SER A 1 30  ? -37.570 -5.130  -6.977  1.00 29.90  ? 30  SER A N   1 
ATOM   219  C CA  . SER A 1 30  ? -36.839 -6.327  -6.597  1.00 28.15  ? 30  SER A CA  1 
ATOM   220  C C   . SER A 1 30  ? -35.728 -6.673  -7.585  1.00 27.41  ? 30  SER A C   1 
ATOM   221  O O   . SER A 1 30  ? -35.900 -7.512  -8.478  1.00 31.32  ? 30  SER A O   1 
ATOM   222  C CB  . SER A 1 30  ? -37.812 -7.493  -6.470  1.00 27.30  ? 30  SER A CB  1 
ATOM   223  O OG  . SER A 1 30  ? -37.302 -8.472  -5.589  1.00 35.61  ? 30  SER A OG  1 
ATOM   224  N N   . PRO A 1 31  ? -34.572 -6.007  -7.448  1.00 22.66  ? 31  PRO A N   1 
ATOM   225  C CA  . PRO A 1 31  ? -33.421 -6.240  -8.321  1.00 20.45  ? 31  PRO A CA  1 
ATOM   226  C C   . PRO A 1 31  ? -32.656 -7.494  -7.908  1.00 22.07  ? 31  PRO A C   1 
ATOM   227  O O   . PRO A 1 31  ? -32.792 -7.976  -6.780  1.00 26.07  ? 31  PRO A O   1 
ATOM   228  C CB  . PRO A 1 31  ? -32.581 -4.986  -8.087  1.00 17.20  ? 31  PRO A CB  1 
ATOM   229  C CG  . PRO A 1 31  ? -32.821 -4.703  -6.635  1.00 14.74  ? 31  PRO A CG  1 
ATOM   230  C CD  . PRO A 1 31  ? -34.319 -4.881  -6.530  1.00 18.00  ? 31  PRO A CD  1 
ATOM   231  N N   . PHE A 1 32  ? -31.879 -8.039  -8.840  1.00 22.62  ? 32  PHE A N   1 
ATOM   232  C CA  . PHE A 1 32  ? -31.057 -9.209  -8.565  1.00 22.29  ? 32  PHE A CA  1 
ATOM   233  C C   . PHE A 1 32  ? -29.599 -8.836  -8.800  1.00 23.90  ? 32  PHE A C   1 
ATOM   234  O O   . PHE A 1 32  ? -29.188 -8.585  -9.936  1.00 23.77  ? 32  PHE A O   1 
ATOM   235  C CB  . PHE A 1 32  ? -31.439 -10.386 -9.463  1.00 24.53  ? 32  PHE A CB  1 
ATOM   236  C CG  . PHE A 1 32  ? -30.571 -11.598 -9.260  1.00 26.13  ? 32  PHE A CG  1 
ATOM   237  C CD1 . PHE A 1 32  ? -30.725 -12.396 -8.135  1.00 23.71  ? 32  PHE A CD1 1 
ATOM   238  C CD2 . PHE A 1 32  ? -29.579 -11.920 -10.179 1.00 26.64  ? 32  PHE A CD2 1 
ATOM   239  C CE1 . PHE A 1 32  ? -29.899 -13.497 -7.926  1.00 23.17  ? 32  PHE A CE1 1 
ATOM   240  C CE2 . PHE A 1 32  ? -28.750 -13.018 -9.981  1.00 22.94  ? 32  PHE A CE2 1 
ATOM   241  C CZ  . PHE A 1 32  ? -28.909 -13.808 -8.852  1.00 24.52  ? 32  PHE A CZ  1 
ATOM   242  N N   . PHE A 1 33  ? -28.823 -8.793  -7.721  1.00 26.07  ? 33  PHE A N   1 
ATOM   243  C CA  . PHE A 1 33  ? -27.410 -8.438  -7.806  1.00 26.84  ? 33  PHE A CA  1 
ATOM   244  C C   . PHE A 1 33  ? -26.483 -9.609  -8.124  1.00 28.41  ? 33  PHE A C   1 
ATOM   245  O O   . PHE A 1 33  ? -26.750 -10.753 -7.750  1.00 30.53  ? 33  PHE A O   1 
ATOM   246  C CB  . PHE A 1 33  ? -26.965 -7.750  -6.523  1.00 24.49  ? 33  PHE A CB  1 
ATOM   247  C CG  . PHE A 1 33  ? -27.631 -6.426  -6.292  1.00 26.37  ? 33  PHE A CG  1 
ATOM   248  C CD1 . PHE A 1 33  ? -28.653 -6.299  -5.361  1.00 29.87  ? 33  PHE A CD1 1 
ATOM   249  C CD2 . PHE A 1 33  ? -27.230 -5.300  -6.996  1.00 25.67  ? 33  PHE A CD2 1 
ATOM   250  C CE1 . PHE A 1 33  ? -29.266 -5.065  -5.133  1.00 27.44  ? 33  PHE A CE1 1 
ATOM   251  C CE2 . PHE A 1 33  ? -27.836 -4.068  -6.773  1.00 25.75  ? 33  PHE A CE2 1 
ATOM   252  C CZ  . PHE A 1 33  ? -28.857 -3.952  -5.840  1.00 25.80  ? 33  PHE A CZ  1 
ATOM   253  N N   . SER A 1 34  ? -25.376 -9.294  -8.790  1.00 28.88  ? 34  SER A N   1 
ATOM   254  C CA  . SER A 1 34  ? -24.393 -10.280 -9.198  1.00 30.23  ? 34  SER A CA  1 
ATOM   255  C C   . SER A 1 34  ? -23.018 -9.638  -9.360  1.00 33.24  ? 34  SER A C   1 
ATOM   256  O O   . SER A 1 34  ? -22.849 -8.689  -10.130 1.00 37.08  ? 34  SER A O   1 
ATOM   257  C CB  . SER A 1 34  ? -24.827 -10.899 -10.528 1.00 29.66  ? 34  SER A CB  1 
ATOM   258  O OG  . SER A 1 34  ? -23.758 -11.580 -11.160 1.00 38.44  ? 34  SER A OG  1 
ATOM   259  N N   . TRP A 1 35  ? -22.034 -10.169 -8.644  1.00 33.02  ? 35  TRP A N   1 
ATOM   260  C CA  . TRP A 1 35  ? -20.673 -9.664  -8.728  1.00 30.19  ? 35  TRP A CA  1 
ATOM   261  C C   . TRP A 1 35  ? -19.767 -10.618 -9.492  1.00 32.97  ? 35  TRP A C   1 
ATOM   262  O O   . TRP A 1 35  ? -20.060 -11.811 -9.619  1.00 33.86  ? 35  TRP A O   1 
ATOM   263  C CB  . TRP A 1 35  ? -20.092 -9.467  -7.341  1.00 27.30  ? 35  TRP A CB  1 
ATOM   264  C CG  . TRP A 1 35  ? -20.811 -8.475  -6.519  1.00 24.43  ? 35  TRP A CG  1 
ATOM   265  C CD1 . TRP A 1 35  ? -21.954 -8.677  -5.806  1.00 21.63  ? 35  TRP A CD1 1 
ATOM   266  C CD2 . TRP A 1 35  ? -20.395 -7.135  -6.246  1.00 21.40  ? 35  TRP A CD2 1 
ATOM   267  N NE1 . TRP A 1 35  ? -22.273 -7.548  -5.093  1.00 21.73  ? 35  TRP A NE1 1 
ATOM   268  C CE2 . TRP A 1 35  ? -21.331 -6.585  -5.344  1.00 21.02  ? 35  TRP A CE2 1 
ATOM   269  C CE3 . TRP A 1 35  ? -19.321 -6.345  -6.675  1.00 20.95  ? 35  TRP A CE3 1 
ATOM   270  C CZ2 . TRP A 1 35  ? -21.225 -5.278  -4.856  1.00 22.47  ? 35  TRP A CZ2 1 
ATOM   271  C CZ3 . TRP A 1 35  ? -19.213 -5.048  -6.193  1.00 22.58  ? 35  TRP A CZ3 1 
ATOM   272  C CH2 . TRP A 1 35  ? -20.163 -4.527  -5.289  1.00 23.63  ? 35  TRP A CH2 1 
ATOM   273  N N   . ARG A 1 36  ? -18.658 -10.077 -9.986  1.00 34.41  ? 36  ARG A N   1 
ATOM   274  C CA  . ARG A 1 36  ? -17.664 -10.847 -10.727 1.00 36.30  ? 36  ARG A CA  1 
ATOM   275  C C   . ARG A 1 36  ? -16.449 -9.970  -11.011 1.00 37.59  ? 36  ARG A C   1 
ATOM   276  O O   . ARG A 1 36  ? -16.542 -8.742  -10.966 1.00 38.02  ? 36  ARG A O   1 
ATOM   277  C CB  . ARG A 1 36  ? -18.235 -11.356 -12.051 1.00 37.62  ? 36  ARG A CB  1 
ATOM   278  C CG  . ARG A 1 36  ? -18.246 -10.322 -13.154 1.00 40.30  ? 36  ARG A CG  1 
ATOM   279  C CD  . ARG A 1 36  ? -18.605 -10.952 -14.482 1.00 46.58  ? 36  ARG A CD  1 
ATOM   280  N NE  . ARG A 1 36  ? -18.352 -10.059 -15.611 1.00 57.87  ? 36  ARG A NE  1 
ATOM   281  C CZ  . ARG A 1 36  ? -18.990 -8.911  -15.834 1.00 63.34  ? 36  ARG A CZ  1 
ATOM   282  N NH1 . ARG A 1 36  ? -19.935 -8.488  -14.999 1.00 65.74  ? 36  ARG A NH1 1 
ATOM   283  N NH2 . ARG A 1 36  ? -18.700 -8.193  -16.916 1.00 64.41  ? 36  ARG A NH2 1 
ATOM   284  N N   . THR A 1 37  ? -15.312 -10.603 -11.289 1.00 39.03  ? 37  THR A N   1 
ATOM   285  C CA  . THR A 1 37  ? -14.088 -9.873  -11.610 1.00 42.00  ? 37  THR A CA  1 
ATOM   286  C C   . THR A 1 37  ? -13.963 -9.801  -13.126 1.00 46.93  ? 37  THR A C   1 
ATOM   287  O O   . THR A 1 37  ? -14.587 -10.583 -13.845 1.00 48.80  ? 37  THR A O   1 
ATOM   288  C CB  . THR A 1 37  ? -12.830 -10.566 -11.042 1.00 38.42  ? 37  THR A CB  1 
ATOM   289  O OG1 . THR A 1 37  ? -12.613 -11.806 -11.726 1.00 41.32  ? 37  THR A OG1 1 
ATOM   290  C CG2 . THR A 1 37  ? -12.989 -10.833 -9.553  1.00 37.61  ? 37  THR A CG2 1 
ATOM   291  N N   . GLN A 1 38  ? -13.148 -8.866  -13.601 1.00 53.75  ? 38  GLN A N   1 
ATOM   292  C CA  . GLN A 1 38  ? -12.910 -8.665  -15.031 1.00 59.36  ? 38  GLN A CA  1 
ATOM   293  C C   . GLN A 1 38  ? -12.500 -9.936  -15.777 1.00 61.72  ? 38  GLN A C   1 
ATOM   294  O O   . GLN A 1 38  ? -13.013 -10.230 -16.860 1.00 63.22  ? 38  GLN A O   1 
ATOM   295  C CB  . GLN A 1 38  ? -11.820 -7.608  -15.216 1.00 65.31  ? 38  GLN A CB  1 
ATOM   296  C CG  . GLN A 1 38  ? -12.309 -6.170  -15.152 1.00 71.16  ? 38  GLN A CG  1 
ATOM   297  C CD  . GLN A 1 38  ? -12.965 -5.705  -16.447 1.00 76.30  ? 38  GLN A CD  1 
ATOM   298  O OE1 . GLN A 1 38  ? -13.654 -4.685  -16.473 1.00 81.37  ? 38  GLN A OE1 1 
ATOM   299  N NE2 . GLN A 1 38  ? -12.739 -6.445  -17.532 1.00 78.63  ? 38  GLN A NE2 1 
ATOM   300  N N   . ILE A 1 39  ? -11.564 -10.673 -15.188 1.00 63.20  ? 39  ILE A N   1 
ATOM   301  C CA  . ILE A 1 39  ? -11.044 -11.904 -15.774 1.00 64.59  ? 39  ILE A CA  1 
ATOM   302  C C   . ILE A 1 39  ? -11.768 -13.168 -15.316 1.00 65.84  ? 39  ILE A C   1 
ATOM   303  O O   . ILE A 1 39  ? -11.437 -14.275 -15.745 1.00 67.08  ? 39  ILE A O   1 
ATOM   304  C CB  . ILE A 1 39  ? -9.532  -12.043 -15.512 1.00 64.12  ? 39  ILE A CB  1 
ATOM   305  C CG1 . ILE A 1 39  ? -9.154  -11.367 -14.187 1.00 63.19  ? 39  ILE A CG1 1 
ATOM   306  C CG2 . ILE A 1 39  ? -8.742  -11.485 -16.691 1.00 65.81  ? 39  ILE A CG2 1 
ATOM   307  C CD1 . ILE A 1 39  ? -7.740  -11.642 -13.751 1.00 66.26  ? 39  ILE A CD1 1 
ATOM   308  N N   . ASP A 1 40  ? -12.752 -12.994 -14.440 1.00 67.36  ? 40  ASP A N   1 
ATOM   309  C CA  . ASP A 1 40  ? -13.545 -14.099 -13.914 1.00 68.94  ? 40  ASP A CA  1 
ATOM   310  C C   . ASP A 1 40  ? -12.767 -15.115 -13.097 1.00 68.16  ? 40  ASP A C   1 
ATOM   311  O O   . ASP A 1 40  ? -12.345 -16.152 -13.604 1.00 73.63  ? 40  ASP A O   1 
ATOM   312  C CB  . ASP A 1 40  ? -14.329 -14.790 -15.032 1.00 72.68  ? 40  ASP A CB  1 
ATOM   313  C CG  . ASP A 1 40  ? -15.432 -13.911 -15.585 1.00 77.94  ? 40  ASP A CG  1 
ATOM   314  O OD1 . ASP A 1 40  ? -15.234 -13.311 -16.667 1.00 78.97  ? 40  ASP A OD1 1 
ATOM   315  O OD2 . ASP A 1 40  ? -16.490 -13.802 -14.924 1.00 79.56  ? 40  ASP A OD2 1 
ATOM   316  N N   . SER A 1 41  ? -12.561 -14.779 -11.830 1.00 64.51  ? 41  SER A N   1 
ATOM   317  C CA  . SER A 1 41  ? -11.863 -15.639 -10.884 1.00 61.58  ? 41  SER A CA  1 
ATOM   318  C C   . SER A 1 41  ? -12.626 -15.501 -9.579  1.00 58.82  ? 41  SER A C   1 
ATOM   319  O O   . SER A 1 41  ? -13.416 -14.573 -9.422  1.00 57.86  ? 41  SER A O   1 
ATOM   320  C CB  . SER A 1 41  ? -10.423 -15.170 -10.676 1.00 63.63  ? 41  SER A CB  1 
ATOM   321  O OG  . SER A 1 41  ? -10.387 -13.890 -10.071 1.00 65.91  ? 41  SER A OG  1 
ATOM   322  N N   . PRO A 1 42  ? -12.393 -16.415 -8.619  1.00 57.40  ? 42  PRO A N   1 
ATOM   323  C CA  . PRO A 1 42  ? -13.100 -16.334 -7.334  1.00 54.92  ? 42  PRO A CA  1 
ATOM   324  C C   . PRO A 1 42  ? -13.041 -14.933 -6.737  1.00 50.89  ? 42  PRO A C   1 
ATOM   325  O O   . PRO A 1 42  ? -11.998 -14.274 -6.760  1.00 48.54  ? 42  PRO A O   1 
ATOM   326  C CB  . PRO A 1 42  ? -12.361 -17.363 -6.466  1.00 56.74  ? 42  PRO A CB  1 
ATOM   327  C CG  . PRO A 1 42  ? -11.015 -17.524 -7.152  1.00 58.53  ? 42  PRO A CG  1 
ATOM   328  C CD  . PRO A 1 42  ? -11.399 -17.498 -8.600  1.00 58.86  ? 42  PRO A CD  1 
ATOM   329  N N   . LEU A 1 43  ? -14.194 -14.457 -6.280  1.00 49.90  ? 43  LEU A N   1 
ATOM   330  C CA  . LEU A 1 43  ? -14.301 -13.129 -5.693  1.00 48.31  ? 43  LEU A CA  1 
ATOM   331  C C   . LEU A 1 43  ? -13.465 -12.996 -4.427  1.00 48.13  ? 43  LEU A C   1 
ATOM   332  O O   . LEU A 1 43  ? -12.937 -11.922 -4.133  1.00 49.88  ? 43  LEU A O   1 
ATOM   333  C CB  . LEU A 1 43  ? -15.764 -12.807 -5.361  1.00 43.80  ? 43  LEU A CB  1 
ATOM   334  C CG  . LEU A 1 43  ? -16.786 -12.834 -6.497  1.00 38.35  ? 43  LEU A CG  1 
ATOM   335  C CD1 . LEU A 1 43  ? -18.144 -12.471 -5.945  1.00 35.96  ? 43  LEU A CD1 1 
ATOM   336  C CD2 . LEU A 1 43  ? -16.390 -11.864 -7.597  1.00 40.04  ? 43  LEU A CD2 1 
ATOM   337  N N   . ASN A 1 44  ? -13.331 -14.098 -3.694  1.00 46.81  ? 44  ASN A N   1 
ATOM   338  C CA  . ASN A 1 44  ? -12.586 -14.101 -2.442  1.00 46.23  ? 44  ASN A CA  1 
ATOM   339  C C   . ASN A 1 44  ? -13.234 -13.054 -1.544  1.00 44.54  ? 44  ASN A C   1 
ATOM   340  O O   . ASN A 1 44  ? -12.563 -12.251 -0.899  1.00 47.77  ? 44  ASN A O   1 
ATOM   341  C CB  . ASN A 1 44  ? -11.105 -13.797 -2.688  1.00 47.73  ? 44  ASN A CB  1 
ATOM   342  C CG  . ASN A 1 44  ? -10.475 -14.766 -3.672  1.00 51.65  ? 44  ASN A CG  1 
ATOM   343  O OD1 . ASN A 1 44  ? -10.646 -15.984 -3.558  1.00 55.08  ? 44  ASN A OD1 1 
ATOM   344  N ND2 . ASN A 1 44  ? -9.771  -14.231 -4.664  1.00 53.90  ? 44  ASN A ND2 1 
ATOM   345  N N   . GLY A 1 45  ? -14.564 -13.053 -1.568  1.00 41.99  ? 45  GLY A N   1 
ATOM   346  C CA  . GLY A 1 45  ? -15.345 -12.129 -0.772  1.00 42.44  ? 45  GLY A CA  1 
ATOM   347  C C   . GLY A 1 45  ? -16.724 -12.715 -0.539  1.00 43.27  ? 45  GLY A C   1 
ATOM   348  O O   . GLY A 1 45  ? -17.140 -13.645 -1.233  1.00 44.13  ? 45  GLY A O   1 
ATOM   349  N N   . LYS A 1 46  ? -17.437 -12.154 0.431   1.00 43.28  ? 46  LYS A N   1 
ATOM   350  C CA  . LYS A 1 46  ? -18.775 -12.603 0.796   1.00 44.16  ? 46  LYS A CA  1 
ATOM   351  C C   . LYS A 1 46  ? -19.849 -11.608 0.333   1.00 44.36  ? 46  LYS A C   1 
ATOM   352  O O   . LYS A 1 46  ? -19.776 -10.414 0.640   1.00 45.22  ? 46  LYS A O   1 
ATOM   353  C CB  . LYS A 1 46  ? -18.831 -12.779 2.316   1.00 47.43  ? 46  LYS A CB  1 
ATOM   354  C CG  . LYS A 1 46  ? -20.205 -13.039 2.901   1.00 56.75  ? 46  LYS A CG  1 
ATOM   355  C CD  . LYS A 1 46  ? -20.177 -12.818 4.410   1.00 65.36  ? 46  LYS A CD  1 
ATOM   356  C CE  . LYS A 1 46  ? -21.527 -13.112 5.050   1.00 70.02  ? 46  LYS A CE  1 
ATOM   357  N NZ  . LYS A 1 46  ? -21.913 -14.546 4.909   1.00 74.40  ? 46  LYS A NZ  1 
ATOM   358  N N   . VAL A 1 47  ? -20.835 -12.106 -0.411  1.00 42.14  ? 47  VAL A N   1 
ATOM   359  C CA  . VAL A 1 47  ? -21.930 -11.276 -0.915  1.00 38.01  ? 47  VAL A CA  1 
ATOM   360  C C   . VAL A 1 47  ? -23.128 -11.299 0.031   1.00 39.89  ? 47  VAL A C   1 
ATOM   361  O O   . VAL A 1 47  ? -23.515 -12.355 0.528   1.00 42.28  ? 47  VAL A O   1 
ATOM   362  C CB  . VAL A 1 47  ? -22.414 -11.762 -2.296  1.00 34.50  ? 47  VAL A CB  1 
ATOM   363  C CG1 . VAL A 1 47  ? -23.478 -10.825 -2.833  1.00 33.31  ? 47  VAL A CG1 1 
ATOM   364  C CG2 . VAL A 1 47  ? -21.255 -11.854 -3.268  1.00 33.27  ? 47  VAL A CG2 1 
ATOM   365  N N   . THR A 1 48  ? -23.742 -10.140 0.243   1.00 42.89  ? 48  THR A N   1 
ATOM   366  C CA  . THR A 1 48  ? -24.896 -10.054 1.130   1.00 48.76  ? 48  THR A CA  1 
ATOM   367  C C   . THR A 1 48  ? -25.964 -9.124  0.560   1.00 51.59  ? 48  THR A C   1 
ATOM   368  O O   . THR A 1 48  ? -25.913 -7.908  0.755   1.00 53.68  ? 48  THR A O   1 
ATOM   369  C CB  . THR A 1 48  ? -24.479 -9.566  2.528   1.00 50.62  ? 48  THR A CB  1 
ATOM   370  O OG1 . THR A 1 48  ? -23.484 -10.448 3.056   1.00 54.33  ? 48  THR A OG1 1 
ATOM   371  C CG2 . THR A 1 48  ? -25.675 -9.540  3.469   1.00 53.25  ? 48  THR A CG2 1 
ATOM   372  N N   . ASN A 1 49  ? -26.931 -9.708  -0.144  1.00 52.89  ? 49  ASN A N   1 
ATOM   373  C CA  . ASN A 1 49  ? -28.015 -8.944  -0.752  1.00 51.89  ? 49  ASN A CA  1 
ATOM   374  C C   . ASN A 1 49  ? -29.118 -8.658  0.240   1.00 53.79  ? 49  ASN A C   1 
ATOM   375  O O   . ASN A 1 49  ? -29.718 -9.572  0.801   1.00 58.36  ? 49  ASN A O   1 
ATOM   376  C CB  . ASN A 1 49  ? -28.587 -9.679  -1.965  1.00 50.07  ? 49  ASN A CB  1 
ATOM   377  C CG  . ASN A 1 49  ? -27.576 -9.816  -3.089  1.00 53.68  ? 49  ASN A CG  1 
ATOM   378  O OD1 . ASN A 1 49  ? -27.807 -10.523 -4.074  1.00 54.69  ? 49  ASN A OD1 1 
ATOM   379  N ND2 . ASN A 1 49  ? -26.442 -9.136  -2.946  1.00 55.21  ? 49  ASN A ND2 1 
ATOM   380  N N   . GLU A 1 50  ? -29.368 -7.378  0.470   1.00 55.15  ? 50  GLU A N   1 
ATOM   381  C CA  . GLU A 1 50  ? -30.407 -6.969  1.388   1.00 56.84  ? 50  GLU A CA  1 
ATOM   382  C C   . GLU A 1 50  ? -31.225 -5.848  0.778   1.00 54.15  ? 50  GLU A C   1 
ATOM   383  O O   . GLU A 1 50  ? -30.789 -4.696  0.731   1.00 57.21  ? 50  GLU A O   1 
ATOM   384  C CB  . GLU A 1 50  ? -29.816 -6.529  2.723   1.00 63.19  ? 50  GLU A CB  1 
ATOM   385  C CG  . GLU A 1 50  ? -30.881 -6.098  3.714   1.00 77.11  ? 50  GLU A CG  1 
ATOM   386  C CD  . GLU A 1 50  ? -30.403 -6.142  5.146   1.00 84.31  ? 50  GLU A CD  1 
ATOM   387  O OE1 . GLU A 1 50  ? -30.003 -5.081  5.671   1.00 87.91  ? 50  GLU A OE1 1 
ATOM   388  O OE2 . GLU A 1 50  ? -30.438 -7.240  5.746   1.00 89.30  ? 50  GLU A OE2 1 
ATOM   389  N N   . GLY A 1 51  ? -32.413 -6.206  0.303   1.00 50.80  ? 51  GLY A N   1 
ATOM   390  C CA  . GLY A 1 51  ? -33.298 -5.234  -0.308  1.00 46.26  ? 51  GLY A CA  1 
ATOM   391  C C   . GLY A 1 51  ? -32.769 -4.791  -1.651  1.00 42.50  ? 51  GLY A C   1 
ATOM   392  O O   . GLY A 1 51  ? -32.665 -5.594  -2.580  1.00 45.59  ? 51  GLY A O   1 
ATOM   393  N N   . THR A 1 52  ? -32.431 -3.510  -1.748  1.00 38.44  ? 52  THR A N   1 
ATOM   394  C CA  . THR A 1 52  ? -31.898 -2.940  -2.979  1.00 34.15  ? 52  THR A CA  1 
ATOM   395  C C   . THR A 1 52  ? -30.421 -2.615  -2.813  1.00 32.30  ? 52  THR A C   1 
ATOM   396  O O   . THR A 1 52  ? -29.897 -1.695  -3.445  1.00 31.87  ? 52  THR A O   1 
ATOM   397  C CB  . THR A 1 52  ? -32.631 -1.654  -3.349  1.00 35.02  ? 52  THR A CB  1 
ATOM   398  O OG1 . THR A 1 52  ? -32.643 -0.774  -2.215  1.00 35.33  ? 52  THR A OG1 1 
ATOM   399  C CG2 . THR A 1 52  ? -34.045 -1.963  -3.790  1.00 35.20  ? 52  THR A CG2 1 
ATOM   400  N N   . THR A 1 53  ? -29.754 -3.372  -1.953  1.00 30.01  ? 53  THR A N   1 
ATOM   401  C CA  . THR A 1 53  ? -28.343 -3.155  -1.706  1.00 31.90  ? 53  THR A CA  1 
ATOM   402  C C   . THR A 1 53  ? -27.614 -4.469  -1.564  1.00 33.39  ? 53  THR A C   1 
ATOM   403  O O   . THR A 1 53  ? -28.025 -5.340  -0.800  1.00 38.94  ? 53  THR A O   1 
ATOM   404  C CB  . THR A 1 53  ? -28.118 -2.338  -0.430  1.00 33.03  ? 53  THR A CB  1 
ATOM   405  O OG1 . THR A 1 53  ? -28.703 -1.041  -0.594  1.00 38.54  ? 53  THR A OG1 1 
ATOM   406  C CG2 . THR A 1 53  ? -26.628 -2.185  -0.148  1.00 38.33  ? 53  THR A CG2 1 
ATOM   407  N N   . SER A 1 54  ? -26.530 -4.599  -2.318  1.00 32.75  ? 54  SER A N   1 
ATOM   408  C CA  . SER A 1 54  ? -25.694 -5.791  -2.300  1.00 29.76  ? 54  SER A CA  1 
ATOM   409  C C   . SER A 1 54  ? -24.350 -5.375  -1.734  1.00 31.47  ? 54  SER A C   1 
ATOM   410  O O   . SER A 1 54  ? -23.832 -4.316  -2.085  1.00 30.33  ? 54  SER A O   1 
ATOM   411  C CB  . SER A 1 54  ? -25.499 -6.311  -3.717  1.00 25.52  ? 54  SER A CB  1 
ATOM   412  O OG  . SER A 1 54  ? -24.538 -7.345  -3.750  1.00 20.35  ? 54  SER A OG  1 
ATOM   413  N N   . THR A 1 55  ? -23.779 -6.202  -0.865  1.00 33.26  ? 55  THR A N   1 
ATOM   414  C CA  . THR A 1 55  ? -22.494 -5.867  -0.279  1.00 34.87  ? 55  THR A CA  1 
ATOM   415  C C   . THR A 1 55  ? -21.477 -6.983  -0.396  1.00 35.70  ? 55  THR A C   1 
ATOM   416  O O   . THR A 1 55  ? -21.690 -8.089  0.100   1.00 39.96  ? 55  THR A O   1 
ATOM   417  C CB  . THR A 1 55  ? -22.633 -5.477  1.193   1.00 35.35  ? 55  THR A CB  1 
ATOM   418  O OG1 . THR A 1 55  ? -23.485 -4.333  1.302   1.00 37.67  ? 55  THR A OG1 1 
ATOM   419  C CG2 . THR A 1 55  ? -21.278 -5.138  1.775   1.00 39.65  ? 55  THR A CG2 1 
ATOM   420  N N   . LEU A 1 56  ? -20.384 -6.693  -1.090  1.00 35.21  ? 56  LEU A N   1 
ATOM   421  C CA  . LEU A 1 56  ? -19.304 -7.651  -1.257  1.00 34.52  ? 56  LEU A CA  1 
ATOM   422  C C   . LEU A 1 56  ? -18.298 -7.333  -0.168  1.00 37.29  ? 56  LEU A C   1 
ATOM   423  O O   . LEU A 1 56  ? -17.751 -6.232  -0.130  1.00 39.23  ? 56  LEU A O   1 
ATOM   424  C CB  . LEU A 1 56  ? -18.648 -7.489  -2.623  1.00 32.13  ? 56  LEU A CB  1 
ATOM   425  C CG  . LEU A 1 56  ? -17.491 -8.453  -2.880  1.00 33.79  ? 56  LEU A CG  1 
ATOM   426  C CD1 . LEU A 1 56  ? -17.984 -9.879  -2.749  1.00 36.13  ? 56  LEU A CD1 1 
ATOM   427  C CD2 . LEU A 1 56  ? -16.914 -8.225  -4.266  1.00 34.14  ? 56  LEU A CD2 1 
ATOM   428  N N   . THR A 1 57  ? -18.070 -8.285  0.727   1.00 38.77  ? 57  THR A N   1 
ATOM   429  C CA  . THR A 1 57  ? -17.133 -8.062  1.814   1.00 40.86  ? 57  THR A CA  1 
ATOM   430  C C   . THR A 1 57  ? -15.908 -8.956  1.745   1.00 43.25  ? 57  THR A C   1 
ATOM   431  O O   . THR A 1 57  ? -16.013 -10.182 1.777   1.00 45.25  ? 57  THR A O   1 
ATOM   432  C CB  . THR A 1 57  ? -17.810 -8.237  3.177   1.00 39.38  ? 57  THR A CB  1 
ATOM   433  O OG1 . THR A 1 57  ? -18.949 -7.372  3.252   1.00 41.25  ? 57  THR A OG1 1 
ATOM   434  C CG2 . THR A 1 57  ? -16.843 -7.876  4.294   1.00 42.20  ? 57  THR A CG2 1 
ATOM   435  N N   . MET A 1 58  ? -14.746 -8.322  1.623   1.00 46.46  ? 58  MET A N   1 
ATOM   436  C CA  . MET A 1 58  ? -13.479 -9.036  1.566   1.00 48.89  ? 58  MET A CA  1 
ATOM   437  C C   . MET A 1 58  ? -12.801 -8.870  2.913   1.00 49.92  ? 58  MET A C   1 
ATOM   438  O O   . MET A 1 58  ? -12.535 -7.747  3.352   1.00 49.44  ? 58  MET A O   1 
ATOM   439  C CB  . MET A 1 58  ? -12.601 -8.469  0.457   1.00 49.44  ? 58  MET A CB  1 
ATOM   440  C CG  . MET A 1 58  ? -13.210 -8.637  -0.915  1.00 52.54  ? 58  MET A CG  1 
ATOM   441  S SD  . MET A 1 58  ? -12.415 -7.603  -2.132  1.00 56.60  ? 58  MET A SD  1 
ATOM   442  C CE  . MET A 1 58  ? -12.915 -5.989  -1.537  1.00 55.55  ? 58  MET A CE  1 
ATOM   443  N N   . ASN A 1 59  ? -12.560 -9.994  3.579   1.00 53.02  ? 59  ASN A N   1 
ATOM   444  C CA  . ASN A 1 59  ? -11.929 -9.994  4.891   1.00 55.30  ? 59  ASN A CA  1 
ATOM   445  C C   . ASN A 1 59  ? -11.283 -11.349 5.145   1.00 54.85  ? 59  ASN A C   1 
ATOM   446  O O   . ASN A 1 59  ? -11.970 -12.365 5.239   1.00 55.81  ? 59  ASN A O   1 
ATOM   447  C CB  . ASN A 1 59  ? -12.972 -9.694  5.972   1.00 57.35  ? 59  ASN A CB  1 
ATOM   448  C CG  . ASN A 1 59  ? -12.366 -9.539  7.356   1.00 61.09  ? 59  ASN A CG  1 
ATOM   449  O OD1 . ASN A 1 59  ? -13.085 -9.533  8.354   1.00 65.04  ? 59  ASN A OD1 1 
ATOM   450  N ND2 . ASN A 1 59  ? -11.046 -9.389  7.422   1.00 62.23  ? 59  ASN A ND2 1 
ATOM   451  N N   . PRO A 1 60  ? -9.943  -11.381 5.245   1.00 54.40  ? 60  PRO A N   1 
ATOM   452  C CA  . PRO A 1 60  ? -9.089  -10.196 5.126   1.00 52.50  ? 60  PRO A CA  1 
ATOM   453  C C   . PRO A 1 60  ? -8.709  -9.938  3.671   1.00 49.90  ? 60  PRO A C   1 
ATOM   454  O O   . PRO A 1 60  ? -8.737  -10.848 2.838   1.00 50.90  ? 60  PRO A O   1 
ATOM   455  C CB  . PRO A 1 60  ? -7.868  -10.597 5.941   1.00 54.52  ? 60  PRO A CB  1 
ATOM   456  C CG  . PRO A 1 60  ? -7.704  -12.041 5.540   1.00 53.82  ? 60  PRO A CG  1 
ATOM   457  C CD  . PRO A 1 60  ? -9.138  -12.573 5.580   1.00 54.38  ? 60  PRO A CD  1 
ATOM   458  N N   . VAL A 1 61  ? -8.354  -8.695  3.368   1.00 46.12  ? 61  VAL A N   1 
ATOM   459  C CA  . VAL A 1 61  ? -7.953  -8.340  2.015   1.00 43.27  ? 61  VAL A CA  1 
ATOM   460  C C   . VAL A 1 61  ? -6.626  -9.033  1.698   1.00 42.25  ? 61  VAL A C   1 
ATOM   461  O O   . VAL A 1 61  ? -5.753  -9.136  2.559   1.00 43.21  ? 61  VAL A O   1 
ATOM   462  C CB  . VAL A 1 61  ? -7.792  -6.815  1.871   1.00 41.78  ? 61  VAL A CB  1 
ATOM   463  C CG1 . VAL A 1 61  ? -7.441  -6.459  0.448   1.00 41.95  ? 61  VAL A CG1 1 
ATOM   464  C CG2 . VAL A 1 61  ? -9.066  -6.112  2.284   1.00 40.08  ? 61  VAL A CG2 1 
ATOM   465  N N   . SER A 1 62  ? -6.489  -9.531  0.474   1.00 41.00  ? 62  SER A N   1 
ATOM   466  C CA  . SER A 1 62  ? -5.268  -10.216 0.064   1.00 43.07  ? 62  SER A CA  1 
ATOM   467  C C   . SER A 1 62  ? -4.992  -9.953  -1.400  1.00 41.12  ? 62  SER A C   1 
ATOM   468  O O   . SER A 1 62  ? -5.730  -9.225  -2.055  1.00 42.65  ? 62  SER A O   1 
ATOM   469  C CB  . SER A 1 62  ? -5.418  -11.721 0.246   1.00 50.67  ? 62  SER A CB  1 
ATOM   470  O OG  . SER A 1 62  ? -6.203  -12.270 -0.807  1.00 57.73  ? 62  SER A OG  1 
ATOM   471  N N   . PHE A 1 63  ? -3.972  -10.616 -1.930  1.00 39.55  ? 63  PHE A N   1 
ATOM   472  C CA  . PHE A 1 63  ? -3.608  -10.447 -3.326  1.00 44.40  ? 63  PHE A CA  1 
ATOM   473  C C   . PHE A 1 63  ? -4.699  -10.949 -4.256  1.00 45.54  ? 63  PHE A C   1 
ATOM   474  O O   . PHE A 1 63  ? -4.721  -10.615 -5.441  1.00 45.70  ? 63  PHE A O   1 
ATOM   475  C CB  . PHE A 1 63  ? -2.291  -11.156 -3.615  1.00 47.75  ? 63  PHE A CB  1 
ATOM   476  C CG  . PHE A 1 63  ? -1.123  -10.570 -2.878  1.00 52.07  ? 63  PHE A CG  1 
ATOM   477  C CD1 . PHE A 1 63  ? -0.631  -9.313  -3.218  1.00 52.72  ? 63  PHE A CD1 1 
ATOM   478  C CD2 . PHE A 1 63  ? -0.519  -11.268 -1.837  1.00 54.17  ? 63  PHE A CD2 1 
ATOM   479  C CE1 . PHE A 1 63  ? 0.446   -8.757  -2.532  1.00 51.90  ? 63  PHE A CE1 1 
ATOM   480  C CE2 . PHE A 1 63  ? 0.560   -10.719 -1.144  1.00 53.71  ? 63  PHE A CE2 1 
ATOM   481  C CZ  . PHE A 1 63  ? 1.042   -9.462  -1.494  1.00 52.75  ? 63  PHE A CZ  1 
ATOM   482  N N   . GLY A 1 64  ? -5.612  -11.741 -3.701  1.00 47.38  ? 64  GLY A N   1 
ATOM   483  C CA  . GLY A 1 64  ? -6.711  -12.278 -4.481  1.00 50.14  ? 64  GLY A CA  1 
ATOM   484  C C   . GLY A 1 64  ? -7.810  -11.257 -4.696  1.00 49.03  ? 64  GLY A C   1 
ATOM   485  O O   . GLY A 1 64  ? -8.696  -11.450 -5.528  1.00 51.53  ? 64  GLY A O   1 
ATOM   486  N N   . ASN A 1 65  ? -7.748  -10.166 -3.942  1.00 44.52  ? 65  ASN A N   1 
ATOM   487  C CA  . ASN A 1 65  ? -8.737  -9.107  -4.048  1.00 40.88  ? 65  ASN A CA  1 
ATOM   488  C C   . ASN A 1 65  ? -8.275  -7.963  -4.941  1.00 40.25  ? 65  ASN A C   1 
ATOM   489  O O   . ASN A 1 65  ? -8.973  -6.960  -5.090  1.00 38.88  ? 65  ASN A O   1 
ATOM   490  C CB  . ASN A 1 65  ? -9.075  -8.575  -2.662  1.00 40.74  ? 65  ASN A CB  1 
ATOM   491  C CG  . ASN A 1 65  ? -9.595  -9.655  -1.744  1.00 42.75  ? 65  ASN A CG  1 
ATOM   492  O OD1 . ASN A 1 65  ? -9.209  -9.736  -0.577  1.00 45.60  ? 65  ASN A OD1 1 
ATOM   493  N ND2 . ASN A 1 65  ? -10.478 -10.499 -2.267  1.00 43.69  ? 65  ASN A ND2 1 
ATOM   494  N N   . GLU A 1 66  ? -7.104  -8.117  -5.548  1.00 39.56  ? 66  GLU A N   1 
ATOM   495  C CA  . GLU A 1 66  ? -6.580  -7.074  -6.413  1.00 42.21  ? 66  GLU A CA  1 
ATOM   496  C C   . GLU A 1 66  ? -7.153  -7.185  -7.819  1.00 41.35  ? 66  GLU A C   1 
ATOM   497  O O   . GLU A 1 66  ? -6.461  -7.582  -8.758  1.00 42.01  ? 66  GLU A O   1 
ATOM   498  C CB  . GLU A 1 66  ? -5.054  -7.122  -6.446  1.00 47.45  ? 66  GLU A CB  1 
ATOM   499  C CG  . GLU A 1 66  ? -4.425  -5.940  -7.160  1.00 55.94  ? 66  GLU A CG  1 
ATOM   500  C CD  . GLU A 1 66  ? -2.918  -5.897  -7.018  1.00 61.20  ? 66  GLU A CD  1 
ATOM   501  O OE1 . GLU A 1 66  ? -2.281  -6.975  -7.048  1.00 65.25  ? 66  GLU A OE1 1 
ATOM   502  O OE2 . GLU A 1 66  ? -2.375  -4.779  -6.874  1.00 65.21  ? 66  GLU A OE2 1 
ATOM   503  N N   . HIS A 1 67  ? -8.435  -6.853  -7.946  1.00 40.78  ? 67  HIS A N   1 
ATOM   504  C CA  . HIS A 1 67  ? -9.126  -6.900  -9.233  1.00 40.80  ? 67  HIS A CA  1 
ATOM   505  C C   . HIS A 1 67  ? -10.058 -5.709  -9.352  1.00 40.16  ? 67  HIS A C   1 
ATOM   506  O O   . HIS A 1 67  ? -10.135 -4.857  -8.460  1.00 40.28  ? 67  HIS A O   1 
ATOM   507  C CB  . HIS A 1 67  ? -10.020 -8.138  -9.341  1.00 41.15  ? 67  HIS A CB  1 
ATOM   508  C CG  . HIS A 1 67  ? -9.306  -9.436  -9.168  1.00 40.77  ? 67  HIS A CG  1 
ATOM   509  N ND1 . HIS A 1 67  ? -8.649  -10.068 -10.201 1.00 41.24  ? 67  HIS A ND1 1 
ATOM   510  C CD2 . HIS A 1 67  ? -9.196  -10.254 -8.094  1.00 40.63  ? 67  HIS A CD2 1 
ATOM   511  C CE1 . HIS A 1 67  ? -8.170  -11.222 -9.771  1.00 45.31  ? 67  HIS A CE1 1 
ATOM   512  N NE2 . HIS A 1 67  ? -8.486  -11.359 -8.496  1.00 43.98  ? 67  HIS A NE2 1 
ATOM   513  N N   . SER A 1 68  ? -10.760 -5.662  -10.477 1.00 39.35  ? 68  SER A N   1 
ATOM   514  C CA  . SER A 1 68  ? -11.756 -4.635  -10.710 1.00 40.55  ? 68  SER A CA  1 
ATOM   515  C C   . SER A 1 68  ? -13.049 -5.418  -10.590 1.00 38.90  ? 68  SER A C   1 
ATOM   516  O O   . SER A 1 68  ? -13.340 -6.276  -11.430 1.00 40.52  ? 68  SER A O   1 
ATOM   517  C CB  . SER A 1 68  ? -11.620 -4.031  -12.105 1.00 43.98  ? 68  SER A CB  1 
ATOM   518  O OG  . SER A 1 68  ? -10.499 -3.168  -12.167 1.00 55.35  ? 68  SER A OG  1 
ATOM   519  N N   . TYR A 1 69  ? -13.752 -5.209  -9.480  1.00 35.71  ? 69  TYR A N   1 
ATOM   520  C CA  . TYR A 1 69  ? -15.012 -5.888  -9.219  1.00 33.65  ? 69  TYR A CA  1 
ATOM   521  C C   . TYR A 1 69  ? -16.175 -5.250  -9.964  1.00 34.85  ? 69  TYR A C   1 
ATOM   522  O O   . TYR A 1 69  ? -16.325 -4.026  -9.970  1.00 35.71  ? 69  TYR A O   1 
ATOM   523  C CB  . TYR A 1 69  ? -15.283 -5.933  -7.719  1.00 33.79  ? 69  TYR A CB  1 
ATOM   524  C CG  . TYR A 1 69  ? -14.347 -6.870  -7.000  1.00 38.71  ? 69  TYR A CG  1 
ATOM   525  C CD1 . TYR A 1 69  ? -14.630 -8.232  -6.910  1.00 41.73  ? 69  TYR A CD1 1 
ATOM   526  C CD2 . TYR A 1 69  ? -13.162 -6.409  -6.437  1.00 38.97  ? 69  TYR A CD2 1 
ATOM   527  C CE1 . TYR A 1 69  ? -13.757 -9.107  -6.280  1.00 41.49  ? 69  TYR A CE1 1 
ATOM   528  C CE2 . TYR A 1 69  ? -12.283 -7.278  -5.804  1.00 39.52  ? 69  TYR A CE2 1 
ATOM   529  C CZ  . TYR A 1 69  ? -12.588 -8.624  -5.730  1.00 40.15  ? 69  TYR A CZ  1 
ATOM   530  O OH  . TYR A 1 69  ? -11.725 -9.491  -5.104  1.00 44.99  ? 69  TYR A OH  1 
ATOM   531  N N   . LEU A 1 70  ? -16.977 -6.094  -10.610 1.00 35.41  ? 70  LEU A N   1 
ATOM   532  C CA  . LEU A 1 70  ? -18.130 -5.657  -11.387 1.00 33.62  ? 70  LEU A CA  1 
ATOM   533  C C   . LEU A 1 70  ? -19.468 -6.062  -10.784 1.00 32.12  ? 70  LEU A C   1 
ATOM   534  O O   . LEU A 1 70  ? -19.780 -7.253  -10.676 1.00 34.10  ? 70  LEU A O   1 
ATOM   535  C CB  . LEU A 1 70  ? -18.035 -6.211  -12.807 1.00 34.20  ? 70  LEU A CB  1 
ATOM   536  C CG  . LEU A 1 70  ? -16.997 -5.514  -13.676 1.00 39.66  ? 70  LEU A CG  1 
ATOM   537  C CD1 . LEU A 1 70  ? -16.546 -6.412  -14.809 1.00 41.80  ? 70  LEU A CD1 1 
ATOM   538  C CD2 . LEU A 1 70  ? -17.591 -4.225  -14.201 1.00 45.67  ? 70  LEU A CD2 1 
ATOM   539  N N   . CYS A 1 71  ? -20.247 -5.062  -10.382 1.00 29.30  ? 71  CYS A N   1 
ATOM   540  C CA  . CYS A 1 71  ? -21.574 -5.299  -9.832  1.00 27.22  ? 71  CYS A CA  1 
ATOM   541  C C   . CYS A 1 71  ? -22.582 -5.238  -10.967 1.00 27.96  ? 71  CYS A C   1 
ATOM   542  O O   . CYS A 1 71  ? -22.555 -4.320  -11.792 1.00 31.33  ? 71  CYS A O   1 
ATOM   543  C CB  . CYS A 1 71  ? -21.941 -4.254  -8.791  1.00 24.89  ? 71  CYS A CB  1 
ATOM   544  S SG  . CYS A 1 71  ? -23.719 -4.285  -8.418  1.00 22.91  ? 71  CYS A SG  1 
ATOM   545  N N   . THR A 1 72  ? -23.475 -6.215  -11.007 1.00 28.00  ? 72  THR A N   1 
ATOM   546  C CA  . THR A 1 72  ? -24.485 -6.268  -12.050 1.00 26.00  ? 72  THR A CA  1 
ATOM   547  C C   . THR A 1 72  ? -25.859 -6.351  -11.416 1.00 26.58  ? 72  THR A C   1 
ATOM   548  O O   . THR A 1 72  ? -26.128 -7.246  -10.615 1.00 30.09  ? 72  THR A O   1 
ATOM   549  C CB  . THR A 1 72  ? -24.282 -7.484  -12.952 1.00 23.43  ? 72  THR A CB  1 
ATOM   550  O OG1 . THR A 1 72  ? -22.962 -7.438  -13.507 1.00 29.76  ? 72  THR A OG1 1 
ATOM   551  C CG2 . THR A 1 72  ? -25.301 -7.493  -14.072 1.00 17.83  ? 72  THR A CG2 1 
ATOM   552  N N   . ALA A 1 73  ? -26.721 -5.404  -11.764 1.00 24.81  ? 73  ALA A N   1 
ATOM   553  C CA  . ALA A 1 73  ? -28.074 -5.381  -11.225 1.00 25.60  ? 73  ALA A CA  1 
ATOM   554  C C   . ALA A 1 73  ? -29.086 -5.617  -12.328 1.00 26.06  ? 73  ALA A C   1 
ATOM   555  O O   . ALA A 1 73  ? -29.127 -4.886  -13.314 1.00 27.48  ? 73  ALA A O   1 
ATOM   556  C CB  . ALA A 1 73  ? -28.344 -4.063  -10.543 1.00 25.40  ? 73  ALA A CB  1 
ATOM   557  N N   . THR A 1 74  ? -29.878 -6.668  -12.172 1.00 28.65  ? 74  THR A N   1 
ATOM   558  C CA  . THR A 1 74  ? -30.900 -6.985  -13.153 1.00 28.47  ? 74  THR A CA  1 
ATOM   559  C C   . THR A 1 74  ? -32.261 -6.658  -12.566 1.00 32.45  ? 74  THR A C   1 
ATOM   560  O O   . THR A 1 74  ? -32.548 -6.993  -11.415 1.00 35.32  ? 74  THR A O   1 
ATOM   561  C CB  . THR A 1 74  ? -30.869 -8.467  -13.540 1.00 26.03  ? 74  THR A CB  1 
ATOM   562  O OG1 . THR A 1 74  ? -29.629 -8.759  -14.191 1.00 25.11  ? 74  THR A OG1 1 
ATOM   563  C CG2 . THR A 1 74  ? -32.013 -8.794  -14.484 1.00 25.16  ? 74  THR A CG2 1 
ATOM   564  N N   . CYS A 1 75  ? -33.078 -5.956  -13.342 1.00 34.67  ? 75  CYS A N   1 
ATOM   565  C CA  . CYS A 1 75  ? -34.420 -5.604  -12.908 1.00 34.31  ? 75  CYS A CA  1 
ATOM   566  C C   . CYS A 1 75  ? -35.349 -6.051  -14.021 1.00 37.19  ? 75  CYS A C   1 
ATOM   567  O O   . CYS A 1 75  ? -35.545 -5.344  -15.006 1.00 40.42  ? 75  CYS A O   1 
ATOM   568  C CB  . CYS A 1 75  ? -34.536 -4.110  -12.673 1.00 24.67  ? 75  CYS A CB  1 
ATOM   569  S SG  . CYS A 1 75  ? -36.068 -3.706  -11.802 1.00 19.27  ? 75  CYS A SG  1 
ATOM   570  N N   . GLU A 1 76  ? -35.882 -7.256  -13.866 1.00 42.00  ? 76  GLU A N   1 
ATOM   571  C CA  . GLU A 1 76  ? -36.759 -7.863  -14.855 1.00 49.00  ? 76  GLU A CA  1 
ATOM   572  C C   . GLU A 1 76  ? -35.987 -8.148  -16.130 1.00 50.05  ? 76  GLU A C   1 
ATOM   573  O O   . GLU A 1 76  ? -35.263 -9.135  -16.206 1.00 54.81  ? 76  GLU A O   1 
ATOM   574  C CB  . GLU A 1 76  ? -37.984 -6.998  -15.148 1.00 54.76  ? 76  GLU A CB  1 
ATOM   575  C CG  . GLU A 1 76  ? -39.096 -7.164  -14.137 1.00 67.17  ? 76  GLU A CG  1 
ATOM   576  C CD  . GLU A 1 76  ? -40.414 -6.604  -14.632 1.00 80.39  ? 76  GLU A CD  1 
ATOM   577  O OE1 . GLU A 1 76  ? -40.419 -5.523  -15.273 1.00 86.04  ? 76  GLU A OE1 1 
ATOM   578  O OE2 . GLU A 1 76  ? -41.454 -7.252  -14.383 1.00 87.14  ? 76  GLU A OE2 1 
ATOM   579  N N   . SER A 1 77  ? -36.091 -7.265  -17.112 1.00 50.53  ? 77  SER A N   1 
ATOM   580  C CA  . SER A 1 77  ? -35.392 -7.486  -18.369 1.00 54.49  ? 77  SER A CA  1 
ATOM   581  C C   . SER A 1 77  ? -34.185 -6.582  -18.580 1.00 54.74  ? 77  SER A C   1 
ATOM   582  O O   . SER A 1 77  ? -33.386 -6.815  -19.484 1.00 56.80  ? 77  SER A O   1 
ATOM   583  C CB  . SER A 1 77  ? -36.366 -7.329  -19.532 1.00 58.01  ? 77  SER A CB  1 
ATOM   584  O OG  . SER A 1 77  ? -37.063 -6.096  -19.435 1.00 65.18  ? 77  SER A OG  1 
ATOM   585  N N   . ARG A 1 78  ? -34.033 -5.579  -17.723 1.00 52.82  ? 78  ARG A N   1 
ATOM   586  C CA  . ARG A 1 78  ? -32.931 -4.631  -17.844 1.00 54.67  ? 78  ARG A CA  1 
ATOM   587  C C   . ARG A 1 78  ? -31.745 -4.919  -16.934 1.00 54.38  ? 78  ARG A C   1 
ATOM   588  O O   . ARG A 1 78  ? -31.920 -5.321  -15.787 1.00 57.10  ? 78  ARG A O   1 
ATOM   589  C CB  . ARG A 1 78  ? -33.457 -3.220  -17.604 1.00 60.05  ? 78  ARG A CB  1 
ATOM   590  C CG  . ARG A 1 78  ? -34.640 -2.916  -18.489 1.00 63.33  ? 78  ARG A CG  1 
ATOM   591  C CD  . ARG A 1 78  ? -35.144 -1.502  -18.364 1.00 69.36  ? 78  ARG A CD  1 
ATOM   592  N NE  . ARG A 1 78  ? -36.390 -1.373  -19.115 1.00 78.79  ? 78  ARG A NE  1 
ATOM   593  C CZ  . ARG A 1 78  ? -36.999 -0.227  -19.394 1.00 81.71  ? 78  ARG A CZ  1 
ATOM   594  N NH1 . ARG A 1 78  ? -36.483 0.927   -18.984 1.00 83.32  ? 78  ARG A NH1 1 
ATOM   595  N NH2 . ARG A 1 78  ? -38.140 -0.238  -20.076 1.00 83.65  ? 78  ARG A NH2 1 
ATOM   596  N N   . LYS A 1 79  ? -30.537 -4.738  -17.469 1.00 53.41  ? 79  LYS A N   1 
ATOM   597  C CA  . LYS A 1 79  ? -29.307 -4.957  -16.707 1.00 50.06  ? 79  LYS A CA  1 
ATOM   598  C C   . LYS A 1 79  ? -28.464 -3.695  -16.692 1.00 44.98  ? 79  LYS A C   1 
ATOM   599  O O   . LYS A 1 79  ? -28.402 -2.963  -17.681 1.00 44.52  ? 79  LYS A O   1 
ATOM   600  C CB  . LYS A 1 79  ? -28.437 -6.058  -17.325 1.00 55.23  ? 79  LYS A CB  1 
ATOM   601  C CG  . LYS A 1 79  ? -29.067 -7.424  -17.479 1.00 64.48  ? 79  LYS A CG  1 
ATOM   602  C CD  . LYS A 1 79  ? -28.012 -8.425  -17.949 1.00 69.94  ? 79  LYS A CD  1 
ATOM   603  C CE  . LYS A 1 79  ? -28.633 -9.651  -18.608 1.00 78.74  ? 79  LYS A CE  1 
ATOM   604  N NZ  . LYS A 1 79  ? -29.577 -10.385 -17.720 1.00 85.06  ? 79  LYS A NZ  1 
ATOM   605  N N   . LEU A 1 80  ? -27.797 -3.464  -15.570 1.00 40.99  ? 80  LEU A N   1 
ATOM   606  C CA  . LEU A 1 80  ? -26.902 -2.327  -15.412 1.00 38.05  ? 80  LEU A CA  1 
ATOM   607  C C   . LEU A 1 80  ? -25.623 -2.872  -14.805 1.00 37.79  ? 80  LEU A C   1 
ATOM   608  O O   . LEU A 1 80  ? -25.651 -3.772  -13.964 1.00 39.87  ? 80  LEU A O   1 
ATOM   609  C CB  . LEU A 1 80  ? -27.499 -1.253  -14.508 1.00 36.28  ? 80  LEU A CB  1 
ATOM   610  C CG  . LEU A 1 80  ? -28.678 -0.470  -15.082 1.00 32.54  ? 80  LEU A CG  1 
ATOM   611  C CD1 . LEU A 1 80  ? -28.989 0.708   -14.167 1.00 33.14  ? 80  LEU A CD1 1 
ATOM   612  C CD2 . LEU A 1 80  ? -28.345 0.022   -16.478 1.00 29.56  ? 80  LEU A CD2 1 
ATOM   613  N N   . GLU A 1 81  ? -24.497 -2.328  -15.232 1.00 36.85  ? 81  GLU A N   1 
ATOM   614  C CA  . GLU A 1 81  ? -23.222 -2.804  -14.741 1.00 36.22  ? 81  GLU A CA  1 
ATOM   615  C C   . GLU A 1 81  ? -22.379 -1.633  -14.286 1.00 34.45  ? 81  GLU A C   1 
ATOM   616  O O   . GLU A 1 81  ? -22.458 -0.543  -14.852 1.00 37.93  ? 81  GLU A O   1 
ATOM   617  C CB  . GLU A 1 81  ? -22.526 -3.559  -15.865 1.00 39.70  ? 81  GLU A CB  1 
ATOM   618  C CG  . GLU A 1 81  ? -21.430 -4.493  -15.426 1.00 52.16  ? 81  GLU A CG  1 
ATOM   619  C CD  . GLU A 1 81  ? -20.969 -5.379  -16.563 1.00 57.03  ? 81  GLU A CD  1 
ATOM   620  O OE1 . GLU A 1 81  ? -19.995 -5.008  -17.251 1.00 62.44  ? 81  GLU A OE1 1 
ATOM   621  O OE2 . GLU A 1 81  ? -21.593 -6.442  -16.776 1.00 59.79  ? 81  GLU A OE2 1 
ATOM   622  N N   . LYS A 1 82  ? -21.597 -1.849  -13.237 1.00 32.91  ? 82  LYS A N   1 
ATOM   623  C CA  . LYS A 1 82  ? -20.723 -0.806  -12.722 1.00 30.71  ? 82  LYS A CA  1 
ATOM   624  C C   . LYS A 1 82  ? -19.581 -1.461  -11.957 1.00 28.50  ? 82  LYS A C   1 
ATOM   625  O O   . LYS A 1 82  ? -19.806 -2.330  -11.112 1.00 29.01  ? 82  LYS A O   1 
ATOM   626  C CB  . LYS A 1 82  ? -21.498 0.162   -11.828 1.00 26.78  ? 82  LYS A CB  1 
ATOM   627  C CG  . LYS A 1 82  ? -20.799 1.488   -11.618 1.00 29.46  ? 82  LYS A CG  1 
ATOM   628  C CD  . LYS A 1 82  ? -21.734 2.505   -10.982 1.00 36.47  ? 82  LYS A CD  1 
ATOM   629  C CE  . LYS A 1 82  ? -21.142 3.907   -10.999 1.00 40.25  ? 82  LYS A CE  1 
ATOM   630  N NZ  . LYS A 1 82  ? -19.834 3.965   -10.291 1.00 46.77  ? 82  LYS A NZ  1 
ATOM   631  N N   . GLY A 1 83  ? -18.355 -1.077  -12.296 1.00 28.68  ? 83  GLY A N   1 
ATOM   632  C CA  . GLY A 1 83  ? -17.200 -1.656  -11.638 1.00 31.00  ? 83  GLY A CA  1 
ATOM   633  C C   . GLY A 1 83  ? -16.542 -0.771  -10.601 1.00 32.56  ? 83  GLY A C   1 
ATOM   634  O O   . GLY A 1 83  ? -16.821 0.426   -10.514 1.00 35.87  ? 83  GLY A O   1 
ATOM   635  N N   . ILE A 1 84  ? -15.705 -1.391  -9.778  1.00 34.56  ? 84  ILE A N   1 
ATOM   636  C CA  . ILE A 1 84  ? -14.954 -0.699  -8.739  1.00 37.00  ? 84  ILE A CA  1 
ATOM   637  C C   . ILE A 1 84  ? -13.573 -1.331  -8.748  1.00 42.96  ? 84  ILE A C   1 
ATOM   638  O O   . ILE A 1 84  ? -13.428 -2.531  -8.517  1.00 47.19  ? 84  ILE A O   1 
ATOM   639  C CB  . ILE A 1 84  ? -15.566 -0.896  -7.341  1.00 31.88  ? 84  ILE A CB  1 
ATOM   640  C CG1 . ILE A 1 84  ? -16.964 -0.284  -7.277  1.00 32.70  ? 84  ILE A CG1 1 
ATOM   641  C CG2 . ILE A 1 84  ? -14.669 -0.263  -6.292  1.00 27.51  ? 84  ILE A CG2 1 
ATOM   642  C CD1 . ILE A 1 84  ? -17.679 -0.546  -5.964  1.00 35.99  ? 84  ILE A CD1 1 
ATOM   643  N N   . GLN A 1 85  ? -12.564 -0.531  -9.063  1.00 47.76  ? 85  GLN A N   1 
ATOM   644  C CA  . GLN A 1 85  ? -11.203 -1.032  -9.110  1.00 48.41  ? 85  GLN A CA  1 
ATOM   645  C C   . GLN A 1 85  ? -10.605 -1.053  -7.712  1.00 44.40  ? 85  GLN A C   1 
ATOM   646  O O   . GLN A 1 85  ? -10.518 -0.021  -7.047  1.00 43.97  ? 85  GLN A O   1 
ATOM   647  C CB  . GLN A 1 85  ? -10.360 -0.163  -10.038 1.00 56.05  ? 85  GLN A CB  1 
ATOM   648  C CG  . GLN A 1 85  ? -8.947  -0.665  -10.235 1.00 68.20  ? 85  GLN A CG  1 
ATOM   649  C CD  . GLN A 1 85  ? -8.065  0.322   -10.978 1.00 77.17  ? 85  GLN A CD  1 
ATOM   650  O OE1 . GLN A 1 85  ? -6.995  -0.041  -11.465 1.00 84.37  ? 85  GLN A OE1 1 
ATOM   651  N NE2 . GLN A 1 85  ? -8.501  1.584   -11.059 1.00 80.26  ? 85  GLN A NE2 1 
ATOM   652  N N   . VAL A 1 86  ? -10.221 -2.240  -7.262  1.00 41.03  ? 86  VAL A N   1 
ATOM   653  C CA  . VAL A 1 86  ? -9.628  -2.386  -5.942  1.00 38.13  ? 86  VAL A CA  1 
ATOM   654  C C   . VAL A 1 86  ? -8.124  -2.573  -6.031  1.00 38.28  ? 86  VAL A C   1 
ATOM   655  O O   . VAL A 1 86  ? -7.637  -3.486  -6.705  1.00 37.10  ? 86  VAL A O   1 
ATOM   656  C CB  . VAL A 1 86  ? -10.226 -3.571  -5.179  1.00 34.19  ? 86  VAL A CB  1 
ATOM   657  C CG1 . VAL A 1 86  ? -9.562  -3.707  -3.829  1.00 29.99  ? 86  VAL A CG1 1 
ATOM   658  C CG2 . VAL A 1 86  ? -11.712 -3.368  -5.005  1.00 35.66  ? 86  VAL A CG2 1 
ATOM   659  N N   . GLU A 1 87  ? -7.399  -1.679  -5.367  1.00 38.86  ? 87  GLU A N   1 
ATOM   660  C CA  . GLU A 1 87  ? -5.945  -1.728  -5.339  1.00 41.26  ? 87  GLU A CA  1 
ATOM   661  C C   . GLU A 1 87  ? -5.511  -1.994  -3.912  1.00 41.72  ? 87  GLU A C   1 
ATOM   662  O O   . GLU A 1 87  ? -6.061  -1.422  -2.966  1.00 42.62  ? 87  GLU A O   1 
ATOM   663  C CB  . GLU A 1 87  ? -5.344  -0.408  -5.824  1.00 45.47  ? 87  GLU A CB  1 
ATOM   664  C CG  . GLU A 1 87  ? -5.735  -0.039  -7.242  1.00 54.15  ? 87  GLU A CG  1 
ATOM   665  C CD  . GLU A 1 87  ? -4.902  1.093   -7.802  1.00 60.63  ? 87  GLU A CD  1 
ATOM   666  O OE1 . GLU A 1 87  ? -5.085  2.253   -7.365  1.00 63.23  ? 87  GLU A OE1 1 
ATOM   667  O OE2 . GLU A 1 87  ? -4.060  0.819   -8.686  1.00 67.14  ? 87  GLU A OE2 1 
ATOM   668  N N   . ILE A 1 88  ? -4.532  -2.878  -3.760  1.00 41.59  ? 88  ILE A N   1 
ATOM   669  C CA  . ILE A 1 88  ? -4.033  -3.231  -2.439  1.00 39.38  ? 88  ILE A CA  1 
ATOM   670  C C   . ILE A 1 88  ? -2.613  -2.745  -2.223  1.00 39.91  ? 88  ILE A C   1 
ATOM   671  O O   . ILE A 1 88  ? -1.897  -2.437  -3.180  1.00 40.93  ? 88  ILE A O   1 
ATOM   672  C CB  . ILE A 1 88  ? -4.070  -4.748  -2.218  1.00 37.24  ? 88  ILE A CB  1 
ATOM   673  C CG1 . ILE A 1 88  ? -3.272  -5.453  -3.311  1.00 34.48  ? 88  ILE A CG1 1 
ATOM   674  C CG2 . ILE A 1 88  ? -5.504  -5.243  -2.223  1.00 32.25  ? 88  ILE A CG2 1 
ATOM   675  C CD1 . ILE A 1 88  ? -3.195  -6.933  -3.123  1.00 34.68  ? 88  ILE A CD1 1 
ATOM   676  N N   . TYR A 1 89  ? -2.208  -2.683  -0.958  1.00 38.96  ? 89  TYR A N   1 
ATOM   677  C CA  . TYR A 1 89  ? -0.866  -2.245  -0.616  1.00 39.30  ? 89  TYR A CA  1 
ATOM   678  C C   . TYR A 1 89  ? -0.477  -2.707  0.788   1.00 40.93  ? 89  TYR A C   1 
ATOM   679  O O   . TYR A 1 89  ? -1.336  -2.887  1.661   1.00 40.68  ? 89  TYR A O   1 
ATOM   680  C CB  . TYR A 1 89  ? -0.763  -0.716  -0.713  1.00 36.58  ? 89  TYR A CB  1 
ATOM   681  C CG  . TYR A 1 89  ? -1.370  0.014   0.463   1.00 35.89  ? 89  TYR A CG  1 
ATOM   682  C CD1 . TYR A 1 89  ? -2.724  0.325   0.493   1.00 35.88  ? 89  TYR A CD1 1 
ATOM   683  C CD2 . TYR A 1 89  ? -0.592  0.349   1.571   1.00 37.40  ? 89  TYR A CD2 1 
ATOM   684  C CE1 . TYR A 1 89  ? -3.292  0.948   1.602   1.00 36.73  ? 89  TYR A CE1 1 
ATOM   685  C CE2 . TYR A 1 89  ? -1.146  0.964   2.683   1.00 37.57  ? 89  TYR A CE2 1 
ATOM   686  C CZ  . TYR A 1 89  ? -2.496  1.258   2.696   1.00 38.16  ? 89  TYR A CZ  1 
ATOM   687  O OH  . TYR A 1 89  ? -3.049  1.826   3.820   1.00 44.25  ? 89  TYR A OH  1 
ATOM   688  N N   . SER A 1 90  ? 0.824   -2.896  0.991   1.00 40.37  ? 90  SER A N   1 
ATOM   689  C CA  . SER A 1 90  ? 1.360   -3.306  2.281   1.00 39.63  ? 90  SER A CA  1 
ATOM   690  C C   . SER A 1 90  ? 2.489   -2.363  2.696   1.00 37.91  ? 90  SER A C   1 
ATOM   691  O O   . SER A 1 90  ? 3.500   -2.236  1.998   1.00 39.18  ? 90  SER A O   1 
ATOM   692  C CB  . SER A 1 90  ? 1.870   -4.748  2.233   1.00 40.97  ? 90  SER A CB  1 
ATOM   693  O OG  . SER A 1 90  ? 2.329   -5.162  3.513   1.00 35.63  ? 90  SER A OG  1 
ATOM   694  N N   . PHE A 1 91  ? 2.300   -1.709  3.838   1.00 32.69  ? 91  PHE A N   1 
ATOM   695  C CA  . PHE A 1 91  ? 3.268   -0.768  4.398   1.00 31.75  ? 91  PHE A CA  1 
ATOM   696  C C   . PHE A 1 91  ? 2.992   -0.778  5.903   1.00 34.19  ? 91  PHE A C   1 
ATOM   697  O O   . PHE A 1 91  ? 2.725   0.262   6.506   1.00 36.20  ? 91  PHE A O   1 
ATOM   698  C CB  . PHE A 1 91  ? 2.987   0.619   3.828   1.00 29.92  ? 91  PHE A CB  1 
ATOM   699  C CG  . PHE A 1 91  ? 4.148   1.557   3.894   1.00 29.28  ? 91  PHE A CG  1 
ATOM   700  C CD1 . PHE A 1 91  ? 5.448   1.092   3.725   1.00 31.29  ? 91  PHE A CD1 1 
ATOM   701  C CD2 . PHE A 1 91  ? 3.942   2.917   4.081   1.00 26.63  ? 91  PHE A CD2 1 
ATOM   702  C CE1 . PHE A 1 91  ? 6.526   1.974   3.738   1.00 27.74  ? 91  PHE A CE1 1 
ATOM   703  C CE2 . PHE A 1 91  ? 5.011   3.804   4.095   1.00 26.65  ? 91  PHE A CE2 1 
ATOM   704  C CZ  . PHE A 1 91  ? 6.307   3.332   3.923   1.00 26.63  ? 91  PHE A CZ  1 
ATOM   705  N N   . PRO A 1 92  ? 3.100   -1.961  6.534   1.00 34.56  ? 92  PRO A N   1 
ATOM   706  C CA  . PRO A 1 92  ? 2.854   -2.173  7.963   1.00 35.42  ? 92  PRO A CA  1 
ATOM   707  C C   . PRO A 1 92  ? 3.776   -1.547  8.991   1.00 39.01  ? 92  PRO A C   1 
ATOM   708  O O   . PRO A 1 92  ? 3.304   -0.985  9.980   1.00 42.08  ? 92  PRO A O   1 
ATOM   709  C CB  . PRO A 1 92  ? 2.878   -3.692  8.078   1.00 35.17  ? 92  PRO A CB  1 
ATOM   710  C CG  . PRO A 1 92  ? 3.932   -4.070  7.097   1.00 32.38  ? 92  PRO A CG  1 
ATOM   711  C CD  . PRO A 1 92  ? 3.578   -3.210  5.906   1.00 32.04  ? 92  PRO A CD  1 
ATOM   712  N N   . LYS A 1 93  ? 5.083   -1.651  8.774   1.00 41.04  ? 93  LYS A N   1 
ATOM   713  C CA  . LYS A 1 93  ? 6.031   -1.138  9.752   1.00 42.71  ? 93  LYS A CA  1 
ATOM   714  C C   . LYS A 1 93  ? 7.089   -0.149  9.300   1.00 40.59  ? 93  LYS A C   1 
ATOM   715  O O   . LYS A 1 93  ? 7.409   -0.047  8.117   1.00 39.50  ? 93  LYS A O   1 
ATOM   716  C CB  . LYS A 1 93  ? 6.683   -2.311  10.485  1.00 48.53  ? 93  LYS A CB  1 
ATOM   717  C CG  . LYS A 1 93  ? 6.999   -3.499  9.593   1.00 50.91  ? 93  LYS A CG  1 
ATOM   718  C CD  . LYS A 1 93  ? 7.094   -4.779  10.412  1.00 59.66  ? 93  LYS A CD  1 
ATOM   719  C CE  . LYS A 1 93  ? 7.207   -5.999  9.507   1.00 65.59  ? 93  LYS A CE  1 
ATOM   720  N NZ  . LYS A 1 93  ? 7.221   -7.288  10.262  1.00 69.57  ? 93  LYS A NZ  1 
ATOM   721  N N   . ASP A 1 94  ? 7.623   0.575   10.281  1.00 38.55  ? 94  ASP A N   1 
ATOM   722  C CA  . ASP A 1 94  ? 8.660   1.577   10.075  1.00 34.65  ? 94  ASP A CA  1 
ATOM   723  C C   . ASP A 1 94  ? 9.975   0.958   9.622   1.00 34.05  ? 94  ASP A C   1 
ATOM   724  O O   . ASP A 1 94  ? 10.209  -0.238  9.808   1.00 37.49  ? 94  ASP A O   1 
ATOM   725  C CB  . ASP A 1 94  ? 8.877   2.363   11.367  1.00 36.52  ? 94  ASP A CB  1 
ATOM   726  C CG  . ASP A 1 94  ? 7.688   3.229   11.727  1.00 43.84  ? 94  ASP A CG  1 
ATOM   727  O OD1 . ASP A 1 94  ? 6.994   3.711   10.805  1.00 47.60  ? 94  ASP A OD1 1 
ATOM   728  O OD2 . ASP A 1 94  ? 7.449   3.439   12.935  1.00 48.40  ? 94  ASP A OD2 1 
ATOM   729  N N   . PRO A 1 95  ? 10.854  1.768   9.007   1.00 30.77  ? 95  PRO A N   1 
ATOM   730  C CA  . PRO A 1 95  ? 12.147  1.274   8.531   1.00 28.73  ? 95  PRO A CA  1 
ATOM   731  C C   . PRO A 1 95  ? 13.107  1.030   9.687   1.00 28.59  ? 95  PRO A C   1 
ATOM   732  O O   . PRO A 1 95  ? 12.895  1.526   10.796  1.00 28.84  ? 95  PRO A O   1 
ATOM   733  C CB  . PRO A 1 95  ? 12.654  2.428   7.657   1.00 27.49  ? 95  PRO A CB  1 
ATOM   734  C CG  . PRO A 1 95  ? 11.423  3.230   7.348   1.00 28.84  ? 95  PRO A CG  1 
ATOM   735  C CD  . PRO A 1 95  ? 10.671  3.176   8.629   1.00 27.02  ? 95  PRO A CD  1 
ATOM   736  N N   . GLU A 1 96  ? 14.159  0.264   9.418   1.00 28.71  ? 96  GLU A N   1 
ATOM   737  C CA  . GLU A 1 96  ? 15.166  -0.031  10.424  1.00 31.35  ? 96  GLU A CA  1 
ATOM   738  C C   . GLU A 1 96  ? 16.532  0.444   9.960   1.00 30.01  ? 96  GLU A C   1 
ATOM   739  O O   . GLU A 1 96  ? 16.923  0.212   8.810   1.00 29.11  ? 96  GLU A O   1 
ATOM   740  C CB  . GLU A 1 96  ? 15.228  -1.530  10.708  1.00 40.95  ? 96  GLU A CB  1 
ATOM   741  C CG  . GLU A 1 96  ? 14.087  -2.072  11.549  1.00 54.20  ? 96  GLU A CG  1 
ATOM   742  C CD  . GLU A 1 96  ? 14.411  -3.430  12.146  1.00 61.90  ? 96  GLU A CD  1 
ATOM   743  O OE1 . GLU A 1 96  ? 14.659  -4.386  11.373  1.00 62.47  ? 96  GLU A OE1 1 
ATOM   744  O OE2 . GLU A 1 96  ? 14.432  -3.532  13.392  1.00 67.21  ? 96  GLU A OE2 1 
ATOM   745  N N   . ILE A 1 97  ? 17.252  1.116   10.855  1.00 27.69  ? 97  ILE A N   1 
ATOM   746  C CA  . ILE A 1 97  ? 18.585  1.614   10.543  1.00 25.31  ? 97  ILE A CA  1 
ATOM   747  C C   . ILE A 1 97  ? 19.622  0.732   11.229  1.00 26.38  ? 97  ILE A C   1 
ATOM   748  O O   . ILE A 1 97  ? 19.630  0.611   12.452  1.00 29.47  ? 97  ILE A O   1 
ATOM   749  C CB  . ILE A 1 97  ? 18.772  3.070   11.008  1.00 19.22  ? 97  ILE A CB  1 
ATOM   750  C CG1 . ILE A 1 97  ? 17.698  3.962   10.387  1.00 19.91  ? 97  ILE A CG1 1 
ATOM   751  C CG2 . ILE A 1 97  ? 20.110  3.584   10.551  1.00 18.61  ? 97  ILE A CG2 1 
ATOM   752  C CD1 . ILE A 1 97  ? 17.640  5.368   10.951  1.00 18.03  ? 97  ILE A CD1 1 
ATOM   753  N N   . HIS A 1 98  ? 20.496  0.128   10.432  1.00 24.75  ? 98  HIS A N   1 
ATOM   754  C CA  . HIS A 1 98  ? 21.539  -0.749  10.949  1.00 26.22  ? 98  HIS A CA  1 
ATOM   755  C C   . HIS A 1 98  ? 22.933  -0.226  10.637  1.00 27.86  ? 98  HIS A C   1 
ATOM   756  O O   . HIS A 1 98  ? 23.317  -0.107  9.468   1.00 31.85  ? 98  HIS A O   1 
ATOM   757  C CB  . HIS A 1 98  ? 21.409  -2.153  10.351  1.00 30.20  ? 98  HIS A CB  1 
ATOM   758  C CG  . HIS A 1 98  ? 20.154  -2.867  10.740  1.00 35.06  ? 98  HIS A CG  1 
ATOM   759  N ND1 . HIS A 1 98  ? 19.042  -2.917  9.923   1.00 36.34  ? 98  HIS A ND1 1 
ATOM   760  C CD2 . HIS A 1 98  ? 19.841  -3.578  11.849  1.00 32.95  ? 98  HIS A CD2 1 
ATOM   761  C CE1 . HIS A 1 98  ? 18.099  -3.631  10.512  1.00 37.84  ? 98  HIS A CE1 1 
ATOM   762  N NE2 . HIS A 1 98  ? 18.557  -4.044  11.682  1.00 36.03  ? 98  HIS A NE2 1 
ATOM   763  N N   . LEU A 1 99  ? 23.692  0.074   11.686  1.00 29.27  ? 99  LEU A N   1 
ATOM   764  C CA  . LEU A 1 99  ? 25.062  0.553   11.531  1.00 28.10  ? 99  LEU A CA  1 
ATOM   765  C C   . LEU A 1 99  ? 25.980  -0.666  11.577  1.00 27.15  ? 99  LEU A C   1 
ATOM   766  O O   . LEU A 1 99  ? 25.864  -1.502  12.476  1.00 27.66  ? 99  LEU A O   1 
ATOM   767  C CB  . LEU A 1 99  ? 25.405  1.529   12.653  1.00 27.12  ? 99  LEU A CB  1 
ATOM   768  C CG  . LEU A 1 99  ? 24.485  2.752   12.685  1.00 27.99  ? 99  LEU A CG  1 
ATOM   769  C CD1 . LEU A 1 99  ? 24.742  3.590   13.916  1.00 29.55  ? 99  LEU A CD1 1 
ATOM   770  C CD2 . LEU A 1 99  ? 24.695  3.576   11.435  1.00 32.85  ? 99  LEU A CD2 1 
ATOM   771  N N   . SER A 1 100 ? 26.870  -0.785  10.597  1.00 26.31  ? 100 SER A N   1 
ATOM   772  C CA  . SER A 1 100 ? 27.780  -1.923  10.544  1.00 30.29  ? 100 SER A CA  1 
ATOM   773  C C   . SER A 1 100 ? 28.731  -1.989  11.729  1.00 33.77  ? 100 SER A C   1 
ATOM   774  O O   . SER A 1 100 ? 29.398  -3.000  11.933  1.00 38.03  ? 100 SER A O   1 
ATOM   775  C CB  . SER A 1 100 ? 28.577  -1.923  9.239   1.00 30.97  ? 100 SER A CB  1 
ATOM   776  O OG  . SER A 1 100 ? 29.342  -0.743  9.105   1.00 35.10  ? 100 SER A OG  1 
ATOM   777  N N   . GLY A 1 101 ? 28.776  -0.918  12.517  1.00 35.91  ? 101 GLY A N   1 
ATOM   778  C CA  . GLY A 1 101 ? 29.654  -0.883  13.673  1.00 35.79  ? 101 GLY A CA  1 
ATOM   779  C C   . GLY A 1 101 ? 29.532  0.382   14.506  1.00 35.82  ? 101 GLY A C   1 
ATOM   780  O O   . GLY A 1 101 ? 28.515  1.074   14.450  1.00 36.34  ? 101 GLY A O   1 
ATOM   781  N N   . PRO A 1 102 ? 30.542  0.687   15.330  1.00 38.26  ? 102 PRO A N   1 
ATOM   782  C CA  . PRO A 1 102 ? 30.516  1.885   16.170  1.00 38.55  ? 102 PRO A CA  1 
ATOM   783  C C   . PRO A 1 102 ? 31.009  3.079   15.371  1.00 39.38  ? 102 PRO A C   1 
ATOM   784  O O   . PRO A 1 102 ? 31.840  2.937   14.471  1.00 38.96  ? 102 PRO A O   1 
ATOM   785  C CB  . PRO A 1 102 ? 31.478  1.524   17.288  1.00 38.84  ? 102 PRO A CB  1 
ATOM   786  C CG  . PRO A 1 102 ? 32.538  0.769   16.544  1.00 40.22  ? 102 PRO A CG  1 
ATOM   787  C CD  . PRO A 1 102 ? 31.744  -0.123  15.605  1.00 40.73  ? 102 PRO A CD  1 
ATOM   788  N N   . LEU A 1 103 ? 30.503  4.255   15.714  1.00 41.37  ? 103 LEU A N   1 
ATOM   789  C CA  . LEU A 1 103 ? 30.869  5.473   15.016  1.00 41.27  ? 103 LEU A CA  1 
ATOM   790  C C   . LEU A 1 103 ? 32.197  6.063   15.465  1.00 41.48  ? 103 LEU A C   1 
ATOM   791  O O   . LEU A 1 103 ? 32.337  6.529   16.595  1.00 41.37  ? 103 LEU A O   1 
ATOM   792  C CB  . LEU A 1 103 ? 29.763  6.505   15.195  1.00 43.00  ? 103 LEU A CB  1 
ATOM   793  C CG  . LEU A 1 103 ? 28.434  6.112   14.555  1.00 46.13  ? 103 LEU A CG  1 
ATOM   794  C CD1 . LEU A 1 103 ? 27.267  6.763   15.301  1.00 46.36  ? 103 LEU A CD1 1 
ATOM   795  C CD2 . LEU A 1 103 ? 28.456  6.480   13.075  1.00 49.26  ? 103 LEU A CD2 1 
ATOM   796  N N   . GLU A 1 104 ? 33.179  6.025   14.577  1.00 42.12  ? 104 GLU A N   1 
ATOM   797  C CA  . GLU A 1 104 ? 34.489  6.585   14.865  1.00 44.55  ? 104 GLU A CA  1 
ATOM   798  C C   . GLU A 1 104 ? 34.964  7.506   13.764  1.00 42.45  ? 104 GLU A C   1 
ATOM   799  O O   . GLU A 1 104 ? 35.214  7.071   12.633  1.00 41.07  ? 104 GLU A O   1 
ATOM   800  C CB  . GLU A 1 104 ? 35.518  5.493   15.119  1.00 55.39  ? 104 GLU A CB  1 
ATOM   801  C CG  . GLU A 1 104 ? 35.546  5.024   16.557  1.00 69.07  ? 104 GLU A CG  1 
ATOM   802  C CD  . GLU A 1 104 ? 36.654  4.035   16.828  1.00 74.99  ? 104 GLU A CD  1 
ATOM   803  O OE1 . GLU A 1 104 ? 37.822  4.342   16.490  1.00 76.97  ? 104 GLU A OE1 1 
ATOM   804  O OE2 . GLU A 1 104 ? 36.356  2.946   17.368  1.00 75.49  ? 104 GLU A OE2 1 
ATOM   805  N N   . ALA A 1 105 ? 35.106  8.778   14.127  1.00 36.56  ? 105 ALA A N   1 
ATOM   806  C CA  . ALA A 1 105 ? 35.545  9.815   13.214  1.00 31.53  ? 105 ALA A CA  1 
ATOM   807  C C   . ALA A 1 105 ? 36.748  9.368   12.406  1.00 30.00  ? 105 ALA A C   1 
ATOM   808  O O   . ALA A 1 105 ? 37.750  8.920   12.962  1.00 33.69  ? 105 ALA A O   1 
ATOM   809  C CB  . ALA A 1 105 ? 35.882  11.073  13.985  1.00 29.98  ? 105 ALA A CB  1 
ATOM   810  N N   . GLY A 1 106 ? 36.631  9.451   11.089  1.00 25.85  ? 106 GLY A N   1 
ATOM   811  C CA  . GLY A 1 106 ? 37.739  9.060   10.246  1.00 26.82  ? 106 GLY A CA  1 
ATOM   812  C C   . GLY A 1 106 ? 37.619  7.655   9.722   1.00 30.67  ? 106 GLY A C   1 
ATOM   813  O O   . GLY A 1 106 ? 38.160  7.351   8.660   1.00 35.68  ? 106 GLY A O   1 
ATOM   814  N N   . LYS A 1 107 ? 36.914  6.794   10.450  1.00 31.56  ? 107 LYS A N   1 
ATOM   815  C CA  . LYS A 1 107 ? 36.750  5.412   10.005  1.00 33.09  ? 107 LYS A CA  1 
ATOM   816  C C   . LYS A 1 107 ? 35.422  5.187   9.295   1.00 29.29  ? 107 LYS A C   1 
ATOM   817  O O   . LYS A 1 107 ? 34.353  5.381   9.878   1.00 29.33  ? 107 LYS A O   1 
ATOM   818  C CB  . LYS A 1 107 ? 36.915  4.436   11.172  1.00 37.32  ? 107 LYS A CB  1 
ATOM   819  C CG  . LYS A 1 107 ? 38.296  4.497   11.801  1.00 46.63  ? 107 LYS A CG  1 
ATOM   820  C CD  . LYS A 1 107 ? 38.605  3.257   12.617  1.00 55.08  ? 107 LYS A CD  1 
ATOM   821  C CE  . LYS A 1 107 ? 39.910  3.412   13.398  1.00 61.16  ? 107 LYS A CE  1 
ATOM   822  N NZ  . LYS A 1 107 ? 39.801  4.444   14.473  1.00 65.00  ? 107 LYS A NZ  1 
ATOM   823  N N   . PRO A 1 108 ? 35.476  4.786   8.013   1.00 26.74  ? 108 PRO A N   1 
ATOM   824  C CA  . PRO A 1 108 ? 34.274  4.534   7.213   1.00 29.24  ? 108 PRO A CA  1 
ATOM   825  C C   . PRO A 1 108 ? 33.394  3.486   7.869   1.00 29.70  ? 108 PRO A C   1 
ATOM   826  O O   . PRO A 1 108 ? 33.888  2.553   8.506   1.00 31.91  ? 108 PRO A O   1 
ATOM   827  C CB  . PRO A 1 108 ? 34.844  4.039   5.883   1.00 27.85  ? 108 PRO A CB  1 
ATOM   828  C CG  . PRO A 1 108 ? 36.134  3.408   6.285   1.00 32.05  ? 108 PRO A CG  1 
ATOM   829  C CD  . PRO A 1 108 ? 36.680  4.422   7.255   1.00 27.71  ? 108 PRO A CD  1 
ATOM   830  N N   . ILE A 1 109 ? 32.090  3.670   7.720   1.00 26.72  ? 109 ILE A N   1 
ATOM   831  C CA  . ILE A 1 109 ? 31.101  2.775   8.302   1.00 23.87  ? 109 ILE A CA  1 
ATOM   832  C C   . ILE A 1 109 ? 30.010  2.554   7.259   1.00 26.64  ? 109 ILE A C   1 
ATOM   833  O O   . ILE A 1 109 ? 29.891  3.326   6.304   1.00 28.34  ? 109 ILE A O   1 
ATOM   834  C CB  . ILE A 1 109 ? 30.485  3.420   9.556   1.00 20.72  ? 109 ILE A CB  1 
ATOM   835  C CG1 . ILE A 1 109 ? 29.758  2.385   10.402  1.00 24.54  ? 109 ILE A CG1 1 
ATOM   836  C CG2 . ILE A 1 109 ? 29.513  4.516   9.162   1.00 17.58  ? 109 ILE A CG2 1 
ATOM   837  C CD1 . ILE A 1 109 ? 29.162  2.971   11.677  1.00 28.41  ? 109 ILE A CD1 1 
ATOM   838  N N   . THR A 1 110 ? 29.222  1.501   7.432   1.00 26.28  ? 110 THR A N   1 
ATOM   839  C CA  . THR A 1 110 ? 28.157  1.224   6.487   1.00 24.23  ? 110 THR A CA  1 
ATOM   840  C C   . THR A 1 110 ? 26.797  1.265   7.136   1.00 25.06  ? 110 THR A C   1 
ATOM   841  O O   . THR A 1 110 ? 26.541  0.579   8.121   1.00 29.54  ? 110 THR A O   1 
ATOM   842  C CB  . THR A 1 110 ? 28.343  -0.114  5.803   1.00 19.48  ? 110 THR A CB  1 
ATOM   843  O OG1 . THR A 1 110 ? 29.568  -0.089  5.066   1.00 27.26  ? 110 THR A OG1 1 
ATOM   844  C CG2 . THR A 1 110 ? 27.200  -0.372  4.842   1.00 16.78  ? 110 THR A CG2 1 
ATOM   845  N N   . VAL A 1 111 ? 25.937  2.111   6.594   1.00 24.60  ? 111 VAL A N   1 
ATOM   846  C CA  . VAL A 1 111 ? 24.591  2.239   7.106   1.00 22.90  ? 111 VAL A CA  1 
ATOM   847  C C   . VAL A 1 111 ? 23.700  1.451   6.178   1.00 24.10  ? 111 VAL A C   1 
ATOM   848  O O   . VAL A 1 111 ? 23.949  1.385   4.973   1.00 26.41  ? 111 VAL A O   1 
ATOM   849  C CB  . VAL A 1 111 ? 24.109  3.686   7.087   1.00 21.94  ? 111 VAL A CB  1 
ATOM   850  C CG1 . VAL A 1 111 ? 22.791  3.799   7.821   1.00 18.19  ? 111 VAL A CG1 1 
ATOM   851  C CG2 . VAL A 1 111 ? 25.150  4.600   7.705   1.00 25.88  ? 111 VAL A CG2 1 
ATOM   852  N N   . LYS A 1 112 ? 22.655  0.865   6.739   1.00 22.64  ? 112 LYS A N   1 
ATOM   853  C CA  . LYS A 1 112 ? 21.734  0.087   5.943   1.00 22.72  ? 112 LYS A CA  1 
ATOM   854  C C   . LYS A 1 112 ? 20.348  0.311   6.493   1.00 22.46  ? 112 LYS A C   1 
ATOM   855  O O   . LYS A 1 112 ? 20.087  0.044   7.667   1.00 23.91  ? 112 LYS A O   1 
ATOM   856  C CB  . LYS A 1 112 ? 22.106  -1.394  6.010   1.00 27.83  ? 112 LYS A CB  1 
ATOM   857  C CG  . LYS A 1 112 ? 21.325  -2.274  5.057   1.00 31.80  ? 112 LYS A CG  1 
ATOM   858  C CD  . LYS A 1 112 ? 21.986  -3.630  4.880   1.00 33.64  ? 112 LYS A CD  1 
ATOM   859  C CE  . LYS A 1 112 ? 21.243  -4.446  3.840   1.00 44.06  ? 112 LYS A CE  1 
ATOM   860  N NZ  . LYS A 1 112 ? 21.905  -5.745  3.553   1.00 55.46  ? 112 LYS A NZ  1 
ATOM   861  N N   . CYS A 1 113 ? 19.482  0.892   5.676   1.00 22.14  ? 113 CYS A N   1 
ATOM   862  C CA  . CYS A 1 113 ? 18.115  1.127   6.107   1.00 25.88  ? 113 CYS A CA  1 
ATOM   863  C C   . CYS A 1 113 ? 17.216  0.164   5.358   1.00 27.96  ? 113 CYS A C   1 
ATOM   864  O O   . CYS A 1 113 ? 17.318  0.045   4.140   1.00 30.64  ? 113 CYS A O   1 
ATOM   865  C CB  . CYS A 1 113 ? 17.676  2.554   5.829   1.00 24.59  ? 113 CYS A CB  1 
ATOM   866  S SG  . CYS A 1 113 ? 15.977  2.795   6.414   1.00 26.89  ? 113 CYS A SG  1 
ATOM   867  N N   . SER A 1 114 ? 16.327  -0.511  6.074   1.00 26.95  ? 114 SER A N   1 
ATOM   868  C CA  . SER A 1 114 ? 15.453  -1.473  5.429   1.00 28.51  ? 114 SER A CA  1 
ATOM   869  C C   . SER A 1 114 ? 14.001  -1.354  5.861   1.00 28.46  ? 114 SER A C   1 
ATOM   870  O O   . SER A 1 114 ? 13.704  -0.890  6.965   1.00 28.04  ? 114 SER A O   1 
ATOM   871  C CB  . SER A 1 114 ? 15.968  -2.891  5.685   1.00 30.53  ? 114 SER A CB  1 
ATOM   872  O OG  . SER A 1 114 ? 16.194  -3.106  7.066   1.00 37.95  ? 114 SER A OG  1 
ATOM   873  N N   . VAL A 1 115 ? 13.103  -1.728  4.952   1.00 28.11  ? 115 VAL A N   1 
ATOM   874  C CA  . VAL A 1 115 ? 11.665  -1.702  5.210   1.00 28.71  ? 115 VAL A CA  1 
ATOM   875  C C   . VAL A 1 115 ? 11.140  -3.092  4.888   1.00 30.39  ? 115 VAL A C   1 
ATOM   876  O O   . VAL A 1 115 ? 11.416  -3.639  3.816   1.00 29.30  ? 115 VAL A O   1 
ATOM   877  C CB  . VAL A 1 115 ? 10.927  -0.685  4.327   1.00 27.81  ? 115 VAL A CB  1 
ATOM   878  C CG1 . VAL A 1 115 ? 9.566   -0.383  4.924   1.00 28.72  ? 115 VAL A CG1 1 
ATOM   879  C CG2 . VAL A 1 115 ? 11.727  0.587   4.196   1.00 33.04  ? 115 VAL A CG2 1 
ATOM   880  N N   . ALA A 1 116 ? 10.374  -3.654  5.815   1.00 32.78  ? 116 ALA A N   1 
ATOM   881  C CA  . ALA A 1 116 ? 9.839   -4.997  5.649   1.00 34.70  ? 116 ALA A CA  1 
ATOM   882  C C   . ALA A 1 116 ? 8.387   -5.086  5.201   1.00 37.27  ? 116 ALA A C   1 
ATOM   883  O O   . ALA A 1 116 ? 7.589   -4.180  5.452   1.00 39.15  ? 116 ALA A O   1 
ATOM   884  C CB  . ALA A 1 116 ? 10.029  -5.782  6.935   1.00 35.72  ? 116 ALA A CB  1 
ATOM   885  N N   . ASP A 1 117 ? 8.060   -6.204  4.550   1.00 38.95  ? 117 ASP A N   1 
ATOM   886  C CA  . ASP A 1 117 ? 6.708   -6.496  4.071   1.00 39.09  ? 117 ASP A CA  1 
ATOM   887  C C   . ASP A 1 117 ? 6.100   -5.315  3.335   1.00 39.92  ? 117 ASP A C   1 
ATOM   888  O O   . ASP A 1 117 ? 5.161   -4.681  3.820   1.00 40.20  ? 117 ASP A O   1 
ATOM   889  C CB  . ASP A 1 117 ? 5.818   -6.891  5.253   1.00 39.53  ? 117 ASP A CB  1 
ATOM   890  C CG  . ASP A 1 117 ? 6.417   -8.012  6.084   1.00 45.09  ? 117 ASP A CG  1 
ATOM   891  O OD1 . ASP A 1 117 ? 7.188   -8.833  5.528   1.00 45.49  ? 117 ASP A OD1 1 
ATOM   892  O OD2 . ASP A 1 117 ? 6.128   -8.062  7.300   1.00 48.60  ? 117 ASP A OD2 1 
ATOM   893  N N   . VAL A 1 118 ? 6.623   -5.040  2.148   1.00 39.02  ? 118 VAL A N   1 
ATOM   894  C CA  . VAL A 1 118 ? 6.144   -3.913  1.371   1.00 38.61  ? 118 VAL A CA  1 
ATOM   895  C C   . VAL A 1 118 ? 5.602   -4.299  0.008   1.00 41.39  ? 118 VAL A C   1 
ATOM   896  O O   . VAL A 1 118 ? 6.231   -5.062  -0.736  1.00 45.31  ? 118 VAL A O   1 
ATOM   897  C CB  . VAL A 1 118 ? 7.266   -2.871  1.183   1.00 35.06  ? 118 VAL A CB  1 
ATOM   898  C CG1 . VAL A 1 118 ? 6.769   -1.689  0.379   1.00 35.08  ? 118 VAL A CG1 1 
ATOM   899  C CG2 . VAL A 1 118 ? 7.767   -2.401  2.526   1.00 35.65  ? 118 VAL A CG2 1 
ATOM   900  N N   . TYR A 1 119 ? 4.433   -3.755  -0.314  1.00 39.65  ? 119 TYR A N   1 
ATOM   901  C CA  . TYR A 1 119 ? 3.801   -3.998  -1.602  1.00 36.36  ? 119 TYR A CA  1 
ATOM   902  C C   . TYR A 1 119 ? 2.945   -2.801  -1.976  1.00 32.42  ? 119 TYR A C   1 
ATOM   903  O O   . TYR A 1 119 ? 2.141   -2.336  -1.172  1.00 30.28  ? 119 TYR A O   1 
ATOM   904  C CB  . TYR A 1 119 ? 2.934   -5.259  -1.576  1.00 37.06  ? 119 TYR A CB  1 
ATOM   905  C CG  . TYR A 1 119 ? 2.282   -5.529  -2.912  1.00 36.50  ? 119 TYR A CG  1 
ATOM   906  C CD1 . TYR A 1 119 ? 2.982   -6.174  -3.928  1.00 36.08  ? 119 TYR A CD1 1 
ATOM   907  C CD2 . TYR A 1 119 ? 0.989   -5.079  -3.184  1.00 38.37  ? 119 TYR A CD2 1 
ATOM   908  C CE1 . TYR A 1 119 ? 2.414   -6.358  -5.181  1.00 36.66  ? 119 TYR A CE1 1 
ATOM   909  C CE2 . TYR A 1 119 ? 0.414   -5.258  -4.434  1.00 37.07  ? 119 TYR A CE2 1 
ATOM   910  C CZ  . TYR A 1 119 ? 1.134   -5.895  -5.428  1.00 36.72  ? 119 TYR A CZ  1 
ATOM   911  O OH  . TYR A 1 119 ? 0.587   -6.045  -6.679  1.00 40.08  ? 119 TYR A OH  1 
ATOM   912  N N   . PRO A 1 120 ? 3.099   -2.292  -3.209  1.00 29.55  ? 120 PRO A N   1 
ATOM   913  C CA  . PRO A 1 120 ? 4.015   -2.770  -4.247  1.00 32.69  ? 120 PRO A CA  1 
ATOM   914  C C   . PRO A 1 120 ? 5.365   -2.067  -4.128  1.00 38.43  ? 120 PRO A C   1 
ATOM   915  O O   . PRO A 1 120 ? 5.431   -0.840  -3.988  1.00 38.32  ? 120 PRO A O   1 
ATOM   916  C CB  . PRO A 1 120 ? 3.291   -2.376  -5.523  1.00 28.89  ? 120 PRO A CB  1 
ATOM   917  C CG  . PRO A 1 120 ? 2.728   -1.042  -5.162  1.00 27.43  ? 120 PRO A CG  1 
ATOM   918  C CD  . PRO A 1 120 ? 2.216   -1.235  -3.737  1.00 27.97  ? 120 PRO A CD  1 
ATOM   919  N N   . PHE A 1 121 ? 6.445   -2.836  -4.205  1.00 45.20  ? 121 PHE A N   1 
ATOM   920  C CA  . PHE A 1 121 ? 7.763   -2.243  -4.061  1.00 49.55  ? 121 PHE A CA  1 
ATOM   921  C C   . PHE A 1 121 ? 8.263   -1.406  -5.232  1.00 48.21  ? 121 PHE A C   1 
ATOM   922  O O   . PHE A 1 121 ? 9.268   -0.708  -5.107  1.00 50.10  ? 121 PHE A O   1 
ATOM   923  C CB  . PHE A 1 121 ? 8.796   -3.285  -3.615  1.00 53.60  ? 121 PHE A CB  1 
ATOM   924  C CG  . PHE A 1 121 ? 8.995   -4.405  -4.582  1.00 60.14  ? 121 PHE A CG  1 
ATOM   925  C CD1 . PHE A 1 121 ? 9.822   -4.242  -5.692  1.00 65.45  ? 121 PHE A CD1 1 
ATOM   926  C CD2 . PHE A 1 121 ? 8.391   -5.638  -4.368  1.00 63.90  ? 121 PHE A CD2 1 
ATOM   927  C CE1 . PHE A 1 121 ? 10.049  -5.291  -6.578  1.00 70.85  ? 121 PHE A CE1 1 
ATOM   928  C CE2 . PHE A 1 121 ? 8.609   -6.697  -5.247  1.00 70.35  ? 121 PHE A CE2 1 
ATOM   929  C CZ  . PHE A 1 121 ? 9.443   -6.523  -6.356  1.00 71.54  ? 121 PHE A CZ  1 
ATOM   930  N N   . ASP A 1 122 ? 7.553   -1.434  -6.354  1.00 48.00  ? 122 ASP A N   1 
ATOM   931  C CA  . ASP A 1 122 ? 7.963   -0.630  -7.503  1.00 48.45  ? 122 ASP A CA  1 
ATOM   932  C C   . ASP A 1 122 ? 7.447   0.801   -7.337  1.00 45.00  ? 122 ASP A C   1 
ATOM   933  O O   . ASP A 1 122 ? 7.579   1.631   -8.234  1.00 46.99  ? 122 ASP A O   1 
ATOM   934  C CB  . ASP A 1 122 ? 7.462   -1.246  -8.813  1.00 55.31  ? 122 ASP A CB  1 
ATOM   935  C CG  . ASP A 1 122 ? 5.962   -1.127  -8.982  1.00 61.41  ? 122 ASP A CG  1 
ATOM   936  O OD1 . ASP A 1 122 ? 5.215   -1.557  -8.077  1.00 69.24  ? 122 ASP A OD1 1 
ATOM   937  O OD2 . ASP A 1 122 ? 5.531   -0.600  -10.028 1.00 59.66  ? 122 ASP A OD2 1 
ATOM   938  N N   . ARG A 1 123 ? 6.836   1.064   -6.187  1.00 40.71  ? 123 ARG A N   1 
ATOM   939  C CA  . ARG A 1 123 ? 6.301   2.378   -5.856  1.00 37.86  ? 123 ARG A CA  1 
ATOM   940  C C   . ARG A 1 123 ? 6.908   2.830   -4.537  1.00 35.19  ? 123 ARG A C   1 
ATOM   941  O O   . ARG A 1 123 ? 6.413   3.752   -3.882  1.00 35.03  ? 123 ARG A O   1 
ATOM   942  C CB  . ARG A 1 123 ? 4.777   2.320   -5.731  1.00 42.56  ? 123 ARG A CB  1 
ATOM   943  C CG  . ARG A 1 123 ? 4.044   2.344   -7.060  1.00 50.60  ? 123 ARG A CG  1 
ATOM   944  C CD  . ARG A 1 123 ? 4.335   3.641   -7.808  1.00 57.02  ? 123 ARG A CD  1 
ATOM   945  N NE  . ARG A 1 123 ? 3.549   3.775   -9.032  1.00 66.10  ? 123 ARG A NE  1 
ATOM   946  C CZ  . ARG A 1 123 ? 3.726   3.034   -10.124 1.00 72.79  ? 123 ARG A CZ  1 
ATOM   947  N NH1 . ARG A 1 123 ? 4.671   2.098   -10.144 1.00 76.05  ? 123 ARG A NH1 1 
ATOM   948  N NH2 . ARG A 1 123 ? 2.964   3.227   -11.193 1.00 75.31  ? 123 ARG A NH2 1 
ATOM   949  N N   . LEU A 1 124 ? 7.988   2.159   -4.154  1.00 32.34  ? 124 LEU A N   1 
ATOM   950  C CA  . LEU A 1 124 ? 8.681   2.455   -2.912  1.00 25.23  ? 124 LEU A CA  1 
ATOM   951  C C   . LEU A 1 124 ? 9.916   3.297   -3.144  1.00 22.14  ? 124 LEU A C   1 
ATOM   952  O O   . LEU A 1 124 ? 10.677  3.059   -4.083  1.00 22.18  ? 124 LEU A O   1 
ATOM   953  C CB  . LEU A 1 124 ? 9.097   1.159   -2.224  1.00 21.23  ? 124 LEU A CB  1 
ATOM   954  C CG  . LEU A 1 124 ? 9.806   1.364   -0.889  1.00 19.79  ? 124 LEU A CG  1 
ATOM   955  C CD1 . LEU A 1 124 ? 8.850   2.002   0.105   1.00 19.47  ? 124 LEU A CD1 1 
ATOM   956  C CD2 . LEU A 1 124 ? 10.307  0.043   -0.367  1.00 22.70  ? 124 LEU A CD2 1 
ATOM   957  N N   . GLU A 1 125 ? 10.127  4.267   -2.264  1.00 21.10  ? 125 GLU A N   1 
ATOM   958  C CA  . GLU A 1 125 ? 11.287  5.139   -2.358  1.00 19.32  ? 125 GLU A CA  1 
ATOM   959  C C   . GLU A 1 125 ? 11.899  5.246   -0.974  1.00 18.35  ? 125 GLU A C   1 
ATOM   960  O O   . GLU A 1 125 ? 11.186  5.475   0.008   1.00 20.91  ? 125 GLU A O   1 
ATOM   961  C CB  . GLU A 1 125 ? 10.871  6.523   -2.854  1.00 24.29  ? 125 GLU A CB  1 
ATOM   962  C CG  . GLU A 1 125 ? 12.025  7.507   -3.010  1.00 27.56  ? 125 GLU A CG  1 
ATOM   963  C CD  . GLU A 1 125 ? 11.584  8.864   -3.546  1.00 29.49  ? 125 GLU A CD  1 
ATOM   964  O OE1 . GLU A 1 125 ? 10.682  9.504   -2.950  1.00 26.36  ? 125 GLU A OE1 1 
ATOM   965  O OE2 . GLU A 1 125 ? 12.148  9.293   -4.573  1.00 34.50  ? 125 GLU A OE2 1 
ATOM   966  N N   . ILE A 1 126 ? 13.204  5.007   -0.880  1.00 17.03  ? 126 ILE A N   1 
ATOM   967  C CA  . ILE A 1 126 ? 13.876  5.106   0.409   1.00 17.55  ? 126 ILE A CA  1 
ATOM   968  C C   . ILE A 1 126 ? 14.930  6.199   0.373   1.00 17.30  ? 126 ILE A C   1 
ATOM   969  O O   . ILE A 1 126 ? 15.800  6.217   -0.503  1.00 15.46  ? 126 ILE A O   1 
ATOM   970  C CB  . ILE A 1 126 ? 14.542  3.789   0.837   1.00 17.08  ? 126 ILE A CB  1 
ATOM   971  C CG1 . ILE A 1 126 ? 13.508  2.663   0.883   1.00 14.85  ? 126 ILE A CG1 1 
ATOM   972  C CG2 . ILE A 1 126 ? 15.132  3.947   2.233   1.00 20.35  ? 126 ILE A CG2 1 
ATOM   973  C CD1 . ILE A 1 126 ? 14.087  1.329   1.265   1.00 15.47  ? 126 ILE A CD1 1 
ATOM   974  N N   . ASP A 1 127 ? 14.842  7.106   1.340   1.00 15.53  ? 127 ASP A N   1 
ATOM   975  C CA  . ASP A 1 127 ? 15.772  8.212   1.430   1.00 17.72  ? 127 ASP A CA  1 
ATOM   976  C C   . ASP A 1 127 ? 16.542  8.188   2.727   1.00 19.21  ? 127 ASP A C   1 
ATOM   977  O O   . ASP A 1 127 ? 15.961  8.071   3.809   1.00 21.94  ? 127 ASP A O   1 
ATOM   978  C CB  . ASP A 1 127 ? 15.017  9.536   1.334   1.00 20.02  ? 127 ASP A CB  1 
ATOM   979  C CG  . ASP A 1 127 ? 14.408  9.764   -0.035  1.00 24.63  ? 127 ASP A CG  1 
ATOM   980  O OD1 . ASP A 1 127 ? 14.957  9.250   -1.031  1.00 25.61  ? 127 ASP A OD1 1 
ATOM   981  O OD2 . ASP A 1 127 ? 13.374  10.456  -0.120  1.00 25.75  ? 127 ASP A OD2 1 
ATOM   982  N N   . LEU A 1 128 ? 17.859  8.279   2.621   1.00 18.24  ? 128 LEU A N   1 
ATOM   983  C CA  . LEU A 1 128 ? 18.677  8.322   3.816   1.00 17.52  ? 128 LEU A CA  1 
ATOM   984  C C   . LEU A 1 128 ? 19.247  9.727   3.916   1.00 17.35  ? 128 LEU A C   1 
ATOM   985  O O   . LEU A 1 128 ? 19.876  10.222  2.975   1.00 18.45  ? 128 LEU A O   1 
ATOM   986  C CB  . LEU A 1 128 ? 19.804  7.298   3.763   1.00 16.92  ? 128 LEU A CB  1 
ATOM   987  C CG  . LEU A 1 128 ? 20.496  7.232   5.127   1.00 15.57  ? 128 LEU A CG  1 
ATOM   988  C CD1 . LEU A 1 128 ? 19.457  7.036   6.224   1.00 18.86  ? 128 LEU A CD1 1 
ATOM   989  C CD2 . LEU A 1 128 ? 21.501  6.118   5.157   1.00 19.65  ? 128 LEU A CD2 1 
ATOM   990  N N   . LEU A 1 129 ? 19.019  10.370  5.053   1.00 15.32  ? 129 LEU A N   1 
ATOM   991  C CA  . LEU A 1 129 ? 19.503  11.725  5.244   1.00 17.58  ? 129 LEU A CA  1 
ATOM   992  C C   . LEU A 1 129 ? 20.303  11.899  6.521   1.00 21.11  ? 129 LEU A C   1 
ATOM   993  O O   . LEU A 1 129 ? 19.940  11.366  7.572   1.00 21.77  ? 129 LEU A O   1 
ATOM   994  C CB  . LEU A 1 129 ? 18.333  12.710  5.298   1.00 18.40  ? 129 LEU A CB  1 
ATOM   995  C CG  . LEU A 1 129 ? 17.271  12.784  4.200   1.00 15.34  ? 129 LEU A CG  1 
ATOM   996  C CD1 . LEU A 1 129 ? 16.461  11.512  4.174   1.00 17.46  ? 129 LEU A CD1 1 
ATOM   997  C CD2 . LEU A 1 129 ? 16.348  13.939  4.504   1.00 13.17  ? 129 LEU A CD2 1 
ATOM   998  N N   . LYS A 1 130 ? 21.408  12.631  6.410   1.00 23.23  ? 130 LYS A N   1 
ATOM   999  C CA  . LYS A 1 130 ? 22.246  12.959  7.558   1.00 22.77  ? 130 LYS A CA  1 
ATOM   1000 C C   . LYS A 1 130 ? 21.799  14.392  7.824   1.00 22.34  ? 130 LYS A C   1 
ATOM   1001 O O   . LYS A 1 130 ? 22.096  15.294  7.039   1.00 22.70  ? 130 LYS A O   1 
ATOM   1002 C CB  . LYS A 1 130 ? 23.730  12.905  7.181   1.00 22.65  ? 130 LYS A CB  1 
ATOM   1003 C CG  . LYS A 1 130 ? 24.675  13.281  8.314   1.00 24.00  ? 130 LYS A CG  1 
ATOM   1004 C CD  . LYS A 1 130 ? 25.987  12.503  8.239   1.00 27.59  ? 130 LYS A CD  1 
ATOM   1005 C CE  . LYS A 1 130 ? 26.814  12.850  7.013   1.00 27.90  ? 130 LYS A CE  1 
ATOM   1006 N NZ  . LYS A 1 130 ? 27.368  14.223  7.084   1.00 32.69  ? 130 LYS A NZ  1 
ATOM   1007 N N   . GLY A 1 131 ? 21.034  14.588  8.892   1.00 24.21  ? 131 GLY A N   1 
ATOM   1008 C CA  . GLY A 1 131 ? 20.514  15.914  9.184   1.00 30.17  ? 131 GLY A CA  1 
ATOM   1009 C C   . GLY A 1 131 ? 19.498  16.181  8.088   1.00 34.81  ? 131 GLY A C   1 
ATOM   1010 O O   . GLY A 1 131 ? 18.553  15.402  7.925   1.00 35.99  ? 131 GLY A O   1 
ATOM   1011 N N   . ASP A 1 132 ? 19.678  17.260  7.331   1.00 35.82  ? 132 ASP A N   1 
ATOM   1012 C CA  . ASP A 1 132 ? 18.764  17.538  6.228   1.00 37.67  ? 132 ASP A CA  1 
ATOM   1013 C C   . ASP A 1 132 ? 19.479  17.461  4.887   1.00 37.82  ? 132 ASP A C   1 
ATOM   1014 O O   . ASP A 1 132 ? 19.021  18.010  3.885   1.00 42.55  ? 132 ASP A O   1 
ATOM   1015 C CB  . ASP A 1 132 ? 18.008  18.861  6.401   1.00 38.55  ? 132 ASP A CB  1 
ATOM   1016 C CG  . ASP A 1 132 ? 18.897  20.002  6.816   1.00 42.87  ? 132 ASP A CG  1 
ATOM   1017 O OD1 . ASP A 1 132 ? 19.933  20.237  6.153   1.00 46.28  ? 132 ASP A OD1 1 
ATOM   1018 O OD2 . ASP A 1 132 ? 18.546  20.675  7.808   1.00 42.06  ? 132 ASP A OD2 1 
ATOM   1019 N N   . HIS A 1 133 ? 20.618  16.775  4.891   1.00 37.25  ? 133 HIS A N   1 
ATOM   1020 C CA  . HIS A 1 133 ? 21.403  16.561  3.685   1.00 37.91  ? 133 HIS A CA  1 
ATOM   1021 C C   . HIS A 1 133 ? 21.064  15.147  3.210   1.00 35.75  ? 133 HIS A C   1 
ATOM   1022 O O   . HIS A 1 133 ? 21.129  14.188  3.982   1.00 38.10  ? 133 HIS A O   1 
ATOM   1023 C CB  . HIS A 1 133 ? 22.896  16.669  3.993   1.00 48.89  ? 133 HIS A CB  1 
ATOM   1024 C CG  . HIS A 1 133 ? 23.781  16.356  2.829   1.00 60.30  ? 133 HIS A CG  1 
ATOM   1025 N ND1 . HIS A 1 133 ? 23.296  16.069  1.573   1.00 66.32  ? 133 HIS A ND1 1 
ATOM   1026 C CD2 . HIS A 1 133 ? 25.130  16.262  2.742   1.00 68.64  ? 133 HIS A CD2 1 
ATOM   1027 C CE1 . HIS A 1 133 ? 24.303  15.809  0.763   1.00 70.00  ? 133 HIS A CE1 1 
ATOM   1028 N NE2 . HIS A 1 133 ? 25.428  15.919  1.445   1.00 72.26  ? 133 HIS A NE2 1 
ATOM   1029 N N   . LEU A 1 134 ? 20.660  15.028  1.951   1.00 28.27  ? 134 LEU A N   1 
ATOM   1030 C CA  . LEU A 1 134 ? 20.306  13.735  1.391   1.00 20.19  ? 134 LEU A CA  1 
ATOM   1031 C C   . LEU A 1 134 ? 21.553  12.979  0.985   1.00 18.77  ? 134 LEU A C   1 
ATOM   1032 O O   . LEU A 1 134 ? 22.293  13.414  0.109   1.00 21.48  ? 134 LEU A O   1 
ATOM   1033 C CB  . LEU A 1 134 ? 19.402  13.907  0.172   1.00 19.90  ? 134 LEU A CB  1 
ATOM   1034 C CG  . LEU A 1 134 ? 18.984  12.604  -0.510  1.00 11.27  ? 134 LEU A CG  1 
ATOM   1035 C CD1 . LEU A 1 134 ? 18.034  11.835  0.388   1.00 14.40  ? 134 LEU A CD1 1 
ATOM   1036 C CD2 . LEU A 1 134 ? 18.321  12.916  -1.826  1.00 12.17  ? 134 LEU A CD2 1 
ATOM   1037 N N   . MET A 1 135 ? 21.781  11.837  1.614   1.00 19.33  ? 135 MET A N   1 
ATOM   1038 C CA  . MET A 1 135 ? 22.945  11.043  1.281   1.00 20.52  ? 135 MET A CA  1 
ATOM   1039 C C   . MET A 1 135 ? 22.665  10.106  0.133   1.00 20.54  ? 135 MET A C   1 
ATOM   1040 O O   . MET A 1 135 ? 23.518  9.911   -0.728  1.00 23.40  ? 135 MET A O   1 
ATOM   1041 C CB  . MET A 1 135 ? 23.430  10.268  2.490   1.00 24.88  ? 135 MET A CB  1 
ATOM   1042 C CG  . MET A 1 135 ? 23.981  11.160  3.564   1.00 32.37  ? 135 MET A CG  1 
ATOM   1043 S SD  . MET A 1 135 ? 24.994  10.224  4.667   1.00 43.19  ? 135 MET A SD  1 
ATOM   1044 C CE  . MET A 1 135 ? 23.747  9.229   5.440   1.00 42.47  ? 135 MET A CE  1 
ATOM   1045 N N   . LYS A 1 136 ? 21.468  9.528   0.117   1.00 19.63  ? 136 LYS A N   1 
ATOM   1046 C CA  . LYS A 1 136 ? 21.108  8.616   -0.955  1.00 21.09  ? 136 LYS A CA  1 
ATOM   1047 C C   . LYS A 1 136 ? 19.622  8.323   -1.014  1.00 23.67  ? 136 LYS A C   1 
ATOM   1048 O O   . LYS A 1 136 ? 18.929  8.299   0.008   1.00 24.47  ? 136 LYS A O   1 
ATOM   1049 C CB  . LYS A 1 136 ? 21.879  7.308   -0.818  1.00 22.61  ? 136 LYS A CB  1 
ATOM   1050 C CG  . LYS A 1 136 ? 21.817  6.431   -2.048  1.00 29.78  ? 136 LYS A CG  1 
ATOM   1051 C CD  . LYS A 1 136 ? 22.588  5.142   -1.842  1.00 34.74  ? 136 LYS A CD  1 
ATOM   1052 C CE  . LYS A 1 136 ? 22.583  4.295   -3.103  1.00 42.44  ? 136 LYS A CE  1 
ATOM   1053 N NZ  . LYS A 1 136 ? 23.343  3.023   -2.921  1.00 52.28  ? 136 LYS A NZ  1 
ATOM   1054 N N   . SER A 1 137 ? 19.137  8.137   -2.236  1.00 25.43  ? 137 SER A N   1 
ATOM   1055 C CA  . SER A 1 137 ? 17.744  7.815   -2.488  1.00 27.47  ? 137 SER A CA  1 
ATOM   1056 C C   . SER A 1 137 ? 17.759  6.508   -3.260  1.00 28.26  ? 137 SER A C   1 
ATOM   1057 O O   . SER A 1 137 ? 18.545  6.342   -4.193  1.00 29.19  ? 137 SER A O   1 
ATOM   1058 C CB  . SER A 1 137 ? 17.086  8.901   -3.329  1.00 32.15  ? 137 SER A CB  1 
ATOM   1059 O OG  . SER A 1 137 ? 15.722  8.595   -3.565  1.00 35.55  ? 137 SER A OG  1 
ATOM   1060 N N   . GLN A 1 138 ? 16.901  5.575   -2.870  1.00 29.41  ? 138 GLN A N   1 
ATOM   1061 C CA  . GLN A 1 138 ? 16.871  4.290   -3.541  1.00 33.82  ? 138 GLN A CA  1 
ATOM   1062 C C   . GLN A 1 138 ? 15.486  3.946   -4.063  1.00 37.77  ? 138 GLN A C   1 
ATOM   1063 O O   . GLN A 1 138 ? 14.479  4.168   -3.387  1.00 38.27  ? 138 GLN A O   1 
ATOM   1064 C CB  . GLN A 1 138 ? 17.373  3.197   -2.595  1.00 38.30  ? 138 GLN A CB  1 
ATOM   1065 C CG  . GLN A 1 138 ? 17.649  1.860   -3.260  1.00 45.22  ? 138 GLN A CG  1 
ATOM   1066 C CD  . GLN A 1 138 ? 18.726  1.958   -4.320  1.00 50.43  ? 138 GLN A CD  1 
ATOM   1067 O OE1 . GLN A 1 138 ? 19.905  1.741   -4.041  1.00 55.70  ? 138 GLN A OE1 1 
ATOM   1068 N NE2 . GLN A 1 138 ? 18.330  2.300   -5.542  1.00 55.35  ? 138 GLN A NE2 1 
ATOM   1069 N N   . GLU A 1 139 ? 15.453  3.442   -5.294  1.00 42.20  ? 139 GLU A N   1 
ATOM   1070 C CA  . GLU A 1 139 ? 14.217  3.035   -5.949  1.00 47.43  ? 139 GLU A CA  1 
ATOM   1071 C C   . GLU A 1 139 ? 14.335  1.572   -6.339  1.00 49.43  ? 139 GLU A C   1 
ATOM   1072 O O   . GLU A 1 139 ? 15.426  0.998   -6.323  1.00 51.08  ? 139 GLU A O   1 
ATOM   1073 C CB  . GLU A 1 139 ? 13.959  3.871   -7.202  1.00 51.48  ? 139 GLU A CB  1 
ATOM   1074 C CG  . GLU A 1 139 ? 13.680  5.332   -6.921  1.00 61.23  ? 139 GLU A CG  1 
ATOM   1075 C CD  . GLU A 1 139 ? 13.342  6.117   -8.172  1.00 68.27  ? 139 GLU A CD  1 
ATOM   1076 O OE1 . GLU A 1 139 ? 14.157  6.974   -8.580  1.00 72.81  ? 139 GLU A OE1 1 
ATOM   1077 O OE2 . GLU A 1 139 ? 12.257  5.885   -8.745  1.00 71.99  ? 139 GLU A OE2 1 
ATOM   1078 N N   . PHE A 1 140 ? 13.205  0.972   -6.685  1.00 51.37  ? 140 PHE A N   1 
ATOM   1079 C CA  . PHE A 1 140 ? 13.166  -0.427  -7.079  1.00 53.69  ? 140 PHE A CA  1 
ATOM   1080 C C   . PHE A 1 140 ? 12.267  -0.503  -8.302  1.00 62.49  ? 140 PHE A C   1 
ATOM   1081 O O   . PHE A 1 140 ? 11.060  -0.724  -8.204  1.00 64.58  ? 140 PHE A O   1 
ATOM   1082 C CB  . PHE A 1 140 ? 12.645  -1.259  -5.914  1.00 44.43  ? 140 PHE A CB  1 
ATOM   1083 C CG  . PHE A 1 140 ? 13.358  -0.972  -4.624  1.00 35.66  ? 140 PHE A CG  1 
ATOM   1084 C CD1 . PHE A 1 140 ? 12.790  -0.135  -3.672  1.00 35.75  ? 140 PHE A CD1 1 
ATOM   1085 C CD2 . PHE A 1 140 ? 14.635  -1.476  -4.393  1.00 35.04  ? 140 PHE A CD2 1 
ATOM   1086 C CE1 . PHE A 1 140 ? 13.489  0.202   -2.506  1.00 33.31  ? 140 PHE A CE1 1 
ATOM   1087 C CE2 . PHE A 1 140 ? 15.339  -1.146  -3.230  1.00 30.78  ? 140 PHE A CE2 1 
ATOM   1088 C CZ  . PHE A 1 140 ? 14.765  -0.304  -2.288  1.00 27.99  ? 140 PHE A CZ  1 
ATOM   1089 N N   . LEU A 1 141 ? 12.898  -0.273  -9.450  1.00 73.41  ? 141 LEU A N   1 
ATOM   1090 C CA  . LEU A 1 141 ? 12.265  -0.230  -10.763 1.00 83.80  ? 141 LEU A CA  1 
ATOM   1091 C C   . LEU A 1 141 ? 11.093  -1.153  -11.077 1.00 89.54  ? 141 LEU A C   1 
ATOM   1092 O O   . LEU A 1 141 ? 11.137  -2.360  -10.809 1.00 91.09  ? 141 LEU A O   1 
ATOM   1093 C CB  . LEU A 1 141 ? 13.331  -0.325  -11.855 1.00 88.14  ? 141 LEU A CB  1 
ATOM   1094 C CG  . LEU A 1 141 ? 14.246  0.906   -11.951 1.00 90.96  ? 141 LEU A CG  1 
ATOM   1095 C CD1 . LEU A 1 141 ? 13.380  2.165   -11.940 1.00 91.33  ? 141 LEU A CD1 1 
ATOM   1096 C CD2 . LEU A 1 141 ? 15.245  0.952   -10.796 1.00 91.29  ? 141 LEU A CD2 1 
ATOM   1097 N N   . GLU A 1 142 ? 10.075  -0.551  -11.700 1.00 94.67  ? 142 GLU A N   1 
ATOM   1098 C CA  . GLU A 1 142 ? 8.820   -1.202  -12.102 1.00 98.33  ? 142 GLU A CA  1 
ATOM   1099 C C   . GLU A 1 142 ? 8.950   -2.552  -12.802 1.00 100.00 ? 142 GLU A C   1 
ATOM   1100 O O   . GLU A 1 142 ? 8.990   -2.633  -14.038 1.00 100.00 ? 142 GLU A O   1 
ATOM   1101 C CB  . GLU A 1 142 ? 7.971   -0.257  -12.973 1.00 98.02  ? 142 GLU A CB  1 
ATOM   1102 C CG  . GLU A 1 142 ? 7.451   0.992   -12.256 1.00 100.00 ? 142 GLU A CG  1 
ATOM   1103 C CD  . GLU A 1 142 ? 6.500   1.825   -13.117 1.00 100.00 ? 142 GLU A CD  1 
ATOM   1104 O OE1 . GLU A 1 142 ? 6.877   2.955   -13.509 1.00 100.00 ? 142 GLU A OE1 1 
ATOM   1105 O OE2 . GLU A 1 142 ? 5.371   1.354   -13.392 1.00 100.00 ? 142 GLU A OE2 1 
ATOM   1106 N N   . ASP A 1 143 ? 8.986   -3.602  -11.985 1.00 100.00 ? 143 ASP A N   1 
ATOM   1107 C CA  . ASP A 1 143 ? 9.086   -4.984  -12.443 1.00 100.00 ? 143 ASP A CA  1 
ATOM   1108 C C   . ASP A 1 143 ? 9.264   -5.891  -11.228 1.00 100.00 ? 143 ASP A C   1 
ATOM   1109 O O   . ASP A 1 143 ? 10.380  -6.068  -10.719 1.00 100.00 ? 143 ASP A O   1 
ATOM   1110 C CB  . ASP A 1 143 ? 10.254  -5.176  -13.426 1.00 100.00 ? 143 ASP A CB  1 
ATOM   1111 C CG  . ASP A 1 143 ? 10.082  -6.409  -14.305 1.00 100.00 ? 143 ASP A CG  1 
ATOM   1112 O OD1 . ASP A 1 143 ? 9.144   -6.424  -15.136 1.00 100.00 ? 143 ASP A OD1 1 
ATOM   1113 O OD2 . ASP A 1 143 ? 10.881  -7.360  -14.164 1.00 100.00 ? 143 ASP A OD2 1 
ATOM   1114 N N   . ALA A 1 144 ? 8.142   -6.402  -10.727 1.00 100.00 ? 144 ALA A N   1 
ATOM   1115 C CA  . ALA A 1 144 ? 8.155   -7.305  -9.587  1.00 100.00 ? 144 ALA A CA  1 
ATOM   1116 C C   . ALA A 1 144 ? 8.492   -8.696  -10.125 1.00 100.00 ? 144 ALA A C   1 
ATOM   1117 O O   . ALA A 1 144 ? 9.635   -8.962  -10.514 1.00 100.00 ? 144 ALA A O   1 
ATOM   1118 C CB  . ALA A 1 144 ? 6.786   -7.303  -8.890  1.00 100.00 ? 144 ALA A CB  1 
ATOM   1119 N N   . ASP A 1 145 ? 7.477   -9.556  -10.172 1.00 100.00 ? 145 ASP A N   1 
ATOM   1120 C CA  . ASP A 1 145 ? 7.569   -10.936 -10.660 1.00 100.00 ? 145 ASP A CA  1 
ATOM   1121 C C   . ASP A 1 145 ? 6.257   -11.604 -10.262 1.00 100.00 ? 145 ASP A C   1 
ATOM   1122 O O   . ASP A 1 145 ? 5.620   -12.303 -11.058 1.00 100.00 ? 145 ASP A O   1 
ATOM   1123 C CB  . ASP A 1 145 ? 8.772   -11.694 -10.046 1.00 100.00 ? 145 ASP A CB  1 
ATOM   1124 C CG  . ASP A 1 145 ? 8.663   -11.883 -8.526  1.00 100.00 ? 145 ASP A CG  1 
ATOM   1125 O OD1 . ASP A 1 145 ? 8.353   -13.014 -8.087  1.00 100.00 ? 145 ASP A OD1 1 
ATOM   1126 O OD2 . ASP A 1 145 ? 8.907   -10.912 -7.771  1.00 100.00 ? 145 ASP A OD2 1 
ATOM   1127 N N   . ARG A 1 146 ? 5.848   -11.326 -9.025  1.00 99.42  ? 146 ARG A N   1 
ATOM   1128 C CA  . ARG A 1 146 ? 4.625   -11.845 -8.434  1.00 97.48  ? 146 ARG A CA  1 
ATOM   1129 C C   . ARG A 1 146 ? 4.253   -11.002 -7.219  1.00 94.71  ? 146 ARG A C   1 
ATOM   1130 O O   . ARG A 1 146 ? 5.034   -10.163 -6.749  1.00 92.43  ? 146 ARG A O   1 
ATOM   1131 C CB  . ARG A 1 146 ? 4.790   -13.316 -8.020  1.00 98.02  ? 146 ARG A CB  1 
ATOM   1132 C CG  . ARG A 1 146 ? 4.133   -14.339 -8.960  1.00 99.05  ? 146 ARG A CG  1 
ATOM   1133 C CD  . ARG A 1 146 ? 2.616   -14.459 -8.753  1.00 100.00 ? 146 ARG A CD  1 
ATOM   1134 N NE  . ARG A 1 146 ? 1.844   -13.403 -9.413  1.00 100.00 ? 146 ARG A NE  1 
ATOM   1135 C CZ  . ARG A 1 146 ? 0.969   -13.610 -10.397 1.00 100.00 ? 146 ARG A CZ  1 
ATOM   1136 N NH1 . ARG A 1 146 ? 0.744   -14.838 -10.851 1.00 100.00 ? 146 ARG A NH1 1 
ATOM   1137 N NH2 . ARG A 1 146 ? 0.310   -12.586 -10.927 1.00 100.00 ? 146 ARG A NH2 1 
ATOM   1138 N N   . LYS A 1 147 ? 3.041   -11.234 -6.735  1.00 92.13  ? 147 LYS A N   1 
ATOM   1139 C CA  . LYS A 1 147 ? 2.493   -10.533 -5.587  1.00 89.52  ? 147 LYS A CA  1 
ATOM   1140 C C   . LYS A 1 147 ? 3.059   -11.147 -4.306  1.00 85.78  ? 147 LYS A C   1 
ATOM   1141 O O   . LYS A 1 147 ? 2.652   -12.238 -3.906  1.00 87.21  ? 147 LYS A O   1 
ATOM   1142 C CB  . LYS A 1 147 ? 0.967   -10.676 -5.585  1.00 92.20  ? 147 LYS A CB  1 
ATOM   1143 C CG  . LYS A 1 147 ? 0.293   -10.635 -6.958  1.00 96.00  ? 147 LYS A CG  1 
ATOM   1144 C CD  . LYS A 1 147 ? 0.353   -9.260  -7.603  1.00 98.65  ? 147 LYS A CD  1 
ATOM   1145 C CE  . LYS A 1 147 ? -0.389  -9.257  -8.936  1.00 100.00 ? 147 LYS A CE  1 
ATOM   1146 N NZ  . LYS A 1 147 ? -0.435  -7.908  -9.571  1.00 100.00 ? 147 LYS A NZ  1 
ATOM   1147 N N   . SER A 1 148 ? 3.998   -10.452 -3.670  1.00 80.09  ? 148 SER A N   1 
ATOM   1148 C CA  . SER A 1 148 ? 4.602   -10.953 -2.436  1.00 74.60  ? 148 SER A CA  1 
ATOM   1149 C C   . SER A 1 148 ? 5.151   -9.845  -1.552  1.00 69.94  ? 148 SER A C   1 
ATOM   1150 O O   . SER A 1 148 ? 5.678   -8.844  -2.042  1.00 70.40  ? 148 SER A O   1 
ATOM   1151 C CB  . SER A 1 148 ? 5.727   -11.940 -2.753  1.00 76.09  ? 148 SER A CB  1 
ATOM   1152 O OG  . SER A 1 148 ? 6.777   -11.306 -3.466  1.00 77.42  ? 148 SER A OG  1 
ATOM   1153 N N   . LEU A 1 149 ? 5.011   -10.027 -0.245  1.00 63.46  ? 149 LEU A N   1 
ATOM   1154 C CA  . LEU A 1 149 ? 5.520   -9.059  0.708   1.00 59.78  ? 149 LEU A CA  1 
ATOM   1155 C C   . LEU A 1 149 ? 7.034   -9.180  0.725   1.00 60.75  ? 149 LEU A C   1 
ATOM   1156 O O   . LEU A 1 149 ? 7.576   -10.271 0.889   1.00 61.74  ? 149 LEU A O   1 
ATOM   1157 C CB  . LEU A 1 149 ? 4.949   -9.326  2.097   1.00 55.23  ? 149 LEU A CB  1 
ATOM   1158 C CG  . LEU A 1 149 ? 3.722   -8.492  2.463   1.00 52.34  ? 149 LEU A CG  1 
ATOM   1159 C CD1 . LEU A 1 149 ? 2.702   -8.556  1.357   1.00 52.21  ? 149 LEU A CD1 1 
ATOM   1160 C CD2 . LEU A 1 149 ? 3.129   -8.969  3.779   1.00 52.41  ? 149 LEU A CD2 1 
ATOM   1161 N N   . GLU A 1 150 ? 7.716   -8.059  0.526   1.00 61.82  ? 150 GLU A N   1 
ATOM   1162 C CA  . GLU A 1 150 ? 9.173   -8.059  0.494   1.00 59.90  ? 150 GLU A CA  1 
ATOM   1163 C C   . GLU A 1 150 ? 9.808   -7.117  1.499   1.00 56.16  ? 150 GLU A C   1 
ATOM   1164 O O   . GLU A 1 150 ? 9.153   -6.229  2.056   1.00 56.90  ? 150 GLU A O   1 
ATOM   1165 C CB  . GLU A 1 150 ? 9.672   -7.688  -0.906  1.00 63.33  ? 150 GLU A CB  1 
ATOM   1166 C CG  . GLU A 1 150 ? 9.301   -8.683  -1.992  1.00 71.24  ? 150 GLU A CG  1 
ATOM   1167 C CD  . GLU A 1 150 ? 9.819   -10.076 -1.703  1.00 76.10  ? 150 GLU A CD  1 
ATOM   1168 O OE1 . GLU A 1 150 ? 11.041  -10.223 -1.474  1.00 78.86  ? 150 GLU A OE1 1 
ATOM   1169 O OE2 . GLU A 1 150 ? 9.001   -11.022 -1.700  1.00 77.70  ? 150 GLU A OE2 1 
ATOM   1170 N N   . THR A 1 151 ? 11.096  -7.336  1.734   1.00 48.92  ? 151 THR A N   1 
ATOM   1171 C CA  . THR A 1 151 ? 11.867  -6.499  2.637   1.00 41.79  ? 151 THR A CA  1 
ATOM   1172 C C   . THR A 1 151 ? 13.036  -5.983  1.824   1.00 40.02  ? 151 THR A C   1 
ATOM   1173 O O   . THR A 1 151 ? 13.999  -6.710  1.575   1.00 41.05  ? 151 THR A O   1 
ATOM   1174 C CB  . THR A 1 151 ? 12.371  -7.280  3.856   1.00 40.53  ? 151 THR A CB  1 
ATOM   1175 O OG1 . THR A 1 151 ? 11.256  -7.635  4.683   1.00 46.61  ? 151 THR A OG1 1 
ATOM   1176 C CG2 . THR A 1 151 ? 13.346  -6.440  4.664   1.00 35.18  ? 151 THR A CG2 1 
ATOM   1177 N N   . LYS A 1 152 ? 12.893  -4.752  1.338   1.00 36.34  ? 152 LYS A N   1 
ATOM   1178 C CA  . LYS A 1 152 ? 13.915  -4.094  0.528   1.00 31.54  ? 152 LYS A CA  1 
ATOM   1179 C C   . LYS A 1 152 ? 14.740  -3.183  1.429   1.00 30.63  ? 152 LYS A C   1 
ATOM   1180 O O   . LYS A 1 152 ? 14.272  -2.767  2.496   1.00 26.53  ? 152 LYS A O   1 
ATOM   1181 C CB  . LYS A 1 152 ? 13.257  -3.262  -0.573  1.00 28.37  ? 152 LYS A CB  1 
ATOM   1182 C CG  . LYS A 1 152 ? 12.182  -3.991  -1.363  1.00 30.05  ? 152 LYS A CG  1 
ATOM   1183 C CD  . LYS A 1 152 ? 12.660  -4.448  -2.736  1.00 32.60  ? 152 LYS A CD  1 
ATOM   1184 C CE  . LYS A 1 152 ? 13.616  -5.620  -2.663  1.00 38.77  ? 152 LYS A CE  1 
ATOM   1185 N NZ  . LYS A 1 152 ? 13.995  -6.061  -4.038  1.00 45.39  ? 152 LYS A NZ  1 
ATOM   1186 N N   . SER A 1 153 ? 15.946  -2.842  0.983   1.00 29.99  ? 153 SER A N   1 
ATOM   1187 C CA  . SER A 1 153 ? 16.812  -1.988  1.780   1.00 31.98  ? 153 SER A CA  1 
ATOM   1188 C C   . SER A 1 153 ? 17.740  -1.077  0.987   1.00 31.57  ? 153 SER A C   1 
ATOM   1189 O O   . SER A 1 153 ? 18.009  -1.298  -0.194  1.00 33.53  ? 153 SER A O   1 
ATOM   1190 C CB  . SER A 1 153 ? 17.642  -2.846  2.733   1.00 33.34  ? 153 SER A CB  1 
ATOM   1191 O OG  . SER A 1 153 ? 18.462  -3.741  2.009   1.00 44.05  ? 153 SER A OG  1 
ATOM   1192 N N   . LEU A 1 154 ? 18.205  -0.034  1.665   1.00 31.16  ? 154 LEU A N   1 
ATOM   1193 C CA  . LEU A 1 154 ? 19.128  0.941   1.104   1.00 31.14  ? 154 LEU A CA  1 
ATOM   1194 C C   . LEU A 1 154 ? 20.432  0.794   1.873   1.00 31.67  ? 154 LEU A C   1 
ATOM   1195 O O   . LEU A 1 154 ? 20.434  0.662   3.101   1.00 29.70  ? 154 LEU A O   1 
ATOM   1196 C CB  . LEU A 1 154 ? 18.572  2.359   1.258   1.00 30.80  ? 154 LEU A CB  1 
ATOM   1197 C CG  . LEU A 1 154 ? 19.441  3.561   0.876   1.00 30.83  ? 154 LEU A CG  1 
ATOM   1198 C CD1 . LEU A 1 154 ? 18.556  4.733   0.514   1.00 35.74  ? 154 LEU A CD1 1 
ATOM   1199 C CD2 . LEU A 1 154 ? 20.360  3.947   2.021   1.00 34.98  ? 154 LEU A CD2 1 
ATOM   1200 N N   . GLU A 1 155 ? 21.540  0.858   1.153   1.00 33.05  ? 155 GLU A N   1 
ATOM   1201 C CA  . GLU A 1 155 ? 22.838  0.701   1.769   1.00 37.35  ? 155 GLU A CA  1 
ATOM   1202 C C   . GLU A 1 155 ? 23.812  1.759   1.272   1.00 38.05  ? 155 GLU A C   1 
ATOM   1203 O O   . GLU A 1 155 ? 23.958  1.976   0.067   1.00 41.64  ? 155 GLU A O   1 
ATOM   1204 C CB  . GLU A 1 155 ? 23.361  -0.694  1.455   1.00 43.04  ? 155 GLU A CB  1 
ATOM   1205 C CG  . GLU A 1 155 ? 24.581  -1.096  2.226   1.00 55.82  ? 155 GLU A CG  1 
ATOM   1206 C CD  . GLU A 1 155 ? 24.964  -2.525  1.944   1.00 64.89  ? 155 GLU A CD  1 
ATOM   1207 O OE1 . GLU A 1 155 ? 25.800  -2.739  1.038   1.00 66.18  ? 155 GLU A OE1 1 
ATOM   1208 O OE2 . GLU A 1 155 ? 24.414  -3.430  2.615   1.00 68.83  ? 155 GLU A OE2 1 
ATOM   1209 N N   . VAL A 1 156 ? 24.471  2.423   2.212   1.00 34.45  ? 156 VAL A N   1 
ATOM   1210 C CA  . VAL A 1 156 ? 25.432  3.455   1.875   1.00 32.62  ? 156 VAL A CA  1 
ATOM   1211 C C   . VAL A 1 156 ? 26.596  3.421   2.846   1.00 32.06  ? 156 VAL A C   1 
ATOM   1212 O O   . VAL A 1 156 ? 26.453  3.005   3.997   1.00 32.27  ? 156 VAL A O   1 
ATOM   1213 C CB  . VAL A 1 156 ? 24.783  4.862   1.895   1.00 31.04  ? 156 VAL A CB  1 
ATOM   1214 C CG1 . VAL A 1 156 ? 24.325  5.217   3.292   1.00 30.47  ? 156 VAL A CG1 1 
ATOM   1215 C CG2 . VAL A 1 156 ? 25.759  5.900   1.380   1.00 33.93  ? 156 VAL A CG2 1 
ATOM   1216 N N   . THR A 1 157 ? 27.757  3.840   2.358   1.00 33.35  ? 157 THR A N   1 
ATOM   1217 C CA  . THR A 1 157 ? 28.966  3.878   3.165   1.00 32.01  ? 157 THR A CA  1 
ATOM   1218 C C   . THR A 1 157 ? 29.481  5.304   3.233   1.00 30.33  ? 157 THR A C   1 
ATOM   1219 O O   . THR A 1 157 ? 29.456  6.031   2.241   1.00 33.84  ? 157 THR A O   1 
ATOM   1220 C CB  . THR A 1 157 ? 30.052  2.989   2.562   1.00 31.71  ? 157 THR A CB  1 
ATOM   1221 O OG1 . THR A 1 157 ? 29.619  1.626   2.613   1.00 39.62  ? 157 THR A OG1 1 
ATOM   1222 C CG2 . THR A 1 157 ? 31.357  3.132   3.325   1.00 31.58  ? 157 THR A CG2 1 
ATOM   1223 N N   . PHE A 1 158 ? 29.942  5.704   4.408   1.00 27.78  ? 158 PHE A N   1 
ATOM   1224 C CA  . PHE A 1 158 ? 30.470  7.040   4.579   1.00 26.85  ? 158 PHE A CA  1 
ATOM   1225 C C   . PHE A 1 158 ? 31.389  7.120   5.789   1.00 31.06  ? 158 PHE A C   1 
ATOM   1226 O O   . PHE A 1 158 ? 31.292  6.325   6.730   1.00 36.10  ? 158 PHE A O   1 
ATOM   1227 C CB  . PHE A 1 158 ? 29.330  8.042   4.723   1.00 21.95  ? 158 PHE A CB  1 
ATOM   1228 C CG  . PHE A 1 158 ? 28.760  8.117   6.109   1.00 16.71  ? 158 PHE A CG  1 
ATOM   1229 C CD1 . PHE A 1 158 ? 28.070  7.048   6.654   1.00 17.94  ? 158 PHE A CD1 1 
ATOM   1230 C CD2 . PHE A 1 158 ? 28.911  9.269   6.870   1.00 16.08  ? 158 PHE A CD2 1 
ATOM   1231 C CE1 . PHE A 1 158 ? 27.535  7.128   7.945   1.00 23.33  ? 158 PHE A CE1 1 
ATOM   1232 C CE2 . PHE A 1 158 ? 28.380  9.356   8.158   1.00 17.27  ? 158 PHE A CE2 1 
ATOM   1233 C CZ  . PHE A 1 158 ? 27.691  8.283   8.695   1.00 19.11  ? 158 PHE A CZ  1 
ATOM   1234 N N   . THR A 1 159 ? 32.280  8.099   5.761   1.00 28.50  ? 159 THR A N   1 
ATOM   1235 C CA  . THR A 1 159 ? 33.211  8.303   6.849   1.00 25.04  ? 159 THR A CA  1 
ATOM   1236 C C   . THR A 1 159 ? 32.671  9.374   7.783   1.00 21.66  ? 159 THR A C   1 
ATOM   1237 O O   . THR A 1 159 ? 32.487  10.516  7.381   1.00 27.80  ? 159 THR A O   1 
ATOM   1238 C CB  . THR A 1 159 ? 34.566  8.751   6.308   1.00 26.59  ? 159 THR A CB  1 
ATOM   1239 O OG1 . THR A 1 159 ? 35.112  7.721   5.475   1.00 31.46  ? 159 THR A OG1 1 
ATOM   1240 C CG2 . THR A 1 159 ? 35.516  9.061   7.450   1.00 26.36  ? 159 THR A CG2 1 
ATOM   1241 N N   . PRO A 1 160 ? 32.365  9.008   9.029   1.00 19.75  ? 160 PRO A N   1 
ATOM   1242 C CA  . PRO A 1 160 ? 31.845  9.985   9.989   1.00 20.02  ? 160 PRO A CA  1 
ATOM   1243 C C   . PRO A 1 160 ? 32.963  10.958  10.338  1.00 22.88  ? 160 PRO A C   1 
ATOM   1244 O O   . PRO A 1 160 ? 34.143  10.610  10.237  1.00 25.52  ? 160 PRO A O   1 
ATOM   1245 C CB  . PRO A 1 160 ? 31.506  9.128   11.209  1.00 17.22  ? 160 PRO A CB  1 
ATOM   1246 C CG  . PRO A 1 160 ? 31.321  7.753   10.648  1.00 22.48  ? 160 PRO A CG  1 
ATOM   1247 C CD  . PRO A 1 160 ? 32.407  7.663   9.619   1.00 20.03  ? 160 PRO A CD  1 
ATOM   1248 N N   . VAL A 1 161 ? 32.596  12.175  10.727  1.00 23.39  ? 161 VAL A N   1 
ATOM   1249 C CA  . VAL A 1 161 ? 33.573  13.189  11.106  1.00 20.98  ? 161 VAL A CA  1 
ATOM   1250 C C   . VAL A 1 161 ? 33.106  13.862  12.386  1.00 23.33  ? 161 VAL A C   1 
ATOM   1251 O O   . VAL A 1 161 ? 31.933  13.777  12.736  1.00 19.64  ? 161 VAL A O   1 
ATOM   1252 C CB  . VAL A 1 161 ? 33.761  14.265  10.017  1.00 19.48  ? 161 VAL A CB  1 
ATOM   1253 C CG1 . VAL A 1 161 ? 34.350  13.655  8.772   1.00 19.11  ? 161 VAL A CG1 1 
ATOM   1254 C CG2 . VAL A 1 161 ? 32.443  14.943  9.706   1.00 20.62  ? 161 VAL A CG2 1 
ATOM   1255 N N   . ILE A 1 162 ? 34.018  14.546  13.073  1.00 27.05  ? 162 ILE A N   1 
ATOM   1256 C CA  . ILE A 1 162 ? 33.694  15.223  14.321  1.00 29.27  ? 162 ILE A CA  1 
ATOM   1257 C C   . ILE A 1 162 ? 32.477  16.135  14.209  1.00 28.78  ? 162 ILE A C   1 
ATOM   1258 O O   . ILE A 1 162 ? 31.769  16.341  15.186  1.00 32.42  ? 162 ILE A O   1 
ATOM   1259 C CB  . ILE A 1 162 ? 34.929  16.006  14.879  1.00 31.36  ? 162 ILE A CB  1 
ATOM   1260 C CG1 . ILE A 1 162 ? 35.415  15.368  16.177  1.00 35.23  ? 162 ILE A CG1 1 
ATOM   1261 C CG2 . ILE A 1 162 ? 34.585  17.464  15.185  1.00 31.13  ? 162 ILE A CG2 1 
ATOM   1262 C CD1 . ILE A 1 162 ? 35.833  13.928  16.042  1.00 42.99  ? 162 ILE A CD1 1 
ATOM   1263 N N   . GLU A 1 163 ? 32.217  16.660  13.017  1.00 29.92  ? 163 GLU A N   1 
ATOM   1264 C CA  . GLU A 1 163 ? 31.081  17.553  12.830  1.00 30.37  ? 163 GLU A CA  1 
ATOM   1265 C C   . GLU A 1 163 ? 29.730  16.850  12.736  1.00 32.46  ? 163 GLU A C   1 
ATOM   1266 O O   . GLU A 1 163 ? 28.688  17.498  12.824  1.00 31.24  ? 163 GLU A O   1 
ATOM   1267 C CB  . GLU A 1 163 ? 31.304  18.456  11.621  1.00 26.56  ? 163 GLU A CB  1 
ATOM   1268 C CG  . GLU A 1 163 ? 32.455  19.425  11.791  1.00 31.16  ? 163 GLU A CG  1 
ATOM   1269 C CD  . GLU A 1 163 ? 33.583  19.167  10.817  1.00 39.65  ? 163 GLU A CD  1 
ATOM   1270 O OE1 . GLU A 1 163 ? 33.964  20.103  10.090  1.00 51.33  ? 163 GLU A OE1 1 
ATOM   1271 O OE2 . GLU A 1 163 ? 34.095  18.031  10.779  1.00 29.81  ? 163 GLU A OE2 1 
ATOM   1272 N N   . ASP A 1 164 ? 29.749  15.530  12.562  1.00 31.97  ? 164 ASP A N   1 
ATOM   1273 C CA  . ASP A 1 164 ? 28.516  14.750  12.478  1.00 27.02  ? 164 ASP A CA  1 
ATOM   1274 C C   . ASP A 1 164 ? 27.917  14.494  13.853  1.00 30.49  ? 164 ASP A C   1 
ATOM   1275 O O   . ASP A 1 164 ? 26.746  14.135  13.971  1.00 34.03  ? 164 ASP A O   1 
ATOM   1276 C CB  . ASP A 1 164 ? 28.765  13.409  11.792  1.00 22.37  ? 164 ASP A CB  1 
ATOM   1277 C CG  . ASP A 1 164 ? 29.044  13.550  10.313  1.00 27.90  ? 164 ASP A CG  1 
ATOM   1278 O OD1 . ASP A 1 164 ? 28.545  14.513  9.693   1.00 33.98  ? 164 ASP A OD1 1 
ATOM   1279 O OD2 . ASP A 1 164 ? 29.761  12.688  9.762   1.00 30.52  ? 164 ASP A OD2 1 
ATOM   1280 N N   . ILE A 1 165 ? 28.729  14.665  14.889  1.00 32.88  ? 165 ILE A N   1 
ATOM   1281 C CA  . ILE A 1 165 ? 28.280  14.448  16.257  1.00 36.25  ? 165 ILE A CA  1 
ATOM   1282 C C   . ILE A 1 165 ? 27.064  15.329  16.561  1.00 32.96  ? 165 ILE A C   1 
ATOM   1283 O O   . ILE A 1 165 ? 27.055  16.522  16.253  1.00 34.03  ? 165 ILE A O   1 
ATOM   1284 C CB  . ILE A 1 165 ? 29.436  14.718  17.262  1.00 41.59  ? 165 ILE A CB  1 
ATOM   1285 C CG1 . ILE A 1 165 ? 29.070  14.205  18.650  1.00 50.87  ? 165 ILE A CG1 1 
ATOM   1286 C CG2 . ILE A 1 165 ? 29.760  16.207  17.337  1.00 45.34  ? 165 ILE A CG2 1 
ATOM   1287 C CD1 . ILE A 1 165 ? 30.238  14.240  19.620  1.00 61.71  ? 165 ILE A CD1 1 
ATOM   1288 N N   . GLY A 1 166 ? 26.009  14.715  17.089  1.00 31.87  ? 166 GLY A N   1 
ATOM   1289 C CA  . GLY A 1 166 ? 24.801  15.460  17.407  1.00 28.75  ? 166 GLY A CA  1 
ATOM   1290 C C   . GLY A 1 166 ? 23.763  15.432  16.300  1.00 27.77  ? 166 GLY A C   1 
ATOM   1291 O O   . GLY A 1 166 ? 22.580  15.661  16.546  1.00 29.81  ? 166 GLY A O   1 
ATOM   1292 N N   . LYS A 1 167 ? 24.206  15.196  15.070  1.00 26.02  ? 167 LYS A N   1 
ATOM   1293 C CA  . LYS A 1 167 ? 23.302  15.129  13.930  1.00 25.58  ? 167 LYS A CA  1 
ATOM   1294 C C   . LYS A 1 167 ? 22.541  13.813  13.926  1.00 28.89  ? 167 LYS A C   1 
ATOM   1295 O O   . LYS A 1 167 ? 23.014  12.809  14.459  1.00 31.43  ? 167 LYS A O   1 
ATOM   1296 C CB  . LYS A 1 167 ? 24.078  15.280  12.626  1.00 21.34  ? 167 LYS A CB  1 
ATOM   1297 C CG  . LYS A 1 167 ? 24.572  16.682  12.354  1.00 24.80  ? 167 LYS A CG  1 
ATOM   1298 C CD  . LYS A 1 167 ? 25.324  16.737  11.035  1.00 27.64  ? 167 LYS A CD  1 
ATOM   1299 C CE  . LYS A 1 167 ? 25.767  18.148  10.697  1.00 30.34  ? 167 LYS A CE  1 
ATOM   1300 N NZ  . LYS A 1 167 ? 26.586  18.150  9.455   1.00 36.10  ? 167 LYS A NZ  1 
ATOM   1301 N N   . VAL A 1 168 ? 21.364  13.816  13.315  1.00 30.40  ? 168 VAL A N   1 
ATOM   1302 C CA  . VAL A 1 168 ? 20.555  12.608  13.259  1.00 29.77  ? 168 VAL A CA  1 
ATOM   1303 C C   . VAL A 1 168 ? 20.506  11.959  11.887  1.00 28.52  ? 168 VAL A C   1 
ATOM   1304 O O   . VAL A 1 168 ? 20.423  12.636  10.863  1.00 31.10  ? 168 VAL A O   1 
ATOM   1305 C CB  . VAL A 1 168 ? 19.099  12.870  13.709  1.00 29.56  ? 168 VAL A CB  1 
ATOM   1306 C CG1 . VAL A 1 168 ? 19.052  13.178  15.189  1.00 27.62  ? 168 VAL A CG1 1 
ATOM   1307 C CG2 . VAL A 1 168 ? 18.502  14.024  12.917  1.00 33.93  ? 168 VAL A CG2 1 
ATOM   1308 N N   . LEU A 1 169 ? 20.610  10.638  11.873  1.00 27.82  ? 169 LEU A N   1 
ATOM   1309 C CA  . LEU A 1 169 ? 20.513  9.881   10.641  1.00 24.34  ? 169 LEU A CA  1 
ATOM   1310 C C   . LEU A 1 169 ? 19.028  9.606   10.492  1.00 24.08  ? 169 LEU A C   1 
ATOM   1311 O O   . LEU A 1 169 ? 18.405  9.017   11.382  1.00 26.50  ? 169 LEU A O   1 
ATOM   1312 C CB  . LEU A 1 169 ? 21.258  8.562   10.764  1.00 23.42  ? 169 LEU A CB  1 
ATOM   1313 C CG  . LEU A 1 169 ? 22.552  8.514   9.972   1.00 28.57  ? 169 LEU A CG  1 
ATOM   1314 C CD1 . LEU A 1 169 ? 23.190  7.144   10.111  1.00 33.22  ? 169 LEU A CD1 1 
ATOM   1315 C CD2 . LEU A 1 169 ? 22.242  8.811   8.528   1.00 34.20  ? 169 LEU A CD2 1 
ATOM   1316 N N   . VAL A 1 170 ? 18.437  10.094  9.413   1.00 22.54  ? 170 VAL A N   1 
ATOM   1317 C CA  . VAL A 1 170 ? 17.017  9.871   9.203   1.00 23.18  ? 170 VAL A CA  1 
ATOM   1318 C C   . VAL A 1 170 ? 16.736  9.103   7.925   1.00 21.56  ? 170 VAL A C   1 
ATOM   1319 O O   . VAL A 1 170 ? 17.174  9.479   6.831   1.00 24.97  ? 170 VAL A O   1 
ATOM   1320 C CB  . VAL A 1 170 ? 16.207  11.186  9.256   1.00 20.92  ? 170 VAL A CB  1 
ATOM   1321 C CG1 . VAL A 1 170 ? 16.830  12.225  8.363   1.00 28.05  ? 170 VAL A CG1 1 
ATOM   1322 C CG2 . VAL A 1 170 ? 14.771  10.936  8.849   1.00 20.45  ? 170 VAL A CG2 1 
ATOM   1323 N N   . CYS A 1 171 ? 16.066  7.972   8.090   1.00 22.65  ? 171 CYS A N   1 
ATOM   1324 C CA  . CYS A 1 171 ? 15.719  7.138   6.961   1.00 24.32  ? 171 CYS A CA  1 
ATOM   1325 C C   . CYS A 1 171 ? 14.239  7.272   6.710   1.00 24.13  ? 171 CYS A C   1 
ATOM   1326 O O   . CYS A 1 171 ? 13.427  6.952   7.575   1.00 24.02  ? 171 CYS A O   1 
ATOM   1327 C CB  . CYS A 1 171 ? 16.045  5.685   7.232   1.00 23.92  ? 171 CYS A CB  1 
ATOM   1328 S SG  . CYS A 1 171 ? 15.518  4.672   5.829   1.00 24.76  ? 171 CYS A SG  1 
ATOM   1329 N N   . ARG A 1 172 ? 13.895  7.757   5.523   1.00 25.01  ? 172 ARG A N   1 
ATOM   1330 C CA  . ARG A 1 172 ? 12.506  7.949   5.168   1.00 23.30  ? 172 ARG A CA  1 
ATOM   1331 C C   . ARG A 1 172 ? 12.056  7.020   4.055   1.00 23.27  ? 172 ARG A C   1 
ATOM   1332 O O   . ARG A 1 172 ? 12.701  6.923   3.007   1.00 25.90  ? 172 ARG A O   1 
ATOM   1333 C CB  . ARG A 1 172 ? 12.260  9.398   4.772   1.00 23.11  ? 172 ARG A CB  1 
ATOM   1334 C CG  . ARG A 1 172 ? 10.923  9.892   5.271   1.00 40.28  ? 172 ARG A CG  1 
ATOM   1335 C CD  . ARG A 1 172 ? 10.536  11.267  4.734   1.00 51.31  ? 172 ARG A CD  1 
ATOM   1336 N NE  . ARG A 1 172 ? 11.398  12.340  5.219   1.00 57.22  ? 172 ARG A NE  1 
ATOM   1337 C CZ  . ARG A 1 172 ? 12.294  12.980  4.473   1.00 63.95  ? 172 ARG A CZ  1 
ATOM   1338 N NH1 . ARG A 1 172 ? 12.465  12.666  3.193   1.00 64.83  ? 172 ARG A NH1 1 
ATOM   1339 N NH2 . ARG A 1 172 ? 13.011  13.955  5.016   1.00 66.51  ? 172 ARG A NH2 1 
ATOM   1340 N N   . ALA A 1 173 ? 10.961  6.312   4.304   1.00 21.85  ? 173 ALA A N   1 
ATOM   1341 C CA  . ALA A 1 173 ? 10.398  5.387   3.324   1.00 22.51  ? 173 ALA A CA  1 
ATOM   1342 C C   . ALA A 1 173 ? 9.100   5.966   2.772   1.00 23.63  ? 173 ALA A C   1 
ATOM   1343 O O   . ALA A 1 173 ? 8.173   6.285   3.524   1.00 24.44  ? 173 ALA A O   1 
ATOM   1344 C CB  . ALA A 1 173 ? 10.139  4.034   3.965   1.00 20.96  ? 173 ALA A CB  1 
ATOM   1345 N N   . LYS A 1 174 ? 9.028   6.090   1.456   1.00 22.58  ? 174 LYS A N   1 
ATOM   1346 C CA  . LYS A 1 174 ? 7.844   6.646   0.830   1.00 22.52  ? 174 LYS A CA  1 
ATOM   1347 C C   . LYS A 1 174 ? 7.210   5.700   -0.172  1.00 21.80  ? 174 LYS A C   1 
ATOM   1348 O O   . LYS A 1 174 ? 7.877   5.182   -1.081  1.00 19.68  ? 174 LYS A O   1 
ATOM   1349 C CB  . LYS A 1 174 ? 8.188   7.982   0.162   1.00 30.11  ? 174 LYS A CB  1 
ATOM   1350 C CG  . LYS A 1 174 ? 8.486   9.098   1.156   1.00 37.15  ? 174 LYS A CG  1 
ATOM   1351 C CD  . LYS A 1 174 ? 8.818   10.419  0.475   1.00 42.42  ? 174 LYS A CD  1 
ATOM   1352 C CE  . LYS A 1 174 ? 10.275  10.483  0.048   1.00 47.37  ? 174 LYS A CE  1 
ATOM   1353 N NZ  . LYS A 1 174 ? 10.599  11.784  -0.613  1.00 51.80  ? 174 LYS A NZ  1 
ATOM   1354 N N   . LEU A 1 175 ? 5.917   5.462   0.014   1.00 21.22  ? 175 LEU A N   1 
ATOM   1355 C CA  . LEU A 1 175 ? 5.178   4.594   -0.887  1.00 22.45  ? 175 LEU A CA  1 
ATOM   1356 C C   . LEU A 1 175 ? 4.306   5.484   -1.752  1.00 24.58  ? 175 LEU A C   1 
ATOM   1357 O O   . LEU A 1 175 ? 3.358   6.103   -1.264  1.00 24.49  ? 175 LEU A O   1 
ATOM   1358 C CB  . LEU A 1 175 ? 4.320   3.610   -0.099  1.00 20.67  ? 175 LEU A CB  1 
ATOM   1359 C CG  . LEU A 1 175 ? 3.840   2.391   -0.886  1.00 16.54  ? 175 LEU A CG  1 
ATOM   1360 C CD1 . LEU A 1 175 ? 5.008   1.685   -1.568  1.00 10.18  ? 175 LEU A CD1 1 
ATOM   1361 C CD2 . LEU A 1 175 ? 3.141   1.446   0.068   1.00 17.44  ? 175 LEU A CD2 1 
ATOM   1362 N N   . HIS A 1 176 ? 4.671   5.591   -3.024  1.00 27.16  ? 176 HIS A N   1 
ATOM   1363 C CA  . HIS A 1 176 ? 3.938   6.427   -3.962  1.00 33.08  ? 176 HIS A CA  1 
ATOM   1364 C C   . HIS A 1 176 ? 2.702   5.745   -4.531  1.00 39.57  ? 176 HIS A C   1 
ATOM   1365 O O   . HIS A 1 176 ? 2.751   5.112   -5.587  1.00 42.32  ? 176 HIS A O   1 
ATOM   1366 C CB  . HIS A 1 176 ? 4.866   6.898   -5.084  1.00 34.33  ? 176 HIS A CB  1 
ATOM   1367 C CG  . HIS A 1 176 ? 5.965   7.795   -4.615  1.00 36.00  ? 176 HIS A CG  1 
ATOM   1368 N ND1 . HIS A 1 176 ? 7.269   7.364   -4.477  1.00 35.85  ? 176 HIS A ND1 1 
ATOM   1369 C CD2 . HIS A 1 176 ? 5.951   9.089   -4.214  1.00 34.33  ? 176 HIS A CD2 1 
ATOM   1370 C CE1 . HIS A 1 176 ? 8.008   8.356   -4.009  1.00 31.01  ? 176 HIS A CE1 1 
ATOM   1371 N NE2 . HIS A 1 176 ? 7.234   9.412   -3.842  1.00 31.91  ? 176 HIS A NE2 1 
ATOM   1372 N N   . ILE A 1 177 ? 1.601   5.857   -3.796  1.00 47.20  ? 177 ILE A N   1 
ATOM   1373 C CA  . ILE A 1 177 ? 0.322   5.283   -4.202  1.00 56.18  ? 177 ILE A CA  1 
ATOM   1374 C C   . ILE A 1 177 ? -0.735  6.378   -4.158  1.00 65.96  ? 177 ILE A C   1 
ATOM   1375 O O   . ILE A 1 177 ? -0.469  7.496   -3.705  1.00 68.30  ? 177 ILE A O   1 
ATOM   1376 C CB  . ILE A 1 177 ? -0.130  4.149   -3.260  1.00 53.89  ? 177 ILE A CB  1 
ATOM   1377 C CG1 . ILE A 1 177 ? -0.096  4.637   -1.804  1.00 55.23  ? 177 ILE A CG1 1 
ATOM   1378 C CG2 . ILE A 1 177 ? 0.714   2.906   -3.490  1.00 52.76  ? 177 ILE A CG2 1 
ATOM   1379 C CD1 . ILE A 1 177 ? -0.623  3.643   -0.787  1.00 58.34  ? 177 ILE A CD1 1 
ATOM   1380 N N   . ASP A 1 178 ? -1.936  6.051   -4.619  1.00 76.33  ? 178 ASP A N   1 
ATOM   1381 C CA  . ASP A 1 178 ? -3.030  7.009   -4.624  1.00 85.28  ? 178 ASP A CA  1 
ATOM   1382 C C   . ASP A 1 178 ? -3.751  7.040   -3.272  1.00 88.66  ? 178 ASP A C   1 
ATOM   1383 O O   . ASP A 1 178 ? -4.926  6.682   -3.169  1.00 89.38  ? 178 ASP A O   1 
ATOM   1384 C CB  . ASP A 1 178 ? -3.999  6.681   -5.759  1.00 90.99  ? 178 ASP A CB  1 
ATOM   1385 C CG  . ASP A 1 178 ? -4.196  7.843   -6.710  1.00 97.01  ? 178 ASP A CG  1 
ATOM   1386 O OD1 . ASP A 1 178 ? -3.356  8.772   -6.718  1.00 99.68  ? 178 ASP A OD1 1 
ATOM   1387 O OD2 . ASP A 1 178 ? -5.200  7.826   -7.453  1.00 99.69  ? 178 ASP A OD2 1 
ATOM   1388 N N   . GLU A 1 179 ? -3.020  7.486   -2.250  1.00 91.87  ? 179 GLU A N   1 
ATOM   1389 C CA  . GLU A 1 179 ? -3.478  7.591   -0.859  1.00 96.25  ? 179 GLU A CA  1 
ATOM   1390 C C   . GLU A 1 179 ? -4.979  7.715   -0.547  1.00 98.76  ? 179 GLU A C   1 
ATOM   1391 O O   . GLU A 1 179 ? -5.730  8.413   -1.241  1.00 98.92  ? 179 GLU A O   1 
ATOM   1392 C CB  . GLU A 1 179 ? -2.678  8.699   -0.151  1.00 96.84  ? 179 GLU A CB  1 
ATOM   1393 C CG  . GLU A 1 179 ? -3.423  9.522   0.907   1.00 98.44  ? 179 GLU A CG  1 
ATOM   1394 C CD  . GLU A 1 179 ? -4.150  10.740  0.328   1.00 100.00 ? 179 GLU A CD  1 
ATOM   1395 O OE1 . GLU A 1 179 ? -4.391  10.793  -0.899  1.00 100.00 ? 179 GLU A OE1 1 
ATOM   1396 O OE2 . GLU A 1 179 ? -4.481  11.660  1.108   1.00 100.00 ? 179 GLU A OE2 1 
ATOM   1397 N N   . MET A 1 180 ? -5.395  7.021   0.513   1.00 100.00 ? 180 MET A N   1 
ATOM   1398 C CA  . MET A 1 180 ? -6.782  7.032   0.978   1.00 100.00 ? 180 MET A CA  1 
ATOM   1399 C C   . MET A 1 180 ? -6.898  7.971   2.186   1.00 100.00 ? 180 MET A C   1 
ATOM   1400 O O   . MET A 1 180 ? -7.215  7.543   3.303   1.00 100.00 ? 180 MET A O   1 
ATOM   1401 C CB  . MET A 1 180 ? -7.243  5.611   1.346   1.00 99.96  ? 180 MET A CB  1 
ATOM   1402 C CG  . MET A 1 180 ? -8.697  5.514   1.816   1.00 100.00 ? 180 MET A CG  1 
ATOM   1403 S SD  . MET A 1 180 ? -9.159  3.870   2.434   1.00 100.00 ? 180 MET A SD  1 
ATOM   1404 C CE  . MET A 1 180 ? -9.056  4.119   4.237   1.00 100.00 ? 180 MET A CE  1 
ATOM   1405 N N   . ASP A 1 181 ? -6.595  9.248   1.946   1.00 100.00 ? 181 ASP A N   1 
ATOM   1406 C CA  . ASP A 1 181 ? -6.662  10.308  2.958   1.00 100.00 ? 181 ASP A CA  1 
ATOM   1407 C C   . ASP A 1 181 ? -5.775  10.109  4.193   1.00 100.00 ? 181 ASP A C   1 
ATOM   1408 O O   . ASP A 1 181 ? -4.624  10.560  4.212   1.00 100.00 ? 181 ASP A O   1 
ATOM   1409 C CB  . ASP A 1 181 ? -8.121  10.556  3.364   1.00 100.00 ? 181 ASP A CB  1 
ATOM   1410 C CG  . ASP A 1 181 ? -9.008  10.867  2.168   1.00 100.00 ? 181 ASP A CG  1 
ATOM   1411 O OD1 . ASP A 1 181 ? -9.822  9.994   1.789   1.00 100.00 ? 181 ASP A OD1 1 
ATOM   1412 O OD2 . ASP A 1 181 ? -8.878  11.976  1.603   1.00 100.00 ? 181 ASP A OD2 1 
ATOM   1413 N N   . SER A 1 182 ? -6.316  9.454   5.222   1.00 100.00 ? 182 SER A N   1 
ATOM   1414 C CA  . SER A 1 182 ? -5.582  9.193   6.464   1.00 100.00 ? 182 SER A CA  1 
ATOM   1415 C C   . SER A 1 182 ? -4.545  8.075   6.317   1.00 100.00 ? 182 SER A C   1 
ATOM   1416 O O   . SER A 1 182 ? -3.708  7.871   7.203   1.00 100.00 ? 182 SER A O   1 
ATOM   1417 C CB  . SER A 1 182 ? -6.557  8.854   7.597   1.00 100.00 ? 182 SER A CB  1 
ATOM   1418 O OG  . SER A 1 182 ? -7.425  9.945   7.863   1.00 100.00 ? 182 SER A OG  1 
ATOM   1419 N N   . VAL A 1 183 ? -4.608  7.369   5.189   1.00 100.00 ? 183 VAL A N   1 
ATOM   1420 C CA  . VAL A 1 183 ? -3.691  6.272   4.875   1.00 98.03  ? 183 VAL A CA  1 
ATOM   1421 C C   . VAL A 1 183 ? -2.243  6.757   4.719   1.00 94.79  ? 183 VAL A C   1 
ATOM   1422 O O   . VAL A 1 183 ? -1.948  7.606   3.870   1.00 95.17  ? 183 VAL A O   1 
ATOM   1423 C CB  . VAL A 1 183 ? -4.160  5.515   3.597   1.00 99.11  ? 183 VAL A CB  1 
ATOM   1424 C CG1 . VAL A 1 183 ? -3.001  4.788   2.926   1.00 99.17  ? 183 VAL A CG1 1 
ATOM   1425 C CG2 . VAL A 1 183 ? -5.254  4.518   3.965   1.00 99.99  ? 183 VAL A CG2 1 
ATOM   1426 N N   . PRO A 1 184 ? -1.329  6.226   5.557   1.00 91.63  ? 184 PRO A N   1 
ATOM   1427 C CA  . PRO A 1 184 ? 0.098   6.576   5.548   1.00 87.89  ? 184 PRO A CA  1 
ATOM   1428 C C   . PRO A 1 184 ? 0.769   6.327   4.198   1.00 82.28  ? 184 PRO A C   1 
ATOM   1429 O O   . PRO A 1 184 ? 0.467   5.359   3.502   1.00 83.77  ? 184 PRO A O   1 
ATOM   1430 C CB  . PRO A 1 184 ? 0.682   5.657   6.625   1.00 89.45  ? 184 PRO A CB  1 
ATOM   1431 C CG  . PRO A 1 184 ? -0.455  5.499   7.582   1.00 91.76  ? 184 PRO A CG  1 
ATOM   1432 C CD  . PRO A 1 184 ? -1.618  5.271   6.644   1.00 91.25  ? 184 PRO A CD  1 
ATOM   1433 N N   . THR A 1 185 ? 1.665   7.230   3.828   1.00 74.11  ? 185 THR A N   1 
ATOM   1434 C CA  . THR A 1 185 ? 2.400   7.116   2.582   1.00 66.65  ? 185 THR A CA  1 
ATOM   1435 C C   . THR A 1 185 ? 3.876   7.301   2.907   1.00 58.64  ? 185 THR A C   1 
ATOM   1436 O O   . THR A 1 185 ? 4.751   6.995   2.094   1.00 58.11  ? 185 THR A O   1 
ATOM   1437 C CB  . THR A 1 185 ? 1.940   8.185   1.564   1.00 71.56  ? 185 THR A CB  1 
ATOM   1438 O OG1 . THR A 1 185 ? 2.768   8.126   0.397   1.00 77.55  ? 185 THR A OG1 1 
ATOM   1439 C CG2 . THR A 1 185 ? 2.022   9.582   2.167   1.00 74.56  ? 185 THR A CG2 1 
ATOM   1440 N N   . VAL A 1 186 ? 4.138   7.774   4.122   1.00 49.89  ? 186 VAL A N   1 
ATOM   1441 C CA  . VAL A 1 186 ? 5.495   8.013   4.581   1.00 43.42  ? 186 VAL A CA  1 
ATOM   1442 C C   . VAL A 1 186 ? 5.718   7.528   6.007   1.00 43.53  ? 186 VAL A C   1 
ATOM   1443 O O   . VAL A 1 186 ? 4.946   7.834   6.914   1.00 46.07  ? 186 VAL A O   1 
ATOM   1444 C CB  . VAL A 1 186 ? 5.852   9.510   4.532   1.00 38.07  ? 186 VAL A CB  1 
ATOM   1445 C CG1 . VAL A 1 186 ? 7.235   9.738   5.093   1.00 31.31  ? 186 VAL A CG1 1 
ATOM   1446 C CG2 . VAL A 1 186 ? 5.786   10.022  3.111   1.00 39.02  ? 186 VAL A CG2 1 
ATOM   1447 N N   . ARG A 1 187 ? 6.793   6.773   6.183   1.00 40.76  ? 187 ARG A N   1 
ATOM   1448 C CA  . ARG A 1 187 ? 7.192   6.243   7.480   1.00 38.29  ? 187 ARG A CA  1 
ATOM   1449 C C   . ARG A 1 187 ? 8.685   6.502   7.590   1.00 36.14  ? 187 ARG A C   1 
ATOM   1450 O O   . ARG A 1 187 ? 9.408   6.441   6.589   1.00 33.77  ? 187 ARG A O   1 
ATOM   1451 C CB  . ARG A 1 187 ? 6.940   4.737   7.556   1.00 41.21  ? 187 ARG A CB  1 
ATOM   1452 C CG  . ARG A 1 187 ? 5.497   4.332   7.752   1.00 41.67  ? 187 ARG A CG  1 
ATOM   1453 C CD  . ARG A 1 187 ? 5.375   2.820   7.715   1.00 44.61  ? 187 ARG A CD  1 
ATOM   1454 N NE  . ARG A 1 187 ? 4.032   2.371   8.055   1.00 53.28  ? 187 ARG A NE  1 
ATOM   1455 C CZ  . ARG A 1 187 ? 3.623   2.113   9.292   1.00 57.02  ? 187 ARG A CZ  1 
ATOM   1456 N NH1 . ARG A 1 187 ? 4.456   2.257   10.314  1.00 60.80  ? 187 ARG A NH1 1 
ATOM   1457 N NH2 . ARG A 1 187 ? 2.380   1.708   9.508   1.00 62.24  ? 187 ARG A NH2 1 
ATOM   1458 N N   . GLN A 1 188 ? 9.154   6.779   8.801   1.00 35.58  ? 188 GLN A N   1 
ATOM   1459 C CA  . GLN A 1 188 ? 10.570  7.049   8.988   1.00 37.26  ? 188 GLN A CA  1 
ATOM   1460 C C   . GLN A 1 188 ? 11.124  6.629   10.337  1.00 37.27  ? 188 GLN A C   1 
ATOM   1461 O O   . GLN A 1 188 ? 10.387  6.450   11.304  1.00 39.78  ? 188 GLN A O   1 
ATOM   1462 C CB  . GLN A 1 188 ? 10.862  8.531   8.755   1.00 38.57  ? 188 GLN A CB  1 
ATOM   1463 C CG  . GLN A 1 188 ? 10.112  9.475   9.673   1.00 45.15  ? 188 GLN A CG  1 
ATOM   1464 C CD  . GLN A 1 188 ? 10.575  10.916  9.532   1.00 51.49  ? 188 GLN A CD  1 
ATOM   1465 O OE1 . GLN A 1 188 ? 10.846  11.397  8.424   1.00 51.71  ? 188 GLN A OE1 1 
ATOM   1466 N NE2 . GLN A 1 188 ? 10.675  11.614  10.661  1.00 55.97  ? 188 GLN A NE2 1 
ATOM   1467 N N   . ALA A 1 189 ? 12.441  6.467   10.377  1.00 36.80  ? 189 ALA A N   1 
ATOM   1468 C CA  . ALA A 1 189 ? 13.152  6.092   11.587  1.00 33.30  ? 189 ALA A CA  1 
ATOM   1469 C C   . ALA A 1 189 ? 14.317  7.057   11.721  1.00 33.90  ? 189 ALA A C   1 
ATOM   1470 O O   . ALA A 1 189 ? 14.871  7.508   10.720  1.00 33.97  ? 189 ALA A O   1 
ATOM   1471 C CB  . ALA A 1 189 ? 13.656  4.666   11.483  1.00 33.54  ? 189 ALA A CB  1 
ATOM   1472 N N   . VAL A 1 190 ? 14.673  7.380   12.958  1.00 36.76  ? 190 VAL A N   1 
ATOM   1473 C CA  . VAL A 1 190 ? 15.763  8.305   13.232  1.00 35.24  ? 190 VAL A CA  1 
ATOM   1474 C C   . VAL A 1 190 ? 16.828  7.639   14.098  1.00 36.49  ? 190 VAL A C   1 
ATOM   1475 O O   . VAL A 1 190 ? 16.550  6.670   14.801  1.00 38.75  ? 190 VAL A O   1 
ATOM   1476 C CB  . VAL A 1 190 ? 15.228  9.550   13.951  1.00 33.21  ? 190 VAL A CB  1 
ATOM   1477 C CG1 . VAL A 1 190 ? 16.341  10.533  14.217  1.00 40.00  ? 190 VAL A CG1 1 
ATOM   1478 C CG2 . VAL A 1 190 ? 14.152  10.199  13.112  1.00 35.84  ? 190 VAL A CG2 1 
ATOM   1479 N N   . LYS A 1 191 ? 18.051  8.150   14.026  1.00 37.14  ? 191 LYS A N   1 
ATOM   1480 C CA  . LYS A 1 191 ? 19.165  7.626   14.808  1.00 37.24  ? 191 LYS A CA  1 
ATOM   1481 C C   . LYS A 1 191 ? 20.175  8.732   15.061  1.00 37.25  ? 191 LYS A C   1 
ATOM   1482 O O   . LYS A 1 191 ? 20.764  9.260   14.119  1.00 38.51  ? 191 LYS A O   1 
ATOM   1483 C CB  . LYS A 1 191 ? 19.839  6.468   14.070  1.00 37.77  ? 191 LYS A CB  1 
ATOM   1484 C CG  . LYS A 1 191 ? 21.241  6.124   14.566  1.00 41.23  ? 191 LYS A CG  1 
ATOM   1485 C CD  . LYS A 1 191 ? 21.250  5.493   15.950  1.00 50.56  ? 191 LYS A CD  1 
ATOM   1486 C CE  . LYS A 1 191 ? 20.910  4.011   15.896  1.00 59.99  ? 191 LYS A CE  1 
ATOM   1487 N NZ  . LYS A 1 191 ? 19.531  3.756   15.394  1.00 67.88  ? 191 LYS A NZ  1 
ATOM   1488 N N   . GLU A 1 192 ? 20.370  9.085   16.330  1.00 40.77  ? 192 GLU A N   1 
ATOM   1489 C CA  . GLU A 1 192 ? 21.324  10.131  16.688  1.00 44.08  ? 192 GLU A CA  1 
ATOM   1490 C C   . GLU A 1 192 ? 22.748  9.623   16.575  1.00 41.06  ? 192 GLU A C   1 
ATOM   1491 O O   . GLU A 1 192 ? 23.073  8.543   17.061  1.00 42.12  ? 192 GLU A O   1 
ATOM   1492 C CB  . GLU A 1 192 ? 21.078  10.641  18.102  1.00 53.09  ? 192 GLU A CB  1 
ATOM   1493 C CG  . GLU A 1 192 ? 19.718  11.276  18.291  1.00 71.71  ? 192 GLU A CG  1 
ATOM   1494 C CD  . GLU A 1 192 ? 19.703  12.267  19.438  1.00 81.26  ? 192 GLU A CD  1 
ATOM   1495 O OE1 . GLU A 1 192 ? 19.555  11.836  20.604  1.00 87.80  ? 192 GLU A OE1 1 
ATOM   1496 O OE2 . GLU A 1 192 ? 19.846  13.479  19.168  1.00 86.24  ? 192 GLU A OE2 1 
ATOM   1497 N N   . LEU A 1 193 ? 23.595  10.405  15.922  1.00 39.89  ? 193 LEU A N   1 
ATOM   1498 C CA  . LEU A 1 193 ? 24.983  10.022  15.745  1.00 39.79  ? 193 LEU A CA  1 
ATOM   1499 C C   . LEU A 1 193 ? 25.819  10.340  16.972  1.00 45.53  ? 193 LEU A C   1 
ATOM   1500 O O   . LEU A 1 193 ? 25.833  11.471  17.459  1.00 44.58  ? 193 LEU A O   1 
ATOM   1501 C CB  . LEU A 1 193 ? 25.565  10.707  14.516  1.00 34.58  ? 193 LEU A CB  1 
ATOM   1502 C CG  . LEU A 1 193 ? 24.874  10.312  13.218  1.00 32.28  ? 193 LEU A CG  1 
ATOM   1503 C CD1 . LEU A 1 193 ? 25.418  11.112  12.053  1.00 30.45  ? 193 LEU A CD1 1 
ATOM   1504 C CD2 . LEU A 1 193 ? 25.077  8.830   12.992  1.00 32.76  ? 193 LEU A CD2 1 
ATOM   1505 N N   . GLN A 1 194 ? 26.484  9.314   17.489  1.00 52.73  ? 194 GLN A N   1 
ATOM   1506 C CA  . GLN A 1 194 ? 27.341  9.455   18.658  1.00 57.30  ? 194 GLN A CA  1 
ATOM   1507 C C   . GLN A 1 194 ? 28.747  9.089   18.223  1.00 57.51  ? 194 GLN A C   1 
ATOM   1508 O O   . GLN A 1 194 ? 29.196  7.957   18.421  1.00 59.14  ? 194 GLN A O   1 
ATOM   1509 C CB  . GLN A 1 194 ? 26.890  8.521   19.778  1.00 63.14  ? 194 GLN A CB  1 
ATOM   1510 C CG  . GLN A 1 194 ? 25.460  8.745   20.211  1.00 76.85  ? 194 GLN A CG  1 
ATOM   1511 C CD  . GLN A 1 194 ? 25.284  8.536   21.693  1.00 85.63  ? 194 GLN A CD  1 
ATOM   1512 O OE1 . GLN A 1 194 ? 25.003  7.422   22.151  1.00 89.07  ? 194 GLN A OE1 1 
ATOM   1513 N NE2 . GLN A 1 194 ? 25.462  9.610   22.462  1.00 90.95  ? 194 GLN A NE2 1 
ATOM   1514 N N   . VAL A 1 195 ? 29.420  10.051  17.599  1.00 58.50  ? 195 VAL A N   1 
ATOM   1515 C CA  . VAL A 1 195 ? 30.776  9.872   17.092  1.00 56.28  ? 195 VAL A CA  1 
ATOM   1516 C C   . VAL A 1 195 ? 31.814  9.916   18.205  1.00 59.29  ? 195 VAL A C   1 
ATOM   1517 O O   . VAL A 1 195 ? 31.648  10.622  19.206  1.00 60.30  ? 195 VAL A O   1 
ATOM   1518 C CB  . VAL A 1 195 ? 31.126  10.956  16.045  1.00 53.23  ? 195 VAL A CB  1 
ATOM   1519 C CG1 . VAL A 1 195 ? 32.434  10.613  15.347  1.00 51.10  ? 195 VAL A CG1 1 
ATOM   1520 C CG2 . VAL A 1 195 ? 30.009  11.095  15.029  1.00 51.61  ? 195 VAL A CG2 1 
ATOM   1521 N N   . TYR A 1 196 ? 32.882  9.144   18.020  1.00 62.19  ? 196 TYR A N   1 
ATOM   1522 C CA  . TYR A 1 196 ? 33.970  9.076   18.988  1.00 66.20  ? 196 TYR A CA  1 
ATOM   1523 C C   . TYR A 1 196 ? 35.289  9.413   18.293  1.00 65.78  ? 196 TYR A C   1 
ATOM   1524 O O   . TYR A 1 196 ? 35.662  8.708   17.327  1.00 65.38  ? 196 TYR A O   1 
ATOM   1525 C CB  . TYR A 1 196 ? 34.025  7.684   19.639  1.00 68.95  ? 196 TYR A CB  1 
ATOM   1526 C CG  . TYR A 1 196 ? 32.726  7.284   20.317  1.00 73.00  ? 196 TYR A CG  1 
ATOM   1527 C CD1 . TYR A 1 196 ? 32.090  8.151   21.214  1.00 73.76  ? 196 TYR A CD1 1 
ATOM   1528 C CD2 . TYR A 1 196 ? 32.101  6.069   20.022  1.00 75.66  ? 196 TYR A CD2 1 
ATOM   1529 C CE1 . TYR A 1 196 ? 30.862  7.824   21.791  1.00 76.42  ? 196 TYR A CE1 1 
ATOM   1530 C CE2 . TYR A 1 196 ? 30.868  5.732   20.595  1.00 79.65  ? 196 TYR A CE2 1 
ATOM   1531 C CZ  . TYR A 1 196 ? 30.255  6.616   21.477  1.00 79.17  ? 196 TYR A CZ  1 
ATOM   1532 O OH  . TYR A 1 196 ? 29.030  6.307   22.028  1.00 79.08  ? 196 TYR A OH  1 
ATOM   1533 O OXT . TYR A 1 196 ? 35.906  10.428  18.685  1.00 65.86  ? 196 TYR A OXT 1 
HETATM 1534 O O   . HOH B 2 .   ? 39.814  9.013   15.811  1.00 34.49  ? 197 HOH A O   1 
HETATM 1535 O O   . HOH B 2 .   ? -33.744 5.669   -11.670 1.00 17.13  ? 198 HOH A O   1 
HETATM 1536 O O   . HOH B 2 .   ? -35.290 -9.474  -10.948 1.00 23.93  ? 199 HOH A O   1 
HETATM 1537 O O   . HOH B 2 .   ? -29.771 -11.520 -15.029 1.00 42.33  ? 200 HOH A O   1 
HETATM 1538 O O   . HOH B 2 .   ? 32.434  9.618   2.811   1.00 69.61  ? 201 HOH A O   1 
HETATM 1539 O O   . HOH B 2 .   ? 30.249  12.419  7.236   1.00 38.20  ? 202 HOH A O   1 
HETATM 1540 O O   . HOH B 2 .   ? 17.164  -9.594  2.746   1.00 64.81  ? 203 HOH A O   1 
HETATM 1541 O O   . HOH B 2 .   ? -37.138 -10.263 -7.934  1.00 46.02  ? 204 HOH A O   1 
HETATM 1542 O O   . HOH B 2 .   ? -35.063 -10.348 -13.590 1.00 31.86  ? 205 HOH A O   1 
HETATM 1543 O O   . HOH B 2 .   ? 41.398  8.584   18.433  1.00 52.58  ? 206 HOH A O   1 
HETATM 1544 O O   . HOH B 2 .   ? -33.905 -10.767 -5.545  1.00 43.03  ? 207 HOH A O   1 
HETATM 1545 O O   . HOH B 2 .   ? -27.454 -9.317  -11.937 1.00 74.43  ? 208 HOH A O   1 
HETATM 1546 O O   . HOH B 2 .   ? 17.627  -6.478  2.335   1.00 84.23  ? 209 HOH A O   1 
HETATM 1547 O O   . HOH B 2 .   ? -2.592  9.901   -3.489  1.00 83.50  ? 210 HOH A O   1 
HETATM 1548 O O   . HOH B 2 .   ? 0.211   -2.769  4.979   1.00 51.57  ? 211 HOH A O   1 
HETATM 1549 O O   . HOH B 2 .   ? -3.581  -14.557 -1.314  1.00 76.77  ? 212 HOH A O   1 
HETATM 1550 O O   . HOH B 2 .   ? 28.935  10.920  20.722  1.00 58.11  ? 213 HOH A O   1 
HETATM 1551 O O   . HOH B 2 .   ? -36.069 3.740   -5.865  1.00 68.37  ? 214 HOH A O   1 
HETATM 1552 O O   . HOH B 2 .   ? -31.468 1.780   -2.348  1.00 86.79  ? 215 HOH A O   1 
HETATM 1553 O O   . HOH B 2 .   ? 28.989  -5.343  10.442  1.00 67.46  ? 216 HOH A O   1 
HETATM 1554 O O   . HOH B 2 .   ? 38.452  11.262  17.587  1.00 60.31  ? 217 HOH A O   1 
HETATM 1555 O O   . HOH B 2 .   ? -30.446 -3.029  -20.110 1.00 72.41  ? 218 HOH A O   1 
HETATM 1556 O O   . HOH B 2 .   ? -36.893 -7.727  -2.933  1.00 89.74  ? 219 HOH A O   1 
HETATM 1557 O O   . HOH B 2 .   ? -15.366 -13.182 -11.702 1.00 46.54  ? 220 HOH A O   1 
HETATM 1558 O O   . HOH B 2 .   ? -44.196 -2.409  -7.523  1.00 71.35  ? 221 HOH A O   1 
HETATM 1559 O O   . HOH B 2 .   ? -37.794 -7.936  -10.586 1.00 48.19  ? 222 HOH A O   1 
HETATM 1560 O O   . HOH B 2 .   ? -15.575 -4.402  5.750   1.00 61.60  ? 223 HOH A O   1 
HETATM 1561 O O   . HOH B 2 .   ? -14.446 -16.762 -3.267  1.00 83.14  ? 224 HOH A O   1 
HETATM 1562 O O   . HOH B 2 .   ? -31.129 10.803  -11.653 1.00 67.62  ? 225 HOH A O   1 
HETATM 1563 O O   . HOH B 2 .   ? -26.841 -11.852 -13.737 1.00 64.61  ? 226 HOH A O   1 
HETATM 1564 O O   . HOH B 2 .   ? -9.753  4.439   -0.888  1.00 70.61  ? 227 HOH A O   1 
HETATM 1565 O O   . HOH B 2 .   ? 18.543  5.955   18.492  1.00 100.00 ? 228 HOH A O   1 
HETATM 1566 O O   . HOH B 2 .   ? 3.272   -12.773 0.333   1.00 99.76  ? 229 HOH A O   1 
HETATM 1567 O O   . HOH B 2 .   ? 15.631  15.417  8.273   1.00 66.08  ? 230 HOH A O   1 
HETATM 1568 O O   . HOH B 2 .   ? 20.828  20.684  3.160   1.00 46.11  ? 231 HOH A O   1 
HETATM 1569 O O   . HOH B 2 .   ? 33.869  0.747   12.668  1.00 73.22  ? 232 HOH A O   1 
HETATM 1570 O O   . HOH B 2 .   ? 17.944  -6.635  13.233  1.00 90.58  ? 233 HOH A O   1 
HETATM 1571 O O   . HOH B 2 .   ? 33.057  5.001   12.148  1.00 52.92  ? 234 HOH A O   1 
HETATM 1572 O O   . HOH B 2 .   ? 6.404   -1.667  6.391   1.00 36.35  ? 235 HOH A O   1 
HETATM 1573 O O   . HOH B 2 .   ? -34.287 0.044   -6.903  1.00 36.70  ? 236 HOH A O   1 
HETATM 1574 O O   . HOH B 2 .   ? 10.393  1.970   -6.496  1.00 32.09  ? 237 HOH A O   1 
HETATM 1575 O O   . HOH B 2 .   ? -21.980 5.541   -8.190  1.00 57.83  ? 238 HOH A O   1 
HETATM 1576 O O   . HOH B 2 .   ? 12.935  13.063  0.772   1.00 80.42  ? 239 HOH A O   1 
HETATM 1577 O O   . HOH B 2 .   ? 20.850  1.210   -1.403  1.00 45.61  ? 240 HOH A O   1 
HETATM 1578 O O   . HOH B 2 .   ? -20.960 -9.542  2.977   1.00 64.72  ? 241 HOH A O   1 
HETATM 1579 O O   . HOH B 2 .   ? -10.198 -13.727 -13.035 1.00 56.20  ? 242 HOH A O   1 
HETATM 1580 O O   . HOH B 2 .   ? 6.564   4.277   -10.443 1.00 84.51  ? 243 HOH A O   1 
HETATM 1581 O O   . HOH B 2 .   ? -29.229 3.811   -7.385  1.00 77.27  ? 244 HOH A O   1 
HETATM 1582 O O   . HOH B 2 .   ? 40.468  7.278   13.463  1.00 78.10  ? 245 HOH A O   1 
HETATM 1583 O O   . HOH B 2 .   ? 4.698   10.110  -0.783  1.00 49.27  ? 246 HOH A O   1 
# 
